data_4A4J
# 
_entry.id   4A4J 
# 
_audit_conform.dict_name       mmcif_pdbx.dic 
_audit_conform.dict_version    5.383 
_audit_conform.dict_location   http://mmcif.pdb.org/dictionaries/ascii/mmcif_pdbx.dic 
# 
loop_
_database_2.database_id 
_database_2.database_code 
_database_2.pdbx_database_accession 
_database_2.pdbx_DOI 
PDB   4A4J         pdb_00004a4j 10.2210/pdb4a4j/pdb 
PDBE  EBI-49992    ?            ?                   
WWPDB D_1290049992 ?            ?                   
# 
loop_
_pdbx_database_related.db_name 
_pdbx_database_related.db_id 
_pdbx_database_related.content_type 
_pdbx_database_related.details 
PDB 2XMW unspecified 'PACS, N-TERMINAL DOMAIN, FROM SYNECHOCYSTIS PCC6803'                                      
PDB 4A48 unspecified 'CROSSTALK BETWEEN CU(I) AND ZN(II) HOMEOSTASIS'                                           
PDB 4A47 unspecified 'CROSSTALK BETWEEN CU(I) AND ZN(II) HOMEOSTASIS'                                           
PDB 2GCF unspecified 'SOLUTION STRUCTURE OF THE N-TERMINAL DOMAIN OF THECOPPPER(I) ATPASE PACS IN ITS APO FORM' 
# 
_pdbx_database_status.status_code                     REL 
_pdbx_database_status.entry_id                        4A4J 
_pdbx_database_status.deposit_site                    PDBE 
_pdbx_database_status.process_site                    PDBE 
_pdbx_database_status.SG_entry                        . 
_pdbx_database_status.recvd_initial_deposition_date   2011-10-14 
_pdbx_database_status.pdb_format_compatible           Y 
_pdbx_database_status.status_code_sf                  REL 
_pdbx_database_status.status_code_mr                  ? 
_pdbx_database_status.status_code_cs                  ? 
_pdbx_database_status.methods_development_category    ? 
_pdbx_database_status.status_code_nmr_data            ? 
# 
loop_
_audit_author.name 
_audit_author.pdbx_ordinal 
'Badarau, A.'   1 
'Basle, A.'     2 
'Firbank, S.J.' 3 
'Denninson, C.' 4 
# 
_citation.id                        primary 
_citation.title                     
'Investigating the Role of Zinc and Copper Binding Motifs of Trafficking Sites in the Cyanobacterium Synechocystis Pcc 6803.' 
_citation.journal_abbrev            Biochemistry 
_citation.journal_volume            52 
_citation.page_first                6816 
_citation.page_last                 ? 
_citation.year                      2013 
_citation.journal_id_ASTM           BICHAW 
_citation.country                   US 
_citation.journal_id_ISSN           0006-2960 
_citation.journal_id_CSD            0033 
_citation.book_publisher            ? 
_citation.pdbx_database_id_PubMed   24050657 
_citation.pdbx_database_id_DOI      10.1021/BI400492T 
# 
loop_
_citation_author.citation_id 
_citation_author.name 
_citation_author.ordinal 
_citation_author.identifier_ORCID 
primary 'Badarau, A.'   1 ? 
primary 'Basle, A.'     2 ? 
primary 'Firbank, S.J.' 3 ? 
primary 'Dennison, C.'  4 ? 
# 
_cell.entry_id           4A4J 
_cell.length_a           22.780 
_cell.length_b           58.040 
_cell.length_c           24.780 
_cell.angle_alpha        90.00 
_cell.angle_beta         112.82 
_cell.angle_gamma        90.00 
_cell.Z_PDB              2 
_cell.pdbx_unique_axis   ? 
# 
_symmetry.entry_id                         4A4J 
_symmetry.space_group_name_H-M             'P 1 21 1' 
_symmetry.pdbx_full_space_group_name_H-M   ? 
_symmetry.cell_setting                     ? 
_symmetry.Int_Tables_number                4 
# 
loop_
_entity.id 
_entity.type 
_entity.src_method 
_entity.pdbx_description 
_entity.formula_weight 
_entity.pdbx_number_of_molecules 
_entity.pdbx_ec 
_entity.pdbx_mutation 
_entity.pdbx_fragment 
_entity.details 
1 polymer     man 'COPPER-TRANSPORTING ATPASE PACS' 7397.318 1   3.6.3.54 ? 'RESIDUES 2-70' ? 
2 non-polymer syn 'ZINC ION'                        65.409   1   ?        ? ?               ? 
3 water       nat water                             18.015   105 ?        ? ?               ? 
# 
_entity_name_com.entity_id   1 
_entity_name_com.name        'CATION-TRANSPORTING ATPASE PACS, PACSZIA' 
# 
_entity_poly.entity_id                      1 
_entity_poly.type                           'polypeptide(L)' 
_entity_poly.nstd_linkage                   no 
_entity_poly.nstd_monomer                   no 
_entity_poly.pdbx_seq_one_letter_code       AQTINLQLEGMDCTSCASSIERAIAKVPGVQSCQVNFALEQAVVSYHGETTPQILTDAVERAGYHARVL 
_entity_poly.pdbx_seq_one_letter_code_can   AQTINLQLEGMDCTSCASSIERAIAKVPGVQSCQVNFALEQAVVSYHGETTPQILTDAVERAGYHARVL 
_entity_poly.pdbx_strand_id                 A 
_entity_poly.pdbx_target_identifier         ? 
# 
loop_
_entity_poly_seq.entity_id 
_entity_poly_seq.num 
_entity_poly_seq.mon_id 
_entity_poly_seq.hetero 
1 1  ALA n 
1 2  GLN n 
1 3  THR n 
1 4  ILE n 
1 5  ASN n 
1 6  LEU n 
1 7  GLN n 
1 8  LEU n 
1 9  GLU n 
1 10 GLY n 
1 11 MET n 
1 12 ASP n 
1 13 CYS n 
1 14 THR n 
1 15 SER n 
1 16 CYS n 
1 17 ALA n 
1 18 SER n 
1 19 SER n 
1 20 ILE n 
1 21 GLU n 
1 22 ARG n 
1 23 ALA n 
1 24 ILE n 
1 25 ALA n 
1 26 LYS n 
1 27 VAL n 
1 28 PRO n 
1 29 GLY n 
1 30 VAL n 
1 31 GLN n 
1 32 SER n 
1 33 CYS n 
1 34 GLN n 
1 35 VAL n 
1 36 ASN n 
1 37 PHE n 
1 38 ALA n 
1 39 LEU n 
1 40 GLU n 
1 41 GLN n 
1 42 ALA n 
1 43 VAL n 
1 44 VAL n 
1 45 SER n 
1 46 TYR n 
1 47 HIS n 
1 48 GLY n 
1 49 GLU n 
1 50 THR n 
1 51 THR n 
1 52 PRO n 
1 53 GLN n 
1 54 ILE n 
1 55 LEU n 
1 56 THR n 
1 57 ASP n 
1 58 ALA n 
1 59 VAL n 
1 60 GLU n 
1 61 ARG n 
1 62 ALA n 
1 63 GLY n 
1 64 TYR n 
1 65 HIS n 
1 66 ALA n 
1 67 ARG n 
1 68 VAL n 
1 69 LEU n 
# 
_entity_src_gen.entity_id                          1 
_entity_src_gen.pdbx_src_id                        1 
_entity_src_gen.pdbx_alt_source_flag               sample 
_entity_src_gen.pdbx_seq_type                      ? 
_entity_src_gen.pdbx_beg_seq_num                   ? 
_entity_src_gen.pdbx_end_seq_num                   ? 
_entity_src_gen.gene_src_common_name               ? 
_entity_src_gen.gene_src_genus                     ? 
_entity_src_gen.pdbx_gene_src_gene                 ? 
_entity_src_gen.gene_src_species                   ? 
_entity_src_gen.gene_src_strain                    'PCC 6803' 
_entity_src_gen.gene_src_tissue                    ? 
_entity_src_gen.gene_src_tissue_fraction           ? 
_entity_src_gen.gene_src_details                   ? 
_entity_src_gen.pdbx_gene_src_fragment             ? 
_entity_src_gen.pdbx_gene_src_scientific_name      SYNECHOCYSTIS 
_entity_src_gen.pdbx_gene_src_ncbi_taxonomy_id     1148 
_entity_src_gen.pdbx_gene_src_variant              ? 
_entity_src_gen.pdbx_gene_src_cell_line            ? 
_entity_src_gen.pdbx_gene_src_atcc                 ? 
_entity_src_gen.pdbx_gene_src_organ                ? 
_entity_src_gen.pdbx_gene_src_organelle            ? 
_entity_src_gen.pdbx_gene_src_cell                 ? 
_entity_src_gen.pdbx_gene_src_cellular_location    ? 
_entity_src_gen.host_org_common_name               ? 
_entity_src_gen.pdbx_host_org_scientific_name      'ESCHERICHIA COLI' 
_entity_src_gen.pdbx_host_org_ncbi_taxonomy_id     469008 
_entity_src_gen.host_org_genus                     ? 
_entity_src_gen.pdbx_host_org_gene                 ? 
_entity_src_gen.pdbx_host_org_organ                ? 
_entity_src_gen.host_org_species                   ? 
_entity_src_gen.pdbx_host_org_tissue               ? 
_entity_src_gen.pdbx_host_org_tissue_fraction      ? 
_entity_src_gen.pdbx_host_org_strain               'BL21(DE3)' 
_entity_src_gen.pdbx_host_org_variant              ? 
_entity_src_gen.pdbx_host_org_cell_line            ? 
_entity_src_gen.pdbx_host_org_atcc                 ? 
_entity_src_gen.pdbx_host_org_culture_collection   ? 
_entity_src_gen.pdbx_host_org_cell                 ? 
_entity_src_gen.pdbx_host_org_organelle            ? 
_entity_src_gen.pdbx_host_org_cellular_location    ? 
_entity_src_gen.pdbx_host_org_vector_type          PLASMID 
_entity_src_gen.pdbx_host_org_vector               PET29A 
_entity_src_gen.host_org_details                   ? 
_entity_src_gen.expression_system_id               ? 
_entity_src_gen.plasmid_name                       ? 
_entity_src_gen.plasmid_details                    ? 
_entity_src_gen.pdbx_description                   ? 
# 
_struct_ref.id                         1 
_struct_ref.db_name                    UNP 
_struct_ref.db_code                    ATCS_SYNY3 
_struct_ref.entity_id                  1 
_struct_ref.pdbx_seq_one_letter_code   ? 
_struct_ref.pdbx_align_begin           ? 
_struct_ref.pdbx_db_accession          P73241 
_struct_ref.pdbx_db_isoform            ? 
# 
_struct_ref_seq.align_id                      1 
_struct_ref_seq.ref_id                        1 
_struct_ref_seq.pdbx_PDB_id_code              4A4J 
_struct_ref_seq.pdbx_strand_id                A 
_struct_ref_seq.seq_align_beg                 1 
_struct_ref_seq.pdbx_seq_align_beg_ins_code   ? 
_struct_ref_seq.seq_align_end                 69 
_struct_ref_seq.pdbx_seq_align_end_ins_code   ? 
_struct_ref_seq.pdbx_db_accession             P73241 
_struct_ref_seq.db_align_beg                  2 
_struct_ref_seq.pdbx_db_align_beg_ins_code    ? 
_struct_ref_seq.db_align_end                  70 
_struct_ref_seq.pdbx_db_align_end_ins_code    ? 
_struct_ref_seq.pdbx_auth_seq_align_beg       2 
_struct_ref_seq.pdbx_auth_seq_align_end       70 
# 
loop_
_struct_ref_seq_dif.align_id 
_struct_ref_seq_dif.pdbx_pdb_id_code 
_struct_ref_seq_dif.mon_id 
_struct_ref_seq_dif.pdbx_pdb_strand_id 
_struct_ref_seq_dif.seq_num 
_struct_ref_seq_dif.pdbx_pdb_ins_code 
_struct_ref_seq_dif.pdbx_seq_db_name 
_struct_ref_seq_dif.pdbx_seq_db_accession_code 
_struct_ref_seq_dif.db_mon_id 
_struct_ref_seq_dif.pdbx_seq_db_seq_num 
_struct_ref_seq_dif.details 
_struct_ref_seq_dif.pdbx_auth_seq_num 
_struct_ref_seq_dif.pdbx_ordinal 
1 4A4J ASP A 12 ? UNP P73241 ARG 13 conflict 13 1 
1 4A4J THR A 14 ? UNP P73241 ALA 15 conflict 15 2 
1 4A4J SER A 15 ? UNP P73241 ALA 16 conflict 16 3 
# 
loop_
_chem_comp.id 
_chem_comp.type 
_chem_comp.mon_nstd_flag 
_chem_comp.name 
_chem_comp.pdbx_synonyms 
_chem_comp.formula 
_chem_comp.formula_weight 
ALA 'L-peptide linking' y ALANINE         ? 'C3 H7 N O2'     89.093  
ARG 'L-peptide linking' y ARGININE        ? 'C6 H15 N4 O2 1' 175.209 
ASN 'L-peptide linking' y ASPARAGINE      ? 'C4 H8 N2 O3'    132.118 
ASP 'L-peptide linking' y 'ASPARTIC ACID' ? 'C4 H7 N O4'     133.103 
CYS 'L-peptide linking' y CYSTEINE        ? 'C3 H7 N O2 S'   121.158 
GLN 'L-peptide linking' y GLUTAMINE       ? 'C5 H10 N2 O3'   146.144 
GLU 'L-peptide linking' y 'GLUTAMIC ACID' ? 'C5 H9 N O4'     147.129 
GLY 'peptide linking'   y GLYCINE         ? 'C2 H5 N O2'     75.067  
HIS 'L-peptide linking' y HISTIDINE       ? 'C6 H10 N3 O2 1' 156.162 
HOH non-polymer         . WATER           ? 'H2 O'           18.015  
ILE 'L-peptide linking' y ISOLEUCINE      ? 'C6 H13 N O2'    131.173 
LEU 'L-peptide linking' y LEUCINE         ? 'C6 H13 N O2'    131.173 
LYS 'L-peptide linking' y LYSINE          ? 'C6 H15 N2 O2 1' 147.195 
MET 'L-peptide linking' y METHIONINE      ? 'C5 H11 N O2 S'  149.211 
PHE 'L-peptide linking' y PHENYLALANINE   ? 'C9 H11 N O2'    165.189 
PRO 'L-peptide linking' y PROLINE         ? 'C5 H9 N O2'     115.130 
SER 'L-peptide linking' y SERINE          ? 'C3 H7 N O3'     105.093 
THR 'L-peptide linking' y THREONINE       ? 'C4 H9 N O3'     119.119 
TYR 'L-peptide linking' y TYROSINE        ? 'C9 H11 N O3'    181.189 
VAL 'L-peptide linking' y VALINE          ? 'C5 H11 N O2'    117.146 
ZN  non-polymer         . 'ZINC ION'      ? 'Zn 2'           65.409  
# 
_exptl.entry_id          4A4J 
_exptl.method            'X-RAY DIFFRACTION' 
_exptl.crystals_number   1 
# 
_exptl_crystal.id                    1 
_exptl_crystal.density_meas          ? 
_exptl_crystal.density_Matthews      2.04 
_exptl_crystal.density_percent_sol   40 
_exptl_crystal.description           NONE 
# 
_exptl_crystal_grow.crystal_id      1 
_exptl_crystal_grow.method          ? 
_exptl_crystal_grow.temp            ? 
_exptl_crystal_grow.temp_details    ? 
_exptl_crystal_grow.pH              ? 
_exptl_crystal_grow.pdbx_pH_range   ? 
_exptl_crystal_grow.pdbx_details    '100 MM HEPES PH 7.5 10% PEG 4000 5% ISOPROPANOL' 
# 
_diffrn.id                     1 
_diffrn.ambient_temp           100 
_diffrn.ambient_temp_details   ? 
_diffrn.crystal_id             1 
# 
_diffrn_detector.diffrn_id              1 
_diffrn_detector.detector               CCD 
_diffrn_detector.type                   'ADSC CCD' 
_diffrn_detector.pdbx_collection_date   2011-05-30 
_diffrn_detector.details                ? 
# 
_diffrn_radiation.diffrn_id                        1 
_diffrn_radiation.wavelength_id                    1 
_diffrn_radiation.pdbx_monochromatic_or_laue_m_l   M 
_diffrn_radiation.monochromator                    ? 
_diffrn_radiation.pdbx_diffrn_protocol             'SINGLE WAVELENGTH' 
_diffrn_radiation.pdbx_scattering_type             x-ray 
# 
_diffrn_radiation_wavelength.id           1 
_diffrn_radiation_wavelength.wavelength   0.9795 
_diffrn_radiation_wavelength.wt           1.0 
# 
_diffrn_source.diffrn_id                   1 
_diffrn_source.source                      SYNCHROTRON 
_diffrn_source.type                        'DIAMOND BEAMLINE I02' 
_diffrn_source.pdbx_synchrotron_site       Diamond 
_diffrn_source.pdbx_synchrotron_beamline   I02 
_diffrn_source.pdbx_wavelength             0.9795 
_diffrn_source.pdbx_wavelength_list        ? 
# 
_reflns.pdbx_diffrn_id               1 
_reflns.pdbx_ordinal                 1 
_reflns.entry_id                     4A4J 
_reflns.observed_criterion_sigma_I   2.0 
_reflns.observed_criterion_sigma_F   ? 
_reflns.d_resolution_low             22.84 
_reflns.d_resolution_high            1.25 
_reflns.number_obs                   15818 
_reflns.number_all                   ? 
_reflns.percent_possible_obs         96.2 
_reflns.pdbx_Rmerge_I_obs            0.05 
_reflns.pdbx_Rsym_value              ? 
_reflns.pdbx_netI_over_sigmaI        13.60 
_reflns.B_iso_Wilson_estimate        11.83 
_reflns.pdbx_redundancy              3.3 
# 
_reflns_shell.pdbx_diffrn_id         1 
_reflns_shell.pdbx_ordinal           1 
_reflns_shell.d_res_high             1.25 
_reflns_shell.d_res_low              1.32 
_reflns_shell.percent_possible_all   87.5 
_reflns_shell.Rmerge_I_obs           0.26 
_reflns_shell.pdbx_Rsym_value        ? 
_reflns_shell.meanI_over_sigI_obs    4.20 
_reflns_shell.pdbx_redundancy        3.0 
# 
_refine.pdbx_refine_id                           'X-RAY DIFFRACTION' 
_refine.entry_id                                 4A4J 
_refine.pdbx_diffrn_id                           1 
_refine.pdbx_TLS_residual_ADP_flag               ? 
_refine.ls_number_reflns_obs                     14988 
_refine.ls_number_reflns_all                     ? 
_refine.pdbx_ls_sigma_I                          ? 
_refine.pdbx_ls_sigma_F                          . 
_refine.pdbx_data_cutoff_high_absF               ? 
_refine.pdbx_data_cutoff_low_absF                ? 
_refine.pdbx_data_cutoff_high_rms_absF           ? 
_refine.ls_d_res_low                             29.02 
_refine.ls_d_res_high                            1.25 
_refine.ls_percent_reflns_obs                    96.06 
_refine.ls_R_factor_obs                          0.14476 
_refine.ls_R_factor_all                          ? 
_refine.ls_R_factor_R_work                       0.14287 
_refine.ls_R_factor_R_free                       0.17988 
_refine.ls_R_factor_R_free_error                 ? 
_refine.ls_R_factor_R_free_error_details         ? 
_refine.ls_percent_reflns_R_free                 5.1 
_refine.ls_number_reflns_R_free                  808 
_refine.ls_number_parameters                     ? 
_refine.ls_number_restraints                     ? 
_refine.occupancy_min                            ? 
_refine.occupancy_max                            ? 
_refine.correlation_coeff_Fo_to_Fc               0.972 
_refine.correlation_coeff_Fo_to_Fc_free          0.959 
_refine.B_iso_mean                               13.529 
_refine.aniso_B[1][1]                            0.62 
_refine.aniso_B[2][2]                            -0.93 
_refine.aniso_B[3][3]                            0.07 
_refine.aniso_B[1][2]                            0.00 
_refine.aniso_B[1][3]                            -0.32 
_refine.aniso_B[2][3]                            0.00 
_refine.solvent_model_details                    MASK 
_refine.solvent_model_param_ksol                 ? 
_refine.solvent_model_param_bsol                 ? 
_refine.pdbx_solvent_vdw_probe_radii             1.20 
_refine.pdbx_solvent_ion_probe_radii             0.80 
_refine.pdbx_solvent_shrinkage_radii             0.80 
_refine.pdbx_ls_cross_valid_method               THROUGHOUT 
_refine.details                                  
'HYDROGENS HAVE BEEN ADDED IN THE RIDING POSITIONS. DISORDERED ATOMS WERE REMOVED.' 
_refine.pdbx_starting_model                      'PDB ENTRY 2XMW' 
_refine.pdbx_method_to_determine_struct          'MOLECULAR REPLACEMENT' 
_refine.pdbx_isotropic_thermal_model             ? 
_refine.pdbx_stereochemistry_target_values       'MAXIMUM LIKELIHOOD' 
_refine.pdbx_stereochem_target_val_spec_case     ? 
_refine.pdbx_R_Free_selection_details            RANDOM 
_refine.pdbx_overall_ESU_R                       0.048 
_refine.pdbx_overall_ESU_R_Free                  0.047 
_refine.overall_SU_ML                            0.030 
_refine.pdbx_overall_phase_error                 ? 
_refine.overall_SU_B                             1.540 
_refine.overall_SU_R_Cruickshank_DPI             ? 
_refine.pdbx_overall_SU_R_free_Cruickshank_DPI   ? 
_refine.pdbx_overall_SU_R_Blow_DPI               ? 
_refine.pdbx_overall_SU_R_free_Blow_DPI          ? 
# 
_refine_hist.pdbx_refine_id                   'X-RAY DIFFRACTION' 
_refine_hist.cycle_id                         LAST 
_refine_hist.pdbx_number_atoms_protein        512 
_refine_hist.pdbx_number_atoms_nucleic_acid   0 
_refine_hist.pdbx_number_atoms_ligand         1 
_refine_hist.number_atoms_solvent             105 
_refine_hist.number_atoms_total               618 
_refine_hist.d_res_high                       1.25 
_refine_hist.d_res_low                        29.02 
# 
loop_
_refine_ls_restr.type 
_refine_ls_restr.dev_ideal 
_refine_ls_restr.dev_ideal_target 
_refine_ls_restr.weight 
_refine_ls_restr.number 
_refine_ls_restr.pdbx_refine_id 
_refine_ls_restr.pdbx_restraint_function 
r_bond_refined_d             0.011  0.019  ? 525 'X-RAY DIFFRACTION' ? 
r_bond_other_d               0.003  0.020  ? 333 'X-RAY DIFFRACTION' ? 
r_angle_refined_deg          1.421  1.946  ? 715 'X-RAY DIFFRACTION' ? 
r_angle_other_deg            0.902  3.000  ? 822 'X-RAY DIFFRACTION' ? 
r_dihedral_angle_1_deg       5.554  5.000  ? 70  'X-RAY DIFFRACTION' ? 
r_dihedral_angle_2_deg       43.208 25.217 ? 23  'X-RAY DIFFRACTION' ? 
r_dihedral_angle_3_deg       11.084 15.000 ? 86  'X-RAY DIFFRACTION' ? 
r_dihedral_angle_4_deg       4.657  15.000 ? 3   'X-RAY DIFFRACTION' ? 
r_chiral_restr               0.080  0.200  ? 87  'X-RAY DIFFRACTION' ? 
r_gen_planes_refined         0.006  0.020  ? 595 'X-RAY DIFFRACTION' ? 
r_gen_planes_other           0.001  0.020  ? 96  'X-RAY DIFFRACTION' ? 
r_nbd_refined                ?      ?      ? ?   'X-RAY DIFFRACTION' ? 
r_nbd_other                  ?      ?      ? ?   'X-RAY DIFFRACTION' ? 
r_nbtor_refined              ?      ?      ? ?   'X-RAY DIFFRACTION' ? 
r_nbtor_other                ?      ?      ? ?   'X-RAY DIFFRACTION' ? 
r_xyhbond_nbd_refined        ?      ?      ? ?   'X-RAY DIFFRACTION' ? 
r_xyhbond_nbd_other          ?      ?      ? ?   'X-RAY DIFFRACTION' ? 
r_metal_ion_refined          ?      ?      ? ?   'X-RAY DIFFRACTION' ? 
r_metal_ion_other            ?      ?      ? ?   'X-RAY DIFFRACTION' ? 
r_symmetry_vdw_refined       ?      ?      ? ?   'X-RAY DIFFRACTION' ? 
r_symmetry_vdw_other         ?      ?      ? ?   'X-RAY DIFFRACTION' ? 
r_symmetry_hbond_refined     ?      ?      ? ?   'X-RAY DIFFRACTION' ? 
r_symmetry_hbond_other       ?      ?      ? ?   'X-RAY DIFFRACTION' ? 
r_symmetry_metal_ion_refined ?      ?      ? ?   'X-RAY DIFFRACTION' ? 
r_symmetry_metal_ion_other   ?      ?      ? ?   'X-RAY DIFFRACTION' ? 
r_mcbond_it                  ?      ?      ? ?   'X-RAY DIFFRACTION' ? 
r_mcbond_other               ?      ?      ? ?   'X-RAY DIFFRACTION' ? 
r_mcangle_it                 ?      ?      ? ?   'X-RAY DIFFRACTION' ? 
r_mcangle_other              ?      ?      ? ?   'X-RAY DIFFRACTION' ? 
r_scbond_it                  ?      ?      ? ?   'X-RAY DIFFRACTION' ? 
r_scbond_other               ?      ?      ? ?   'X-RAY DIFFRACTION' ? 
r_scangle_it                 ?      ?      ? ?   'X-RAY DIFFRACTION' ? 
r_scangle_other              ?      ?      ? ?   'X-RAY DIFFRACTION' ? 
r_long_range_B_refined       ?      ?      ? ?   'X-RAY DIFFRACTION' ? 
r_long_range_B_other         ?      ?      ? ?   'X-RAY DIFFRACTION' ? 
r_rigid_bond_restr           3.054  3.000  ? 858 'X-RAY DIFFRACTION' ? 
r_sphericity_free            36.923 5.000  ? 26  'X-RAY DIFFRACTION' ? 
r_sphericity_bonded          9.210  5.000  ? 931 'X-RAY DIFFRACTION' ? 
# 
_refine_ls_shell.pdbx_refine_id                   'X-RAY DIFFRACTION' 
_refine_ls_shell.pdbx_total_number_of_bins_used   20 
_refine_ls_shell.d_res_high                       1.250 
_refine_ls_shell.d_res_low                        1.282 
_refine_ls_shell.number_reflns_R_work             898 
_refine_ls_shell.R_factor_R_work                  0.212 
_refine_ls_shell.percent_reflns_obs               79.52 
_refine_ls_shell.R_factor_R_free                  0.231 
_refine_ls_shell.R_factor_R_free_error            ? 
_refine_ls_shell.percent_reflns_R_free            ? 
_refine_ls_shell.number_reflns_R_free             38 
_refine_ls_shell.number_reflns_all                ? 
_refine_ls_shell.R_factor_all                     ? 
# 
_struct.entry_id                  4A4J 
_struct.title                     'Crosstalk between Cu(I) and Zn(II) homeostasis' 
_struct.pdbx_model_details        ? 
_struct.pdbx_CASP_flag            ? 
_struct.pdbx_model_type_details   ? 
# 
_struct_keywords.entry_id        4A4J 
_struct_keywords.pdbx_keywords   HYDROLASE 
_struct_keywords.text            'HYDROLASE, COPPER HOMEOSTASIS, ZINC HOMEOSTASIS, ATX1, METAL-TRANSPORTING ATPASES' 
# 
loop_
_struct_asym.id 
_struct_asym.pdbx_blank_PDB_chainid_flag 
_struct_asym.pdbx_modified 
_struct_asym.entity_id 
_struct_asym.details 
A N N 1 ? 
B N N 2 ? 
C N N 3 ? 
# 
_struct_biol.id   1 
# 
loop_
_struct_conf.conf_type_id 
_struct_conf.id 
_struct_conf.pdbx_PDB_helix_id 
_struct_conf.beg_label_comp_id 
_struct_conf.beg_label_asym_id 
_struct_conf.beg_label_seq_id 
_struct_conf.pdbx_beg_PDB_ins_code 
_struct_conf.end_label_comp_id 
_struct_conf.end_label_asym_id 
_struct_conf.end_label_seq_id 
_struct_conf.pdbx_end_PDB_ins_code 
_struct_conf.beg_auth_comp_id 
_struct_conf.beg_auth_asym_id 
_struct_conf.beg_auth_seq_id 
_struct_conf.end_auth_comp_id 
_struct_conf.end_auth_asym_id 
_struct_conf.end_auth_seq_id 
_struct_conf.pdbx_PDB_helix_class 
_struct_conf.details 
_struct_conf.pdbx_PDB_helix_length 
HELX_P HELX_P1 1 CYS A 13 ? LYS A 26 ? CYS A 14 LYS A 27 1 ? 14 
HELX_P HELX_P2 2 THR A 51 ? ALA A 62 ? THR A 52 ALA A 63 1 ? 12 
# 
_struct_conf_type.id          HELX_P 
_struct_conf_type.criteria    ? 
_struct_conf_type.reference   ? 
# 
loop_
_struct_conn.id 
_struct_conn.conn_type_id 
_struct_conn.pdbx_leaving_atom_flag 
_struct_conn.pdbx_PDB_id 
_struct_conn.ptnr1_label_asym_id 
_struct_conn.ptnr1_label_comp_id 
_struct_conn.ptnr1_label_seq_id 
_struct_conn.ptnr1_label_atom_id 
_struct_conn.pdbx_ptnr1_label_alt_id 
_struct_conn.pdbx_ptnr1_PDB_ins_code 
_struct_conn.pdbx_ptnr1_standard_comp_id 
_struct_conn.ptnr1_symmetry 
_struct_conn.ptnr2_label_asym_id 
_struct_conn.ptnr2_label_comp_id 
_struct_conn.ptnr2_label_seq_id 
_struct_conn.ptnr2_label_atom_id 
_struct_conn.pdbx_ptnr2_label_alt_id 
_struct_conn.pdbx_ptnr2_PDB_ins_code 
_struct_conn.ptnr1_auth_asym_id 
_struct_conn.ptnr1_auth_comp_id 
_struct_conn.ptnr1_auth_seq_id 
_struct_conn.ptnr2_auth_asym_id 
_struct_conn.ptnr2_auth_comp_id 
_struct_conn.ptnr2_auth_seq_id 
_struct_conn.ptnr2_symmetry 
_struct_conn.pdbx_ptnr3_label_atom_id 
_struct_conn.pdbx_ptnr3_label_seq_id 
_struct_conn.pdbx_ptnr3_label_comp_id 
_struct_conn.pdbx_ptnr3_label_asym_id 
_struct_conn.pdbx_ptnr3_label_alt_id 
_struct_conn.pdbx_ptnr3_PDB_ins_code 
_struct_conn.details 
_struct_conn.pdbx_dist_value 
_struct_conn.pdbx_value_order 
_struct_conn.pdbx_role 
metalc1 metalc ? ? A ASP 12 OD1 ? ? ? 1_555 B ZN . ZN ? ? A ASP 13 A ZN 71 1_555 ? ? ? ? ? ? ? 1.945 ? ? 
metalc2 metalc ? ? A CYS 13 SG  ? ? ? 1_555 B ZN . ZN ? ? A CYS 14 A ZN 71 1_555 ? ? ? ? ? ? ? 2.308 ? ? 
metalc3 metalc ? ? A CYS 16 SG  ? ? ? 1_555 B ZN . ZN ? ? A CYS 17 A ZN 71 1_555 ? ? ? ? ? ? ? 2.315 ? ? 
# 
_struct_conn_type.id          metalc 
_struct_conn_type.criteria    ? 
_struct_conn_type.reference   ? 
# 
_struct_sheet.id               AA 
_struct_sheet.type             ? 
_struct_sheet.number_strands   4 
_struct_sheet.details          ? 
# 
loop_
_struct_sheet_order.sheet_id 
_struct_sheet_order.range_id_1 
_struct_sheet_order.range_id_2 
_struct_sheet_order.offset 
_struct_sheet_order.sense 
AA 1 2 ? anti-parallel 
AA 2 3 ? anti-parallel 
AA 3 4 ? anti-parallel 
# 
loop_
_struct_sheet_range.sheet_id 
_struct_sheet_range.id 
_struct_sheet_range.beg_label_comp_id 
_struct_sheet_range.beg_label_asym_id 
_struct_sheet_range.beg_label_seq_id 
_struct_sheet_range.pdbx_beg_PDB_ins_code 
_struct_sheet_range.end_label_comp_id 
_struct_sheet_range.end_label_asym_id 
_struct_sheet_range.end_label_seq_id 
_struct_sheet_range.pdbx_end_PDB_ins_code 
_struct_sheet_range.beg_auth_comp_id 
_struct_sheet_range.beg_auth_asym_id 
_struct_sheet_range.beg_auth_seq_id 
_struct_sheet_range.end_auth_comp_id 
_struct_sheet_range.end_auth_asym_id 
_struct_sheet_range.end_auth_seq_id 
AA 1 VAL A 30 ? ASN A 36 ? VAL A 31 ASN A 37 
AA 2 GLN A 41 ? TYR A 46 ? GLN A 42 TYR A 47 
AA 3 GLN A 2  ? GLU A 9  ? GLN A 3  GLU A 10 
AA 4 HIS A 65 ? VAL A 68 ? HIS A 66 VAL A 69 
# 
loop_
_pdbx_struct_sheet_hbond.sheet_id 
_pdbx_struct_sheet_hbond.range_id_1 
_pdbx_struct_sheet_hbond.range_id_2 
_pdbx_struct_sheet_hbond.range_1_label_atom_id 
_pdbx_struct_sheet_hbond.range_1_label_comp_id 
_pdbx_struct_sheet_hbond.range_1_label_asym_id 
_pdbx_struct_sheet_hbond.range_1_label_seq_id 
_pdbx_struct_sheet_hbond.range_1_PDB_ins_code 
_pdbx_struct_sheet_hbond.range_1_auth_atom_id 
_pdbx_struct_sheet_hbond.range_1_auth_comp_id 
_pdbx_struct_sheet_hbond.range_1_auth_asym_id 
_pdbx_struct_sheet_hbond.range_1_auth_seq_id 
_pdbx_struct_sheet_hbond.range_2_label_atom_id 
_pdbx_struct_sheet_hbond.range_2_label_comp_id 
_pdbx_struct_sheet_hbond.range_2_label_asym_id 
_pdbx_struct_sheet_hbond.range_2_label_seq_id 
_pdbx_struct_sheet_hbond.range_2_PDB_ins_code 
_pdbx_struct_sheet_hbond.range_2_auth_atom_id 
_pdbx_struct_sheet_hbond.range_2_auth_comp_id 
_pdbx_struct_sheet_hbond.range_2_auth_asym_id 
_pdbx_struct_sheet_hbond.range_2_auth_seq_id 
AA 1 2 N ASN A 36 ? N ASN A 37 O GLN A 41 ? O GLN A 42 
AA 2 3 N TYR A 46 ? N TYR A 47 O GLN A 2  ? O GLN A 3  
AA 3 4 N GLU A 9  ? N GLU A 10 O HIS A 65 ? O HIS A 66 
# 
_struct_site.id                   AC1 
_struct_site.pdbx_evidence_code   Software 
_struct_site.pdbx_auth_asym_id    A 
_struct_site.pdbx_auth_comp_id    ZN 
_struct_site.pdbx_auth_seq_id     71 
_struct_site.pdbx_auth_ins_code   ? 
_struct_site.pdbx_num_residues    3 
_struct_site.details              'BINDING SITE FOR RESIDUE ZN A 71' 
# 
loop_
_struct_site_gen.id 
_struct_site_gen.site_id 
_struct_site_gen.pdbx_num_res 
_struct_site_gen.label_comp_id 
_struct_site_gen.label_asym_id 
_struct_site_gen.label_seq_id 
_struct_site_gen.pdbx_auth_ins_code 
_struct_site_gen.auth_comp_id 
_struct_site_gen.auth_asym_id 
_struct_site_gen.auth_seq_id 
_struct_site_gen.label_atom_id 
_struct_site_gen.label_alt_id 
_struct_site_gen.symmetry 
_struct_site_gen.details 
1 AC1 3 ASP A 12 ? ASP A 13 . ? 1_555 ? 
2 AC1 3 CYS A 13 ? CYS A 14 . ? 1_555 ? 
3 AC1 3 CYS A 16 ? CYS A 17 . ? 1_555 ? 
# 
_atom_sites.entry_id                    4A4J 
_atom_sites.fract_transf_matrix[1][1]   -0.04693360 
_atom_sites.fract_transf_matrix[1][2]   -0.00736834 
_atom_sites.fract_transf_matrix[1][3]   -0.00334020 
_atom_sites.fract_transf_matrix[2][1]   -0.00263665 
_atom_sites.fract_transf_matrix[2][2]   0.01701886 
_atom_sites.fract_transf_matrix[2][3]   -0.00049500 
_atom_sites.fract_transf_matrix[3][1]   -0.01375834 
_atom_sites.fract_transf_matrix[3][2]   -0.00333653 
_atom_sites.fract_transf_matrix[3][3]   -0.04142993 
_atom_sites.fract_transf_vector[1]      0.294828 
_atom_sites.fract_transf_vector[2]      0.116004 
_atom_sites.fract_transf_vector[3]      0.435525 
# 
loop_
_atom_type.symbol 
C  
N  
O  
S  
ZN 
# 
loop_
_atom_site.group_PDB 
_atom_site.id 
_atom_site.type_symbol 
_atom_site.label_atom_id 
_atom_site.label_alt_id 
_atom_site.label_comp_id 
_atom_site.label_asym_id 
_atom_site.label_entity_id 
_atom_site.label_seq_id 
_atom_site.pdbx_PDB_ins_code 
_atom_site.Cartn_x 
_atom_site.Cartn_y 
_atom_site.Cartn_z 
_atom_site.occupancy 
_atom_site.B_iso_or_equiv 
_atom_site.pdbx_formal_charge 
_atom_site.auth_seq_id 
_atom_site.auth_comp_id 
_atom_site.auth_asym_id 
_atom_site.auth_atom_id 
_atom_site.pdbx_PDB_model_num 
ATOM   1   N  N   . ALA A 1 1  ? -3.636  -16.668 0.683   1.00 23.00  ? 2    ALA A N   1 
ATOM   2   C  CA  . ALA A 1 1  ? -3.187  -15.266 0.486   1.00 18.70  ? 2    ALA A CA  1 
ATOM   3   C  C   . ALA A 1 1  ? -1.682  -15.198 0.485   1.00 17.55  ? 2    ALA A C   1 
ATOM   4   O  O   . ALA A 1 1  ? -1.018  -15.967 1.200   1.00 20.12  ? 2    ALA A O   1 
ATOM   5   C  CB  . ALA A 1 1  ? -3.725  -14.392 1.606   1.00 21.29  ? 2    ALA A CB  1 
ATOM   6   N  N   . GLN A 1 2  ? -1.150  -14.244 -0.282  1.00 18.93  ? 3    GLN A N   1 
ATOM   7   C  CA  . GLN A 1 2  ? 0.258   -13.852 -0.187  1.00 18.56  ? 3    GLN A CA  1 
ATOM   8   C  C   . GLN A 1 2  ? 0.281   -12.489 0.488   1.00 14.96  ? 3    GLN A C   1 
ATOM   9   O  O   . GLN A 1 2  ? -0.709  -11.759 0.502   1.00 16.97  ? 3    GLN A O   1 
ATOM   10  C  CB  . GLN A 1 2  ? 0.934   -13.768 -1.558  1.00 21.92  ? 3    GLN A CB  1 
ATOM   11  C  CG  . GLN A 1 2  ? 0.647   -14.925 -2.511  1.00 26.68  ? 3    GLN A CG  1 
ATOM   12  C  CD  . GLN A 1 2  ? 1.159   -14.648 -3.916  1.00 27.28  ? 3    GLN A CD  1 
ATOM   13  O  OE1 . GLN A 1 2  ? 0.381   -14.615 -4.881  1.00 33.18  ? 3    GLN A OE1 1 
ATOM   14  N  NE2 . GLN A 1 2  ? 2.473   -14.412 -4.039  1.00 34.70  ? 3    GLN A NE2 1 
ATOM   15  N  N   . THR A 1 3  ? 1.407   -12.161 1.087   1.00 17.26  ? 4    THR A N   1 
ATOM   16  C  CA  . THR A 1 3  ? 1.509   -10.916 1.820   1.00 18.96  ? 4    THR A CA  1 
ATOM   17  C  C   . THR A 1 3  ? 2.787   -10.198 1.409   1.00 18.89  ? 4    THR A C   1 
ATOM   18  O  O   . THR A 1 3  ? 3.787   -10.827 1.047   1.00 22.87  ? 4    THR A O   1 
ATOM   19  C  CB  . THR A 1 3  ? 1.479   -11.183 3.350   1.00 24.97  ? 4    THR A CB  1 
ATOM   20  O  OG1 . THR A 1 3  ? 0.271   -11.869 3.693   1.00 32.61  ? 4    THR A OG1 1 
ATOM   21  C  CG2 . THR A 1 3  ? 1.503   -9.907  4.130   1.00 26.95  ? 4    THR A CG2 1 
ATOM   22  N  N   . ILE A 1 4  ? 2.756   -8.870  1.450   1.00 18.60  ? 5    ILE A N   1 
ATOM   23  C  CA  . ILE A 1 4  ? 3.955   -8.088  1.234   1.00 18.23  ? 5    ILE A CA  1 
ATOM   24  C  C   . ILE A 1 4  ? 3.893   -6.829  2.042   1.00 19.32  ? 5    ILE A C   1 
ATOM   25  O  O   . ILE A 1 4  ? 2.826   -6.299  2.270   1.00 19.82  ? 5    ILE A O   1 
ATOM   26  C  CB  . ILE A 1 4  ? 4.146   -7.739  -0.252  1.00 19.65  ? 5    ILE A CB  1 
ATOM   27  C  CG1 . ILE A 1 4  ? 5.497   -7.060  -0.531  1.00 23.43  ? 5    ILE A CG1 1 
ATOM   28  C  CG2 . ILE A 1 4  ? 3.015   -6.872  -0.756  1.00 19.59  ? 5    ILE A CG2 1 
ATOM   29  C  CD1 . ILE A 1 4  ? 6.754   -7.879  -0.224  1.00 30.74  ? 5    ILE A CD1 1 
ATOM   30  N  N   . ASN A 1 5  ? 5.062   -6.389  2.475   1.00 20.00  ? 6    ASN A N   1 
ATOM   31  C  CA  . ASN A 1 5  ? 5.215   -5.111  3.140   1.00 18.42  ? 6    ASN A CA  1 
ATOM   32  C  C   . ASN A 1 5  ? 5.816   -4.057  2.208   1.00 16.34  ? 6    ASN A C   1 
ATOM   33  O  O   . ASN A 1 5  ? 6.771   -4.322  1.464   1.00 18.24  ? 6    ASN A O   1 
ATOM   34  C  CB  . ASN A 1 5  ? 6.106   -5.268  4.378   1.00 22.00  ? 6    ASN A CB  1 
ATOM   35  N  N   . LEU A 1 6  ? 5.253   -2.864  2.282   1.00 14.02  ? 7    LEU A N   1 
ATOM   36  C  CA  . LEU A 1 6  ? 5.759   -1.703  1.565   1.00 13.14  ? 7    LEU A CA  1 
ATOM   37  C  C   . LEU A 1 6  ? 6.202   -0.647  2.542   1.00 13.24  ? 7    LEU A C   1 
ATOM   38  O  O   . LEU A 1 6  ? 5.539   -0.430  3.551   1.00 16.07  ? 7    LEU A O   1 
ATOM   39  C  CB  . LEU A 1 6  ? 4.630   -1.078  0.764   1.00 14.21  ? 7    LEU A CB  1 
ATOM   40  C  CG  . LEU A 1 6  ? 3.962   -1.988  -0.261  1.00 18.02  ? 7    LEU A CG  1 
ATOM   41  C  CD1 . LEU A 1 6  ? 2.767   -1.266  -0.884  1.00 19.24  ? 7    LEU A CD1 1 
ATOM   42  C  CD2 . LEU A 1 6  ? 4.970   -2.434  -1.311  1.00 20.31  ? 7    LEU A CD2 1 
ATOM   43  N  N   . GLN A 1 7  ? 7.310   0.009   2.259   1.00 11.24  ? 8    GLN A N   1 
ATOM   44  C  CA  A GLN A 1 7  ? 7.699   1.210   2.981   0.50 11.13  ? 8    GLN A CA  1 
ATOM   45  C  CA  B GLN A 1 7  ? 7.702   1.208   2.972   0.50 11.13  ? 8    GLN A CA  1 
ATOM   46  C  C   . GLN A 1 7  ? 7.120   2.408   2.254   1.00 10.68  ? 8    GLN A C   1 
ATOM   47  O  O   . GLN A 1 7  ? 7.219   2.507   1.047   1.00 12.03  ? 8    GLN A O   1 
ATOM   48  C  CB  A GLN A 1 7  ? 9.227   1.373   3.093   0.50 12.72  ? 8    GLN A CB  1 
ATOM   49  C  CB  B GLN A 1 7  ? 9.224   1.352   3.020   0.50 13.03  ? 8    GLN A CB  1 
ATOM   50  C  CG  A GLN A 1 7  ? 9.666   2.395   4.152   0.50 17.07  ? 8    GLN A CG  1 
ATOM   51  C  CG  B GLN A 1 7  ? 9.737   2.666   3.604   0.50 18.19  ? 8    GLN A CG  1 
ATOM   52  C  CD  A GLN A 1 7  ? 11.182  2.551   4.300   0.50 18.72  ? 8    GLN A CD  1 
ATOM   53  C  CD  B GLN A 1 7  ? 9.918   2.626   5.109   0.50 20.10  ? 8    GLN A CD  1 
ATOM   54  O  OE1 A GLN A 1 7  ? 11.940  2.579   3.318   0.50 23.67  ? 8    GLN A OE1 1 
ATOM   55  O  OE1 B GLN A 1 7  ? 10.833  1.970   5.617   0.50 27.65  ? 8    GLN A OE1 1 
ATOM   56  N  NE2 A GLN A 1 7  ? 11.624  2.689   5.547   0.50 19.64  ? 8    GLN A NE2 1 
ATOM   57  N  NE2 B GLN A 1 7  ? 9.070   3.361   5.834   0.50 19.71  ? 8    GLN A NE2 1 
ATOM   58  N  N   . LEU A 1 8  ? 6.549   3.331   3.014   1.00 10.23  ? 9    LEU A N   1 
ATOM   59  C  CA  . LEU A 1 8  ? 5.795   4.451   2.469   1.00 9.44   ? 9    LEU A CA  1 
ATOM   60  C  C   . LEU A 1 8  ? 6.489   5.781   2.689   1.00 9.97   ? 9    LEU A C   1 
ATOM   61  O  O   . LEU A 1 8  ? 7.023   6.023   3.766   1.00 10.78  ? 9    LEU A O   1 
ATOM   62  C  CB  . LEU A 1 8  ? 4.399   4.487   3.118   1.00 10.31  ? 9    LEU A CB  1 
ATOM   63  C  CG  . LEU A 1 8  ? 3.524   3.230   3.004   1.00 11.37  ? 9    LEU A CG  1 
ATOM   64  C  CD1 . LEU A 1 8  ? 2.271   3.314   3.866   1.00 11.32  ? 9    LEU A CD1 1 
ATOM   65  C  CD2 . LEU A 1 8  ? 3.161   2.994   1.548   1.00 12.59  ? 9    LEU A CD2 1 
ATOM   66  N  N   . GLU A 1 9  ? 6.451   6.650   1.672   1.00 10.39  ? 10   GLU A N   1 
ATOM   67  C  CA  . GLU A 1 9  ? 6.939   8.022   1.761   1.00 11.48  ? 10   GLU A CA  1 
ATOM   68  C  C   . GLU A 1 9  ? 5.823   8.991   1.446   1.00 11.79  ? 10   GLU A C   1 
ATOM   69  O  O   . GLU A 1 9  ? 5.001   8.722   0.568   1.00 12.81  ? 10   GLU A O   1 
ATOM   70  C  CB  . GLU A 1 9  ? 8.085   8.260   0.801   1.00 14.06  ? 10   GLU A CB  1 
ATOM   71  C  CG  . GLU A 1 9  ? 9.348   7.550   1.208   1.00 17.23  ? 10   GLU A CG  1 
ATOM   72  C  CD  . GLU A 1 9  ? 10.362  7.562   0.087   1.00 20.37  ? 10   GLU A CD  1 
ATOM   73  O  OE1 . GLU A 1 9  ? 10.854  8.644   -0.259  1.00 28.50  ? 10   GLU A OE1 1 
ATOM   74  O  OE2 . GLU A 1 9  ? 10.654  6.490   -0.470  1.00 23.67  ? 10   GLU A OE2 1 
ATOM   75  N  N   . GLY A 1 10 ? 5.777   10.091  2.198   1.00 12.12  ? 11   GLY A N   1 
ATOM   76  C  CA  . GLY A 1 10 ? 4.763   11.123  2.035   1.00 13.39  ? 11   GLY A CA  1 
ATOM   77  C  C   . GLY A 1 10 ? 3.561   10.973  2.966   1.00 12.80  ? 11   GLY A C   1 
ATOM   78  O  O   . GLY A 1 10 ? 2.610   11.758  2.921   1.00 14.61  ? 11   GLY A O   1 
ATOM   79  N  N   . MET A 1 11 ? 3.569   9.954   3.815   1.00 11.57  ? 12   MET A N   1 
ATOM   80  C  CA  . MET A 1 11 ? 2.429   9.722   4.697   1.00 11.25  ? 12   MET A CA  1 
ATOM   81  C  C   . MET A 1 11 ? 2.640   10.512  5.977   1.00 10.77  ? 12   MET A C   1 
ATOM   82  O  O   . MET A 1 11 ? 3.066   9.978   7.005   1.00 12.52  ? 12   MET A O   1 
ATOM   83  C  CB  . MET A 1 11 ? 2.291   8.243   4.971   1.00 11.52  ? 12   MET A CB  1 
ATOM   84  C  CG  . MET A 1 11 ? 1.043   7.931   5.781   1.00 12.45  ? 12   MET A CG  1 
ATOM   85  S  SD  . MET A 1 11 ? 0.827   6.188   6.093   1.00 13.50  ? 12   MET A SD  1 
ATOM   86  C  CE  . MET A 1 11 ? 2.354   5.729   6.828   1.00 13.51  ? 12   MET A CE  1 
ATOM   87  N  N   . ASP A 1 12 ? 2.357   11.802  5.903   1.00 11.93  ? 13   ASP A N   1 
ATOM   88  C  CA  . ASP A 1 12 ? 2.658   12.694  7.017   1.00 13.56  ? 13   ASP A CA  1 
ATOM   89  C  C   . ASP A 1 12 ? 1.574   12.737  8.107   1.00 12.70  ? 13   ASP A C   1 
ATOM   90  O  O   . ASP A 1 12 ? 1.815   13.247  9.202   1.00 15.48  ? 13   ASP A O   1 
ATOM   91  C  CB  . ASP A 1 12 ? 2.825   14.112  6.486   1.00 13.98  ? 13   ASP A CB  1 
ATOM   92  C  CG  . ASP A 1 12 ? 1.502   14.708  6.084   1.00 14.68  ? 13   ASP A CG  1 
ATOM   93  O  OD1 . ASP A 1 12 ? 0.875   14.146  5.162   1.00 15.23  ? 13   ASP A OD1 1 
ATOM   94  O  OD2 . ASP A 1 12 ? 1.050   15.672  6.736   1.00 17.52  ? 13   ASP A OD2 1 
ATOM   95  N  N   . CYS A 1 13 ? 0.379   12.239  7.794   1.00 11.28  ? 14   CYS A N   1 
ATOM   96  C  CA  . CYS A 1 13 ? -0.797  12.373  8.640   1.00 11.89  ? 14   CYS A CA  1 
ATOM   97  C  C   . CYS A 1 13 ? -1.716  11.174  8.463   1.00 10.90  ? 14   CYS A C   1 
ATOM   98  O  O   . CYS A 1 13 ? -1.562  10.401  7.514   1.00 10.68  ? 14   CYS A O   1 
ATOM   99  C  CB  . CYS A 1 13 ? -1.536  13.686  8.326   1.00 12.67  ? 14   CYS A CB  1 
ATOM   100 S  SG  . CYS A 1 13 ? -2.408  13.697  6.723   1.00 13.52  ? 14   CYS A SG  1 
ATOM   101 N  N   . THR A 1 14 ? -2.716  11.043  9.331   1.00 11.14  ? 15   THR A N   1 
ATOM   102 C  CA  . THR A 1 14 ? -3.581  9.887   9.275   1.00 12.07  ? 15   THR A CA  1 
ATOM   103 C  C   . THR A 1 14 ? -4.579  9.971   8.103   1.00 10.18  ? 15   THR A C   1 
ATOM   104 O  O   . THR A 1 14 ? -5.028  8.933   7.625   1.00 11.86  ? 15   THR A O   1 
ATOM   105 C  CB  . THR A 1 14 ? -4.308  9.645   10.608  1.00 14.32  ? 15   THR A CB  1 
ATOM   106 O  OG1 . THR A 1 14 ? -4.979  10.835  11.005  1.00 16.35  ? 15   THR A OG1 1 
ATOM   107 C  CG2 . THR A 1 14 ? -3.337  9.251   11.697  1.00 14.01  ? 15   THR A CG2 1 
ATOM   108 N  N   . SER A 1 15 ? -4.897  11.176  7.639   1.00 11.82  ? 16   SER A N   1 
ATOM   109 C  CA  . SER A 1 15 ? -5.683  11.323  6.408   1.00 12.10  ? 16   SER A CA  1 
ATOM   110 C  C   . SER A 1 15 ? -4.939  10.694  5.234   1.00 11.35  ? 16   SER A C   1 
ATOM   111 O  O   . SER A 1 15 ? -5.516  9.971   4.420   1.00 11.13  ? 16   SER A O   1 
ATOM   112 C  CB  . SER A 1 15 ? -5.961  12.810  6.118   1.00 12.88  ? 16   SER A CB  1 
ATOM   113 O  OG  . SER A 1 15 ? -6.425  13.070  4.788   1.00 19.97  ? 16   SER A OG  1 
ATOM   114 N  N   . CYS A 1 16 ? -3.661  10.986  5.118   1.00 10.75  ? 17   CYS A N   1 
ATOM   115 C  CA  . CYS A 1 16 ? -2.857  10.409  4.060   1.00 10.71  ? 17   CYS A CA  1 
ATOM   116 C  C   . CYS A 1 16 ? -2.682  8.893   4.238   1.00 9.14   ? 17   CYS A C   1 
ATOM   117 O  O   . CYS A 1 16 ? -2.679  8.166   3.253   1.00 9.94   ? 17   CYS A O   1 
ATOM   118 C  CB  . CYS A 1 16 ? -1.526  11.120  3.982   1.00 11.46  ? 17   CYS A CB  1 
ATOM   119 S  SG  . CYS A 1 16 ? -1.649  12.795  3.271   1.00 14.04  ? 17   CYS A SG  1 
ATOM   120 N  N   . ALA A 1 17 ? -2.599  8.423   5.486   1.00 9.59   ? 18   ALA A N   1 
ATOM   121 C  CA  . ALA A 1 17 ? -2.582  6.992   5.721   1.00 9.16   ? 18   ALA A CA  1 
ATOM   122 C  C   . ALA A 1 17 ? -3.840  6.339   5.101   1.00 10.06  ? 18   ALA A C   1 
ATOM   123 O  O   . ALA A 1 17 ? -3.766  5.286   4.447   1.00 9.90   ? 18   ALA A O   1 
ATOM   124 C  CB  . ALA A 1 17 ? -2.443  6.675   7.188   1.00 10.72  ? 18   ALA A CB  1 
ATOM   125 N  N   . SER A 1 18 ? -4.997  6.937   5.352   1.00 10.01  ? 19   SER A N   1 
ATOM   126 C  CA  . SER A 1 18 ? -6.235  6.434   4.790   1.00 10.69  ? 19   SER A CA  1 
ATOM   127 C  C   . SER A 1 18 ? -6.265  6.520   3.276   1.00 10.10  ? 19   SER A C   1 
ATOM   128 O  O   . SER A 1 18 ? -6.737  5.606   2.600   1.00 11.67  ? 19   SER A O   1 
ATOM   129 C  CB  . SER A 1 18 ? -7.429  7.159   5.409   1.00 11.89  ? 19   SER A CB  1 
ATOM   130 O  OG  . SER A 1 18 ? -8.623  6.603   4.921   1.00 16.01  ? 19   SER A OG  1 
ATOM   131 N  N   . SER A 1 19 ? -5.751  7.617   2.741   1.00 9.98   ? 20   SER A N   1 
ATOM   132 C  CA  . SER A 1 19 ? -5.630  7.738   1.287   1.00 9.81   ? 20   SER A CA  1 
ATOM   133 C  C   . SER A 1 19 ? -4.857  6.592   0.660   1.00 8.99   ? 20   SER A C   1 
ATOM   134 O  O   . SER A 1 19 ? -5.220  6.085   -0.400  1.00 10.07  ? 20   SER A O   1 
ATOM   135 C  CB  . SER A 1 19 ? -5.015  9.087   0.892   1.00 11.65  ? 20   SER A CB  1 
ATOM   136 O  OG  . SER A 1 19 ? -5.872  10.165  1.241   1.00 14.48  ? 20   SER A OG  1 
ATOM   137 N  N   . ILE A 1 20 ? -3.777  6.192   1.321   1.00 9.13   ? 21   ILE A N   1 
ATOM   138 C  CA  . ILE A 1 20 ? -2.957  5.100   0.835   1.00 8.91   ? 21   ILE A CA  1 
ATOM   139 C  C   . ILE A 1 20 ? -3.698  3.760   0.944   1.00 8.94   ? 21   ILE A C   1 
ATOM   140 O  O   . ILE A 1 20 ? -3.695  2.971   -0.023  1.00 9.20   ? 21   ILE A O   1 
ATOM   141 C  CB  . ILE A 1 20 ? -1.601  5.094   1.568   1.00 8.88   ? 21   ILE A CB  1 
ATOM   142 C  CG1 . ILE A 1 20 ? -0.772  6.319   1.134   1.00 9.71   ? 21   ILE A CG1 1 
ATOM   143 C  CG2 . ILE A 1 20 ? -0.901  3.777   1.346   1.00 9.66   ? 21   ILE A CG2 1 
ATOM   144 C  CD1 . ILE A 1 20 ? 0.444   6.596   1.988   1.00 11.80  ? 21   ILE A CD1 1 
ATOM   145 N  N   . GLU A 1 21 ? -4.368  3.505   2.069   1.00 9.33   ? 22   GLU A N   1 
ATOM   146 C  CA  . GLU A 1 21 ? -5.188  2.302   2.177   1.00 9.79   ? 22   GLU A CA  1 
ATOM   147 C  C   . GLU A 1 21 ? -6.233  2.240   1.077   1.00 9.63   ? 22   GLU A C   1 
ATOM   148 O  O   . GLU A 1 21 ? -6.433  1.189   0.481   1.00 10.88  ? 22   GLU A O   1 
ATOM   149 C  CB  . GLU A 1 21 ? -5.856  2.227   3.540   1.00 11.14  ? 22   GLU A CB  1 
ATOM   150 C  CG  . GLU A 1 21 ? -6.672  0.931   3.774   1.00 12.69  ? 22   GLU A CG  1 
ATOM   151 C  CD  . GLU A 1 21 ? -8.121  0.912   3.238   1.00 13.21  ? 22   GLU A CD  1 
ATOM   152 O  OE1 . GLU A 1 21 ? -8.754  1.999   3.174   1.00 13.74  ? 22   GLU A OE1 1 
ATOM   153 O  OE2 . GLU A 1 21 ? -8.612  -0.194  2.905   1.00 15.75  ? 22   GLU A OE2 1 
ATOM   154 N  N   . ARG A 1 22 ? -6.917  3.358   0.843   1.00 9.88   ? 23   ARG A N   1 
ATOM   155 C  CA  . ARG A 1 22 ? -7.977  3.379   -0.161  1.00 10.68  ? 23   ARG A CA  1 
ATOM   156 C  C   . ARG A 1 22 ? -7.457  3.080   -1.569  1.00 9.50   ? 23   ARG A C   1 
ATOM   157 O  O   . ARG A 1 22 ? -8.080  2.360   -2.333  1.00 11.59  ? 23   ARG A O   1 
ATOM   158 C  CB  . ARG A 1 22 ? -8.688  4.743   -0.121  1.00 12.51  ? 23   ARG A CB  1 
ATOM   159 C  CG  . ARG A 1 22 ? -9.516  5.000   1.141   1.00 13.68  ? 23   ARG A CG  1 
ATOM   160 C  CD  . ARG A 1 22 ? -9.739  6.490   1.353   1.00 16.60  ? 23   ARG A CD  1 
ATOM   161 N  NE  . ARG A 1 22 ? -10.383 6.792   2.638   1.00 18.68  ? 23   ARG A NE  1 
ATOM   162 C  CZ  . ARG A 1 22 ? -11.686 6.999   2.795   1.00 21.89  ? 23   ARG A CZ  1 
ATOM   163 N  NH1 . ARG A 1 22 ? -12.501 6.945   1.751   1.00 23.51  ? 23   ARG A NH1 1 
ATOM   164 N  NH2 . ARG A 1 22 ? -12.171 7.269   4.000   1.00 27.87  ? 23   ARG A NH2 1 
ATOM   165 N  N   . ALA A 1 23 ? -6.280  3.609   -1.888  1.00 9.12   ? 24   ALA A N   1 
ATOM   166 C  CA  . ALA A 1 23 ? -5.663  3.419   -3.204  1.00 9.22   ? 24   ALA A CA  1 
ATOM   167 C  C   . ALA A 1 23 ? -5.251  1.968   -3.378  1.00 9.27   ? 24   ALA A C   1 
ATOM   168 O  O   . ALA A 1 23 ? -5.471  1.363   -4.429  1.00 10.37  ? 24   ALA A O   1 
ATOM   169 C  CB  . ALA A 1 23 ? -4.463  4.349   -3.338  1.00 10.34  ? 24   ALA A CB  1 
ATOM   170 N  N   . ILE A 1 24 ? -4.643  1.391   -2.358  1.00 9.11   ? 25   ILE A N   1 
ATOM   171 C  CA  . ILE A 1 24 ? -4.224  -0.013  -2.418  1.00 9.15   ? 25   ILE A CA  1 
ATOM   172 C  C   . ILE A 1 24 ? -5.431  -0.946  -2.489  1.00 9.85   ? 25   ILE A C   1 
ATOM   173 O  O   . ILE A 1 24 ? -5.405  -1.915  -3.220  1.00 10.53  ? 25   ILE A O   1 
ATOM   174 C  CB  . ILE A 1 24 ? -3.274  -0.346  -1.265  1.00 9.78   ? 25   ILE A CB  1 
ATOM   175 C  CG1 . ILE A 1 24 ? -1.932  0.421   -1.450  1.00 10.07  ? 25   ILE A CG1 1 
ATOM   176 C  CG2 . ILE A 1 24 ? -3.068  -1.858  -1.145  1.00 11.71  ? 25   ILE A CG2 1 
ATOM   177 C  CD1 . ILE A 1 24 ? -1.002  0.362   -0.241  1.00 12.23  ? 25   ILE A CD1 1 
ATOM   178 N  N   . ALA A 1 25 ? -6.489  -0.659  -1.737  1.00 10.45  ? 26   ALA A N   1 
ATOM   179 C  CA  . ALA A 1 25 ? -7.697  -1.516  -1.722  1.00 11.14  ? 26   ALA A CA  1 
ATOM   180 C  C   . ALA A 1 25 ? -8.322  -1.639  -3.111  1.00 11.81  ? 26   ALA A C   1 
ATOM   181 O  O   . ALA A 1 25 ? -8.956  -2.643  -3.411  1.00 13.12  ? 26   ALA A O   1 
ATOM   182 C  CB  . ALA A 1 25 ? -8.716  -0.988  -0.726  1.00 14.19  ? 26   ALA A CB  1 
ATOM   183 N  N   . LYS A 1 26 ? -8.161  -0.610  -3.953  1.00 11.61  ? 27   LYS A N   1 
ATOM   184 C  CA  . LYS A 1 26 ? -8.686  -0.605  -5.333  1.00 13.11  ? 27   LYS A CA  1 
ATOM   185 C  C   . LYS A 1 26 ? -7.921  -1.502  -6.288  1.00 11.73  ? 27   LYS A C   1 
ATOM   186 O  O   . LYS A 1 26 ? -8.370  -1.737  -7.400  1.00 15.08  ? 27   LYS A O   1 
ATOM   187 C  CB  . LYS A 1 26 ? -8.714  0.837   -5.868  1.00 14.69  ? 27   LYS A CB  1 
ATOM   188 C  CG  . LYS A 1 26 ? -9.816  1.674   -5.260  1.00 15.32  ? 27   LYS A CG  1 
ATOM   189 C  CD  . LYS A 1 26 ? -9.681  3.109   -5.732  1.00 16.71  ? 27   LYS A CD  1 
ATOM   190 C  CE  . LYS A 1 26 ? -10.713 4.065   -5.112  1.00 17.19  ? 27   LYS A CE  1 
ATOM   191 N  NZ  . LYS A 1 26 ? -12.073 3.963   -5.721  1.00 19.77  ? 27   LYS A NZ  1 
ATOM   192 N  N   . VAL A 1 27 ? -6.751  -1.991  -5.898  1.00 11.63  ? 28   VAL A N   1 
ATOM   193 C  CA  . VAL A 1 27 ? -5.960  -2.805  -6.820  1.00 12.72  ? 28   VAL A CA  1 
ATOM   194 C  C   . VAL A 1 27 ? -6.584  -4.183  -6.965  1.00 14.63  ? 28   VAL A C   1 
ATOM   195 O  O   . VAL A 1 27 ? -6.842  -4.829  -5.970  1.00 13.56  ? 28   VAL A O   1 
ATOM   196 C  CB  . VAL A 1 27 ? -4.519  -2.938  -6.325  1.00 12.45  ? 28   VAL A CB  1 
ATOM   197 C  CG1 . VAL A 1 27 ? -3.745  -3.981  -7.138  1.00 14.90  ? 28   VAL A CG1 1 
ATOM   198 C  CG2 . VAL A 1 27 ? -3.847  -1.577  -6.317  1.00 13.13  ? 28   VAL A CG2 1 
ATOM   199 N  N   . PRO A 1 28 ? -6.877  -4.618  -8.200  1.00 15.40  ? 29   PRO A N   1 
ATOM   200 C  CA  . PRO A 1 28 ? -7.397  -5.972  -8.345  1.00 17.17  ? 29   PRO A CA  1 
ATOM   201 C  C   . PRO A 1 28 ? -6.494  -6.982  -7.662  1.00 15.09  ? 29   PRO A C   1 
ATOM   202 O  O   . PRO A 1 28 ? -5.271  -6.997  -7.869  1.00 17.43  ? 29   PRO A O   1 
ATOM   203 C  CB  . PRO A 1 28 ? -7.432  -6.184  -9.863  1.00 19.32  ? 29   PRO A CB  1 
ATOM   204 C  CG  . PRO A 1 28 ? -7.548  -4.821  -10.422 1.00 18.23  ? 29   PRO A CG  1 
ATOM   205 C  CD  . PRO A 1 28 ? -6.773  -3.932  -9.495  1.00 15.81  ? 29   PRO A CD  1 
ATOM   206 N  N   . GLY A 1 29 ? -7.111  -7.814  -6.857  1.00 13.83  ? 30   GLY A N   1 
ATOM   207 C  CA  . GLY A 1 29 ? -6.430  -8.883  -6.132  1.00 13.52  ? 30   GLY A CA  1 
ATOM   208 C  C   . GLY A 1 29 ? -6.093  -8.574  -4.683  1.00 11.26  ? 30   GLY A C   1 
ATOM   209 O  O   . GLY A 1 29 ? -5.787  -9.473  -3.903  1.00 12.99  ? 30   GLY A O   1 
ATOM   210 N  N   . VAL A 1 30 ? -6.192  -7.312  -4.273  1.00 11.00  ? 31   VAL A N   1 
ATOM   211 C  CA  . VAL A 1 30 ? -5.946  -7.002  -2.869  1.00 9.93   ? 31   VAL A CA  1 
ATOM   212 C  C   . VAL A 1 30 ? -7.132  -7.428  -2.008  1.00 11.41  ? 31   VAL A C   1 
ATOM   213 O  O   . VAL A 1 30 ? -8.274  -7.112  -2.323  1.00 12.66  ? 31   VAL A O   1 
ATOM   214 C  CB  . VAL A 1 30 ? -5.629  -5.497  -2.690  1.00 10.17  ? 31   VAL A CB  1 
ATOM   215 C  CG1 . VAL A 1 30 ? -5.674  -5.077  -1.230  1.00 12.31  ? 31   VAL A CG1 1 
ATOM   216 C  CG2 . VAL A 1 30 ? -4.257  -5.182  -3.303  1.00 11.39  ? 31   VAL A CG2 1 
ATOM   217 N  N   . GLN A 1 31 ? -6.839  -8.140  -0.930  1.00 12.19  ? 32   GLN A N   1 
ATOM   218 C  CA  . GLN A 1 31 ? -7.858  -8.554  0.034   1.00 13.67  ? 32   GLN A CA  1 
ATOM   219 C  C   . GLN A 1 31 ? -7.904  -7.670  1.265   1.00 14.83  ? 32   GLN A C   1 
ATOM   220 O  O   . GLN A 1 31 ? -8.982  -7.351  1.765   1.00 16.57  ? 32   GLN A O   1 
ATOM   221 C  CB  . GLN A 1 31 ? -7.653  -10.010 0.395   1.00 15.39  ? 32   GLN A CB  1 
ATOM   222 C  CG  . GLN A 1 31 ? -7.945  -10.886 -0.811  1.00 17.27  ? 32   GLN A CG  1 
ATOM   223 C  CD  . GLN A 1 31 ? -7.745  -12.354 -0.542  1.00 19.03  ? 32   GLN A CD  1 
ATOM   224 O  OE1 . GLN A 1 31 ? -6.759  -12.761 0.068   1.00 24.55  ? 32   GLN A OE1 1 
ATOM   225 N  NE2 . GLN A 1 31 ? -8.688  -13.163 -0.998  1.00 20.42  ? 32   GLN A NE2 1 
ATOM   226 N  N   . SER A 1 32 ? -6.733  -7.272  1.748   1.00 14.29  ? 33   SER A N   1 
ATOM   227 C  CA  . SER A 1 32 ? -6.652  -6.416  2.928   1.00 15.19  ? 33   SER A CA  1 
ATOM   228 C  C   . SER A 1 32 ? -5.362  -5.638  2.882   1.00 15.44  ? 33   SER A C   1 
ATOM   229 O  O   . SER A 1 32 ? -4.361  -6.093  2.307   1.00 14.51  ? 33   SER A O   1 
ATOM   230 C  CB  . SER A 1 32 ? -6.741  -7.234  4.204   1.00 17.31  ? 33   SER A CB  1 
ATOM   231 O  OG  . SER A 1 32 ? -5.603  -8.048  4.399   1.00 25.46  ? 33   SER A OG  1 
ATOM   232 N  N   . CYS A 1 33 ? -5.405  -4.453  3.468   1.00 15.95  ? 34   CYS A N   1 
ATOM   233 C  CA  . CYS A 1 33 ? -4.254  -3.572  3.514   1.00 14.63  ? 34   CYS A CA  1 
ATOM   234 C  C   . CYS A 1 33 ? -4.225  -2.881  4.875   1.00 15.93  ? 34   CYS A C   1 
ATOM   235 O  O   . CYS A 1 33 ? -5.121  -2.090  5.187   1.00 19.69  ? 34   CYS A O   1 
ATOM   236 C  CB  . CYS A 1 33 ? -4.333  -2.516  2.402   1.00 16.84  ? 34   CYS A CB  1 
ATOM   237 S  SG  . CYS A 1 33 ? -3.019  -1.264  2.463   1.00 16.47  ? 34   CYS A SG  1 
ATOM   238 N  N   . GLN A 1 34 ? -3.223  -3.204  5.685   1.00 15.36  ? 35   GLN A N   1 
ATOM   239 C  CA  . GLN A 1 34 ? -3.078  -2.597  7.014   1.00 16.39  ? 35   GLN A CA  1 
ATOM   240 C  C   . GLN A 1 34 ? -1.959  -1.579  6.949   1.00 15.02  ? 35   GLN A C   1 
ATOM   241 O  O   . GLN A 1 34 ? -0.785  -1.947  6.800   1.00 16.44  ? 35   GLN A O   1 
ATOM   242 C  CB  . GLN A 1 34 ? -2.763  -3.649  8.081   1.00 22.60  ? 35   GLN A CB  1 
ATOM   243 C  CG  . GLN A 1 34 ? -2.799  -3.098  9.506   1.00 28.16  ? 35   GLN A CG  1 
ATOM   244 C  CD  . GLN A 1 34 ? -1.434  -2.726  10.032  1.00 31.51  ? 35   GLN A CD  1 
ATOM   245 O  OE1 . GLN A 1 34 ? -0.453  -3.419  9.760   1.00 37.62  ? 35   GLN A OE1 1 
ATOM   246 N  NE2 . GLN A 1 34 ? -1.360  -1.639  10.806  1.00 30.72  ? 35   GLN A NE2 1 
ATOM   247 N  N   . VAL A 1 35 ? -2.336  -0.308  7.032   1.00 12.68  ? 36   VAL A N   1 
ATOM   248 C  CA  . VAL A 1 35 ? -1.371  0.759   7.026   1.00 11.32  ? 36   VAL A CA  1 
ATOM   249 C  C   . VAL A 1 35 ? -0.951  1.078   8.465   1.00 12.83  ? 36   VAL A C   1 
ATOM   250 O  O   . VAL A 1 35 ? -1.782  1.396   9.339   1.00 14.28  ? 36   VAL A O   1 
ATOM   251 C  CB  . VAL A 1 35 ? -1.929  2.014   6.349   1.00 12.03  ? 36   VAL A CB  1 
ATOM   252 C  CG1 . VAL A 1 35 ? -0.912  3.161   6.415   1.00 12.59  ? 36   VAL A CG1 1 
ATOM   253 C  CG2 . VAL A 1 35 ? -2.314  1.688   4.911   1.00 13.20  ? 36   VAL A CG2 1 
ATOM   254 N  N   . ASN A 1 36 ? 0.348   1.005   8.722   1.00 10.69  ? 37   ASN A N   1 
ATOM   255 C  CA  . ASN A 1 36 ? 0.912   1.328   9.997   1.00 11.04  ? 37   ASN A CA  1 
ATOM   256 C  C   . ASN A 1 36 ? 1.489   2.721   9.889   1.00 9.84   ? 37   ASN A C   1 
ATOM   257 O  O   . ASN A 1 36 ? 2.516   2.922   9.249   1.00 10.25  ? 37   ASN A O   1 
ATOM   258 C  CB  . ASN A 1 36 ? 1.966   0.314   10.417  1.00 11.65  ? 37   ASN A CB  1 
ATOM   259 C  CG  . ASN A 1 36 ? 2.366   0.497   11.847  1.00 12.32  ? 37   ASN A CG  1 
ATOM   260 O  OD1 . ASN A 1 36 ? 2.665   1.609   12.276  1.00 12.13  ? 37   ASN A OD1 1 
ATOM   261 N  ND2 . ASN A 1 36 ? 2.302   -0.579  12.618  1.00 17.78  ? 37   ASN A ND2 1 
ATOM   262 N  N   . PHE A 1 37 ? 0.789   3.675   10.475  1.00 10.25  ? 38   PHE A N   1 
ATOM   263 C  CA  . PHE A 1 37 ? 1.153   5.070   10.402  1.00 10.43  ? 38   PHE A CA  1 
ATOM   264 C  C   . PHE A 1 37 ? 2.496   5.346   11.090  1.00 10.55  ? 38   PHE A C   1 
ATOM   265 O  O   . PHE A 1 37 ? 3.388   5.969   10.508  1.00 10.84  ? 38   PHE A O   1 
ATOM   266 C  CB  . PHE A 1 37 ? 0.024   5.918   10.996  1.00 11.24  ? 38   PHE A CB  1 
ATOM   267 C  CG  . PHE A 1 37 ? 0.345   7.363   11.088  1.00 11.41  ? 38   PHE A CG  1 
ATOM   268 C  CD1 . PHE A 1 37 ? 0.536   8.127   9.952   1.00 12.52  ? 38   PHE A CD1 1 
ATOM   269 C  CD2 . PHE A 1 37 ? 0.431   7.976   12.325  1.00 11.92  ? 38   PHE A CD2 1 
ATOM   270 C  CE1 . PHE A 1 37 ? 0.866   9.443   10.041  1.00 13.04  ? 38   PHE A CE1 1 
ATOM   271 C  CE2 . PHE A 1 37 ? 0.728   9.316   12.422  1.00 14.79  ? 38   PHE A CE2 1 
ATOM   272 C  CZ  . PHE A 1 37 ? 0.944   10.050  11.279  1.00 14.73  ? 38   PHE A CZ  1 
ATOM   273 N  N   . ALA A 1 38 ? 2.661   4.855   12.315  1.00 10.57  ? 39   ALA A N   1 
ATOM   274 C  CA  . ALA A 1 38 ? 3.896   5.048   13.099  1.00 11.42  ? 39   ALA A CA  1 
ATOM   275 C  C   . ALA A 1 38 ? 5.101   4.518   12.388  1.00 11.37  ? 39   ALA A C   1 
ATOM   276 O  O   . ALA A 1 38 ? 6.153   5.130   12.415  1.00 12.99  ? 39   ALA A O   1 
ATOM   277 C  CB  . ALA A 1 38 ? 3.788   4.358   14.436  1.00 13.23  ? 39   ALA A CB  1 
ATOM   278 N  N   . LEU A 1 39 ? 4.962   3.365   11.760  1.00 10.40  ? 40   LEU A N   1 
ATOM   279 C  CA  . LEU A 1 39 ? 6.100   2.719   11.126  1.00 11.73  ? 40   LEU A CA  1 
ATOM   280 C  C   . LEU A 1 39 ? 6.258   3.053   9.650   1.00 11.72  ? 40   LEU A C   1 
ATOM   281 O  O   . LEU A 1 39 ? 7.252   2.678   9.057   1.00 13.73  ? 40   LEU A O   1 
ATOM   282 C  CB  . LEU A 1 39 ? 6.012   1.197   11.346  1.00 17.65  ? 40   LEU A CB  1 
ATOM   283 C  CG  . LEU A 1 39 ? 5.999   0.739   12.822  1.00 23.00  ? 40   LEU A CG  1 
ATOM   284 C  CD1 . LEU A 1 39 ? 6.192   -0.766  12.915  1.00 28.77  ? 40   LEU A CD1 1 
ATOM   285 C  CD2 . LEU A 1 39 ? 7.012   1.465   13.714  1.00 23.45  ? 40   LEU A CD2 1 
ATOM   286 N  N   . GLU A 1 40 ? 5.329   3.817   9.091   1.00 9.28   ? 41   GLU A N   1 
ATOM   287 C  CA  . GLU A 1 40 ? 5.387   4.219   7.682   1.00 9.97   ? 41   GLU A CA  1 
ATOM   288 C  C   . GLU A 1 40 ? 5.512   2.984   6.799   1.00 10.78  ? 41   GLU A C   1 
ATOM   289 O  O   . GLU A 1 40 ? 6.319   2.939   5.876   1.00 11.09  ? 41   GLU A O   1 
ATOM   290 C  CB  . GLU A 1 40 ? 6.468   5.269   7.458   1.00 11.10  ? 41   GLU A CB  1 
ATOM   291 C  CG  . GLU A 1 40 ? 6.078   6.584   8.120   1.00 12.84  ? 41   GLU A CG  1 
ATOM   292 C  CD  . GLU A 1 40 ? 7.118   7.657   8.052   1.00 15.75  ? 41   GLU A CD  1 
ATOM   293 O  OE1 . GLU A 1 40 ? 8.029   7.643   8.885   1.00 21.69  ? 41   GLU A OE1 1 
ATOM   294 O  OE2 . GLU A 1 40 ? 7.000   8.567   7.208   1.00 18.40  ? 41   GLU A OE2 1 
ATOM   295 N  N   . GLN A 1 41 ? 4.639   2.019   7.045   1.00 10.93  ? 42   GLN A N   1 
ATOM   296 C  CA  . GLN A 1 41 ? 4.664   0.748   6.344   1.00 12.59  ? 42   GLN A CA  1 
ATOM   297 C  C   . GLN A 1 41 ? 3.220   0.296   6.041   1.00 13.08  ? 42   GLN A C   1 
ATOM   298 O  O   . GLN A 1 41 ? 2.270   0.657   6.761   1.00 14.47  ? 42   GLN A O   1 
ATOM   299 C  CB  . GLN A 1 41 ? 5.520   -0.295  7.166   1.00 15.86  ? 42   GLN A CB  1 
ATOM   300 C  CG  . GLN A 1 41 ? 7.041   0.013   7.257   1.00 18.65  ? 42   GLN A CG  1 
ATOM   301 C  CD  . GLN A 1 41 ? 7.880   -0.727  8.324   1.00 21.61  ? 42   GLN A CD  1 
ATOM   302 O  OE1 . GLN A 1 41 ? 8.582   -0.093  9.149   1.00 20.43  ? 42   GLN A OE1 1 
ATOM   303 N  NE2 . GLN A 1 41 ? 7.864   -2.046  8.283   1.00 24.17  ? 42   GLN A NE2 1 
ATOM   304 N  N   . ALA A 1 42 ? 3.033   -0.483  4.968   1.00 15.05  ? 43   ALA A N   1 
ATOM   305 C  CA  . ALA A 1 42 ? 1.744   -1.143  4.718   1.00 16.63  ? 43   ALA A CA  1 
ATOM   306 C  C   . ALA A 1 42 ? 1.958   -2.625  4.535   1.00 15.26  ? 43   ALA A C   1 
ATOM   307 O  O   . ALA A 1 42 ? 2.850   -3.014  3.803   1.00 17.71  ? 43   ALA A O   1 
ATOM   308 C  CB  . ALA A 1 42 ? 1.073   -0.587  3.471   1.00 16.15  ? 43   ALA A CB  1 
ATOM   309 N  N   . VAL A 1 43 ? 1.104   -3.412  5.185   1.00 15.28  ? 44   VAL A N   1 
ATOM   310 C  CA  . VAL A 1 43 ? 1.072   -4.856  5.051   1.00 16.52  ? 44   VAL A CA  1 
ATOM   311 C  C   . VAL A 1 43 ? -0.122  -5.204  4.169   1.00 13.12  ? 44   VAL A C   1 
ATOM   312 O  O   . VAL A 1 43 ? -1.260  -4.947  4.562   1.00 15.17  ? 44   VAL A O   1 
ATOM   313 C  CB  . VAL A 1 43 ? 0.927   -5.503  6.439   1.00 20.20  ? 44   VAL A CB  1 
ATOM   314 C  CG1 . VAL A 1 43 ? 0.962   -7.016  6.313   1.00 25.05  ? 44   VAL A CG1 1 
ATOM   315 C  CG2 . VAL A 1 43 ? 2.001   -4.966  7.390   1.00 24.20  ? 44   VAL A CG2 1 
ATOM   316 N  N   . VAL A 1 44 ? 0.141   -5.790  2.994   1.00 13.05  ? 45   VAL A N   1 
ATOM   317 C  CA  . VAL A 1 44 ? -0.891  -6.034  2.008   1.00 11.65  ? 45   VAL A CA  1 
ATOM   318 C  C   . VAL A 1 44 ? -1.059  -7.521  1.764   1.00 12.19  ? 45   VAL A C   1 
ATOM   319 O  O   . VAL A 1 44 ? -0.109  -8.194  1.453   1.00 13.62  ? 45   VAL A O   1 
ATOM   320 C  CB  . VAL A 1 44 ? -0.549  -5.352  0.668   1.00 11.05  ? 45   VAL A CB  1 
ATOM   321 C  CG1 . VAL A 1 44 ? -1.706  -5.503  -0.300  1.00 11.99  ? 45   VAL A CG1 1 
ATOM   322 C  CG2 . VAL A 1 44 ? -0.220  -3.871  0.867   1.00 12.49  ? 45   VAL A CG2 1 
ATOM   323 N  N   . SER A 1 45 ? -2.283  -8.014  1.932   1.00 11.98  ? 46   SER A N   1 
ATOM   324 C  CA  . SER A 1 45 ? -2.634  -9.386  1.675   1.00 13.12  ? 46   SER A CA  1 
ATOM   325 C  C   . SER A 1 45 ? -3.340  -9.404  0.334   1.00 12.86  ? 46   SER A C   1 
ATOM   326 O  O   . SER A 1 45 ? -4.278  -8.652  0.119   1.00 13.97  ? 46   SER A O   1 
ATOM   327 C  CB  . SER A 1 45 ? -3.559  -9.905  2.796   1.00 18.40  ? 46   SER A CB  1 
ATOM   328 O  OG  . SER A 1 45 ? -3.781  -11.290 2.698   1.00 26.47  ? 46   SER A OG  1 
ATOM   329 N  N   . TYR A 1 46 ? -2.928  -10.304 -0.539  1.00 12.02  ? 47   TYR A N   1 
ATOM   330 C  CA  . TYR A 1 46 ? -3.450  -10.346 -1.882  1.00 13.08  ? 47   TYR A CA  1 
ATOM   331 C  C   . TYR A 1 46 ? -3.464  -11.728 -2.499  1.00 13.58  ? 47   TYR A C   1 
ATOM   332 O  O   . TYR A 1 46 ? -2.907  -12.692 -1.959  1.00 14.19  ? 47   TYR A O   1 
ATOM   333 C  CB  . TYR A 1 46 ? -2.625  -9.421  -2.763  1.00 13.06  ? 47   TYR A CB  1 
ATOM   334 C  CG  . TYR A 1 46 ? -1.174  -9.841  -2.977  1.00 14.88  ? 47   TYR A CG  1 
ATOM   335 C  CD1 . TYR A 1 46 ? -0.181  -9.419  -2.099  1.00 17.71  ? 47   TYR A CD1 1 
ATOM   336 C  CD2 . TYR A 1 46 ? -0.810  -10.637 -4.039  1.00 17.45  ? 47   TYR A CD2 1 
ATOM   337 C  CE1 . TYR A 1 46 ? 1.130   -9.749  -2.289  1.00 20.58  ? 47   TYR A CE1 1 
ATOM   338 C  CE2 . TYR A 1 46 ? 0.505   -10.985 -4.234  1.00 18.91  ? 47   TYR A CE2 1 
ATOM   339 C  CZ  . TYR A 1 46 ? 1.468   -10.542 -3.351  1.00 21.09  ? 47   TYR A CZ  1 
ATOM   340 O  OH  . TYR A 1 46 ? 2.787   -10.898 -3.530  1.00 28.41  ? 47   TYR A OH  1 
ATOM   341 N  N   . HIS A 1 47 ? -4.145  -11.792 -3.645  1.00 12.00  ? 48   HIS A N   1 
ATOM   342 C  CA  . HIS A 1 47 ? -4.158  -12.980 -4.493  1.00 12.69  ? 48   HIS A CA  1 
ATOM   343 C  C   . HIS A 1 47 ? -4.365  -12.508 -5.921  1.00 12.25  ? 48   HIS A C   1 
ATOM   344 O  O   . HIS A 1 47 ? -4.080  -11.349 -6.260  1.00 14.36  ? 48   HIS A O   1 
ATOM   345 C  CB  . HIS A 1 47 ? -5.202  -13.966 -3.997  1.00 12.91  ? 48   HIS A CB  1 
ATOM   346 C  CG  . HIS A 1 47 ? -6.623  -13.537 -4.226  1.00 13.60  ? 48   HIS A CG  1 
ATOM   347 N  ND1 . HIS A 1 47 ? -7.580  -14.415 -4.564  1.00 13.65  ? 48   HIS A ND1 1 
ATOM   348 C  CD2 . HIS A 1 47 ? -7.243  -12.305 -4.138  1.00 13.31  ? 48   HIS A CD2 1 
ATOM   349 C  CE1 . HIS A 1 47 ? -8.744  -13.782 -4.669  1.00 13.54  ? 48   HIS A CE1 1 
ATOM   350 N  NE2 . HIS A 1 47 ? -8.542  -12.490 -4.427  1.00 14.01  ? 48   HIS A NE2 1 
ATOM   351 N  N   . GLY A 1 48 ? -4.833  -13.367 -6.808  1.00 12.96  ? 49   GLY A N   1 
ATOM   352 C  CA  . GLY A 1 48 ? -5.154  -12.946 -8.169  1.00 14.22  ? 49   GLY A CA  1 
ATOM   353 C  C   . GLY A 1 48 ? -3.914  -12.491 -8.914  1.00 14.74  ? 49   GLY A C   1 
ATOM   354 O  O   . GLY A 1 48 ? -2.847  -13.100 -8.812  1.00 15.04  ? 49   GLY A O   1 
ATOM   355 N  N   . GLU A 1 49 ? -4.068  -11.376 -9.616  1.00 18.09  ? 50   GLU A N   1 
ATOM   356 C  CA  . GLU A 1 49 ? -3.010  -10.840 -10.475 1.00 17.37  ? 50   GLU A CA  1 
ATOM   357 C  C   . GLU A 1 49 ? -2.129  -9.757  -9.817  1.00 16.43  ? 50   GLU A C   1 
ATOM   358 O  O   . GLU A 1 49 ? -1.217  -9.209  -10.475 1.00 21.56  ? 50   GLU A O   1 
ATOM   359 C  CB  . GLU A 1 49 ? -3.631  -10.286 -11.757 1.00 20.12  ? 50   GLU A CB  1 
ATOM   360 C  CG  . GLU A 1 49 ? -4.398  -11.327 -12.550 1.00 22.06  ? 50   GLU A CG  1 
ATOM   361 C  CD  . GLU A 1 49 ? -3.518  -12.425 -13.126 1.00 22.91  ? 50   GLU A CD  1 
ATOM   362 O  OE1 . GLU A 1 49 ? -2.563  -12.116 -13.870 1.00 33.17  ? 50   GLU A OE1 1 
ATOM   363 O  OE2 . GLU A 1 49 ? -3.782  -13.611 -12.846 1.00 28.05  ? 50   GLU A OE2 1 
ATOM   364 N  N   . THR A 1 50 ? -2.361  -9.462  -8.538  1.00 17.47  ? 51   THR A N   1 
ATOM   365 C  CA  . THR A 1 50 ? -1.586  -8.439  -7.833  1.00 16.89  ? 51   THR A CA  1 
ATOM   366 C  C   . THR A 1 50 ? -0.104  -8.814  -7.824  1.00 15.38  ? 51   THR A C   1 
ATOM   367 O  O   . THR A 1 50 ? 0.231   -9.988  -7.621  1.00 15.78  ? 51   THR A O   1 
ATOM   368 C  CB  . THR A 1 50 ? -2.052  -8.296  -6.363  1.00 18.45  ? 51   THR A CB  1 
ATOM   369 O  OG1 . THR A 1 50 ? -3.462  -8.104  -6.324  1.00 22.15  ? 51   THR A OG1 1 
ATOM   370 C  CG2 . THR A 1 50 ? -1.380  -7.120  -5.674  1.00 18.12  ? 51   THR A CG2 1 
ATOM   371 N  N   . THR A 1 51 ? 0.758   -7.824  -8.040  1.00 13.97  ? 52   THR A N   1 
ATOM   372 C  CA  . THR A 1 51 ? 2.203   -7.962  -7.867  1.00 14.11  ? 52   THR A CA  1 
ATOM   373 C  C   . THR A 1 51 ? 2.683   -6.818  -6.984  1.00 14.75  ? 52   THR A C   1 
ATOM   374 O  O   . THR A 1 51 ? 2.013   -5.783  -6.879  1.00 12.63  ? 52   THR A O   1 
ATOM   375 C  CB  . THR A 1 51 ? 2.981   -7.849  -9.190  1.00 15.58  ? 52   THR A CB  1 
ATOM   376 O  OG1 . THR A 1 51 ? 2.842   -6.509  -9.662  1.00 14.78  ? 52   THR A OG1 1 
ATOM   377 C  CG2 . THR A 1 51 ? 2.472   -8.868  -10.236 1.00 18.94  ? 52   THR A CG2 1 
ATOM   378 N  N   . PRO A 1 52 ? 3.867   -6.978  -6.355  1.00 17.44  ? 53   PRO A N   1 
ATOM   379 C  CA  . PRO A 1 52 ? 4.432   -5.876  -5.583  1.00 17.51  ? 53   PRO A CA  1 
ATOM   380 C  C   . PRO A 1 52 ? 4.526   -4.586  -6.379  1.00 14.46  ? 53   PRO A C   1 
ATOM   381 O  O   . PRO A 1 52 ? 4.259   -3.506  -5.865  1.00 15.46  ? 53   PRO A O   1 
ATOM   382 C  CB  . PRO A 1 52 ? 5.798   -6.407  -5.170  1.00 19.48  ? 53   PRO A CB  1 
ATOM   383 C  CG  . PRO A 1 52 ? 5.584   -7.879  -5.045  1.00 21.89  ? 53   PRO A CG  1 
ATOM   384 C  CD  . PRO A 1 52 ? 4.622   -8.225  -6.135  1.00 18.13  ? 53   PRO A CD  1 
ATOM   385 N  N   . GLN A 1 53 ? 4.878   -4.695  -7.646  1.00 14.06  ? 54   GLN A N   1 
ATOM   386 C  CA  . GLN A 1 53 ? 5.049   -3.510  -8.455  1.00 14.10  ? 54   GLN A CA  1 
ATOM   387 C  C   . GLN A 1 53 ? 3.731   -2.803  -8.862  1.00 12.23  ? 54   GLN A C   1 
ATOM   388 O  O   . GLN A 1 53 ? 3.664   -1.566  -8.977  1.00 12.36  ? 54   GLN A O   1 
ATOM   389 C  CB  . GLN A 1 53 ? 5.930   -3.830  -9.645  1.00 16.84  ? 54   GLN A CB  1 
ATOM   390 C  CG  . GLN A 1 53 ? 7.395   -4.057  -9.231  1.00 18.65  ? 54   GLN A CG  1 
ATOM   391 C  CD  . GLN A 1 53 ? 8.332   -4.300  -10.394 1.00 19.97  ? 54   GLN A CD  1 
ATOM   392 O  OE1 . GLN A 1 53 ? 7.885   -4.554  -11.498 1.00 23.37  ? 54   GLN A OE1 1 
ATOM   393 N  NE2 . GLN A 1 53 ? 9.641   -4.233  -10.150 1.00 24.25  ? 54   GLN A NE2 1 
ATOM   394 N  N   . ILE A 1 54 ? 2.667   -3.573  -9.022  1.00 12.00  ? 55   ILE A N   1 
ATOM   395 C  CA  . ILE A 1 54 ? 1.339   -2.974  -9.211  1.00 12.43  ? 55   ILE A CA  1 
ATOM   396 C  C   . ILE A 1 54 ? 0.922   -2.225  -7.933  1.00 9.92   ? 55   ILE A C   1 
ATOM   397 O  O   . ILE A 1 54 ? 0.323   -1.138  -7.989  1.00 10.12  ? 55   ILE A O   1 
ATOM   398 C  CB  . ILE A 1 54 ? 0.294   -4.042  -9.608  1.00 12.67  ? 55   ILE A CB  1 
ATOM   399 C  CG1 . ILE A 1 54 ? 0.591   -4.516  -11.040 1.00 13.67  ? 55   ILE A CG1 1 
ATOM   400 C  CG2 . ILE A 1 54 ? -1.145  -3.548  -9.450  1.00 15.37  ? 55   ILE A CG2 1 
ATOM   401 C  CD1 . ILE A 1 54 ? -0.239  -5.715  -11.464 1.00 15.48  ? 55   ILE A CD1 1 
ATOM   402 N  N   . LEU A 1 55 ? 1.259   -2.783  -6.766  1.00 10.45  ? 56   LEU A N   1 
ATOM   403 C  CA  . LEU A 1 55 ? 0.970   -2.116  -5.484  1.00 10.48  ? 56   LEU A CA  1 
ATOM   404 C  C   . LEU A 1 55 ? 1.727   -0.804  -5.334  1.00 10.41  ? 56   LEU A C   1 
ATOM   405 O  O   . LEU A 1 55 ? 1.165   0.237   -4.949  1.00 11.39  ? 56   LEU A O   1 
ATOM   406 C  CB  . LEU A 1 55 ? 1.267   -3.029  -4.292  1.00 12.34  ? 56   LEU A CB  1 
ATOM   407 C  CG  . LEU A 1 55 ? 0.402   -4.275  -4.245  1.00 12.88  ? 56   LEU A CG  1 
ATOM   408 C  CD1 . LEU A 1 55 ? 0.943   -5.191  -3.156  1.00 14.68  ? 56   LEU A CD1 1 
ATOM   409 C  CD2 . LEU A 1 55 ? -1.045  -3.910  -3.997  1.00 15.09  ? 56   LEU A CD2 1 
ATOM   410 N  N   . THR A 1 56 ? 3.015   -0.803  -5.651  1.00 11.52  ? 57   THR A N   1 
ATOM   411 C  CA  . THR A 1 56 ? 3.759   0.444   -5.503  1.00 12.46  ? 57   THR A CA  1 
ATOM   412 C  C   . THR A 1 56 ? 3.300   1.475   -6.547  1.00 11.31  ? 57   THR A C   1 
ATOM   413 O  O   . THR A 1 56 ? 3.268   2.664   -6.260  1.00 10.38  ? 57   THR A O   1 
ATOM   414 C  CB  . THR A 1 56 ? 5.276   0.237   -5.481  1.00 15.17  ? 57   THR A CB  1 
ATOM   415 O  OG1 . THR A 1 56 ? 5.648   -0.395  -6.691  1.00 16.52  ? 57   THR A OG1 1 
ATOM   416 C  CG2 . THR A 1 56 ? 5.704   -0.631  -4.285  1.00 18.22  ? 57   THR A CG2 1 
ATOM   417 N  N   . ASP A 1 57 ? 2.861   1.032   -7.734  1.00 11.34  ? 58   ASP A N   1 
ATOM   418 C  CA  . ASP A 1 57 ? 2.238   1.959   -8.683  1.00 11.19  ? 58   ASP A CA  1 
ATOM   419 C  C   . ASP A 1 57 ? 0.928   2.591   -8.169  1.00 9.97   ? 58   ASP A C   1 
ATOM   420 O  O   . ASP A 1 57 ? 0.679   3.790   -8.376  1.00 9.74   ? 58   ASP A O   1 
ATOM   421 C  CB  . ASP A 1 57 ? 2.003   1.289   -10.041 1.00 12.23  ? 58   ASP A CB  1 
ATOM   422 C  CG  . ASP A 1 57 ? 1.691   2.305   -11.151 1.00 11.86  ? 58   ASP A CG  1 
ATOM   423 O  OD1 . ASP A 1 57 ? 2.212   3.433   -11.099 1.00 12.93  ? 58   ASP A OD1 1 
ATOM   424 O  OD2 . ASP A 1 57 ? 0.912   2.004   -12.099 1.00 13.53  ? 58   ASP A OD2 1 
ATOM   425 N  N   . ALA A 1 58 ? 0.100   1.819   -7.471  1.00 10.37  ? 59   ALA A N   1 
ATOM   426 C  CA  . ALA A 1 58 ? -1.119  2.377   -6.895  1.00 9.68   ? 59   ALA A CA  1 
ATOM   427 C  C   . ALA A 1 58 ? -0.743  3.523   -5.957  1.00 8.38   ? 59   ALA A C   1 
ATOM   428 O  O   . ALA A 1 58 ? -1.412  4.576   -5.921  1.00 9.33   ? 59   ALA A O   1 
ATOM   429 C  CB  . ALA A 1 58 ? -1.920  1.304   -6.158  1.00 11.71  ? 59   ALA A CB  1 
ATOM   430 N  N   . VAL A 1 59 ? 0.294   3.313   -5.150  1.00 9.34   ? 60   VAL A N   1 
ATOM   431 C  CA  . VAL A 1 59 ? 0.698   4.335   -4.184  1.00 9.08   ? 60   VAL A CA  1 
ATOM   432 C  C   . VAL A 1 59 ? 1.218   5.579   -4.910  1.00 8.34   ? 60   VAL A C   1 
ATOM   433 O  O   . VAL A 1 59 ? 0.894   6.705   -4.536  1.00 9.07   ? 60   VAL A O   1 
ATOM   434 C  CB  . VAL A 1 59 ? 1.733   3.768   -3.208  1.00 8.80   ? 60   VAL A CB  1 
ATOM   435 C  CG1 . VAL A 1 59 ? 2.261   4.857   -2.283  1.00 9.83   ? 60   VAL A CG1 1 
ATOM   436 C  CG2 . VAL A 1 59 ? 1.143   2.620   -2.397  1.00 8.52   ? 60   VAL A CG2 1 
ATOM   437 N  N   . GLU A 1 60 ? 1.980   5.371   -5.987  1.00 8.96   ? 61   GLU A N   1 
ATOM   438 C  CA  . GLU A 1 60 ? 2.465   6.486   -6.805  1.00 10.50  ? 61   GLU A CA  1 
ATOM   439 C  C   . GLU A 1 60 ? 1.331   7.309   -7.413  1.00 10.40  ? 61   GLU A C   1 
ATOM   440 O  O   . GLU A 1 60 ? 1.317   8.530   -7.383  1.00 11.15  ? 61   GLU A O   1 
ATOM   441 C  CB  . GLU A 1 60 ? 3.338   5.941   -7.954  1.00 11.40  ? 61   GLU A CB  1 
ATOM   442 C  CG  . GLU A 1 60 ? 4.224   6.986   -8.614  1.00 13.65  ? 61   GLU A CG  1 
ATOM   443 C  CD  . GLU A 1 60 ? 5.595   7.118   -7.961  1.00 15.68  ? 61   GLU A CD  1 
ATOM   444 O  OE1 . GLU A 1 60 ? 5.890   6.480   -6.920  1.00 14.64  ? 61   GLU A OE1 1 
ATOM   445 O  OE2 . GLU A 1 60 ? 6.402   7.830   -8.555  1.00 18.14  ? 61   GLU A OE2 1 
ATOM   446 N  N   . ARG A 1 61 ? 0.376   6.604   -8.001  1.00 9.76   ? 62   ARG A N   1 
ATOM   447 C  CA  . ARG A 1 61 ? -0.770  7.216   -8.671  1.00 11.22  ? 62   ARG A CA  1 
ATOM   448 C  C   . ARG A 1 61 ? -1.628  8.026   -7.683  1.00 11.05  ? 62   ARG A C   1 
ATOM   449 O  O   . ARG A 1 61 ? -2.282  8.983   -8.072  1.00 13.74  ? 62   ARG A O   1 
ATOM   450 C  CB  . ARG A 1 61 ? -1.601  6.133   -9.384  1.00 11.31  ? 62   ARG A CB  1 
ATOM   451 C  CG  . ARG A 1 61 ? -0.908  5.546   -10.601 1.00 11.24  ? 62   ARG A CG  1 
ATOM   452 C  CD  . ARG A 1 61 ? -1.648  4.296   -11.036 1.00 12.20  ? 62   ARG A CD  1 
ATOM   453 N  NE  . ARG A 1 61 ? -1.210  3.762   -12.323 1.00 12.61  ? 62   ARG A NE  1 
ATOM   454 C  CZ  . ARG A 1 61 ? -1.710  4.117   -13.509 1.00 12.54  ? 62   ARG A CZ  1 
ATOM   455 N  NH1 . ARG A 1 61 ? -2.622  5.081   -13.598 1.00 14.13  ? 62   ARG A NH1 1 
ATOM   456 N  NH2 . ARG A 1 61 ? -1.259  3.555   -14.621 1.00 12.97  ? 62   ARG A NH2 1 
ATOM   457 N  N   . ALA A 1 62 ? -1.607  7.650   -6.399  1.00 10.75  ? 63   ALA A N   1 
ATOM   458 C  CA  . ALA A 1 62 ? -2.339  8.352   -5.351  1.00 11.31  ? 63   ALA A CA  1 
ATOM   459 C  C   . ALA A 1 62 ? -1.605  9.578   -4.826  1.00 12.35  ? 63   ALA A C   1 
ATOM   460 O  O   . ALA A 1 62 ? -2.143  10.314  -3.985  1.00 15.14  ? 63   ALA A O   1 
ATOM   461 C  CB  . ALA A 1 62 ? -2.637  7.395   -4.210  1.00 12.13  ? 63   ALA A CB  1 
ATOM   462 N  N   . GLY A 1 63 ? -0.382  9.773   -5.299  1.00 11.79  ? 64   GLY A N   1 
ATOM   463 C  CA  . GLY A 1 63 ? 0.406   10.936  -4.964  1.00 13.67  ? 64   GLY A CA  1 
ATOM   464 C  C   . GLY A 1 63 ? 1.456   10.730  -3.878  1.00 13.47  ? 64   GLY A C   1 
ATOM   465 O  O   . GLY A 1 63 ? 1.962   11.711  -3.318  1.00 17.50  ? 64   GLY A O   1 
ATOM   466 N  N   . TYR A 1 64 ? 1.805   9.480   -3.593  1.00 11.03  ? 65   TYR A N   1 
ATOM   467 C  CA  . TYR A 1 64 ? 2.788   9.154   -2.586  1.00 11.08  ? 65   TYR A CA  1 
ATOM   468 C  C   . TYR A 1 64 ? 3.905   8.338   -3.258  1.00 11.28  ? 65   TYR A C   1 
ATOM   469 O  O   . TYR A 1 64 ? 3.992   8.310   -4.471  1.00 12.66  ? 65   TYR A O   1 
ATOM   470 C  CB  . TYR A 1 64 ? 2.136   8.394   -1.398  1.00 11.04  ? 65   TYR A CB  1 
ATOM   471 C  CG  . TYR A 1 64 ? 0.953   9.134   -0.831  1.00 11.28  ? 65   TYR A CG  1 
ATOM   472 C  CD1 . TYR A 1 64 ? 1.115   10.126  0.132   1.00 11.79  ? 65   TYR A CD1 1 
ATOM   473 C  CD2 . TYR A 1 64 ? -0.323  8.904   -1.313  1.00 10.97  ? 65   TYR A CD2 1 
ATOM   474 C  CE1 . TYR A 1 64 ? 0.041   10.839  0.613   1.00 12.98  ? 65   TYR A CE1 1 
ATOM   475 C  CE2 . TYR A 1 64 ? -1.405  9.619   -0.860  1.00 12.30  ? 65   TYR A CE2 1 
ATOM   476 C  CZ  . TYR A 1 64 ? -1.225  10.578  0.125   1.00 12.17  ? 65   TYR A CZ  1 
ATOM   477 O  OH  . TYR A 1 64 ? -2.343  11.266  0.561   1.00 13.96  ? 65   TYR A OH  1 
ATOM   478 N  N   . HIS A 1 65 ? 4.737   7.658   -2.485  1.00 11.60  ? 66   HIS A N   1 
ATOM   479 C  CA  . HIS A 1 65 ? 5.740   6.762   -3.063  1.00 11.42  ? 66   HIS A CA  1 
ATOM   480 C  C   . HIS A 1 65 ? 5.926   5.601   -2.135  1.00 10.32  ? 66   HIS A C   1 
ATOM   481 O  O   . HIS A 1 65 ? 5.866   5.759   -0.906  1.00 12.46  ? 66   HIS A O   1 
ATOM   482 C  CB  . HIS A 1 65 ? 7.044   7.538   -3.313  1.00 12.65  ? 66   HIS A CB  1 
ATOM   483 C  CG  . HIS A 1 65 ? 8.131   6.727   -3.993  1.00 13.70  ? 66   HIS A CG  1 
ATOM   484 N  ND1 . HIS A 1 65 ? 8.065   6.325   -5.285  1.00 14.89  ? 66   HIS A ND1 1 
ATOM   485 C  CD2 . HIS A 1 65 ? 9.364   6.292   -3.514  1.00 13.97  ? 66   HIS A CD2 1 
ATOM   486 C  CE1 . HIS A 1 65 ? 9.183   5.625   -5.593  1.00 15.17  ? 66   HIS A CE1 1 
ATOM   487 N  NE2 . HIS A 1 65 ? 9.972   5.607   -4.513  1.00 13.91  ? 66   HIS A NE2 1 
ATOM   488 N  N   . ALA A 1 66 ? 6.139   4.420   -2.707  1.00 10.38  ? 67   ALA A N   1 
ATOM   489 C  CA  . ALA A 1 66 ? 6.380   3.226   -1.941  1.00 10.20  ? 67   ALA A CA  1 
ATOM   490 C  C   . ALA A 1 66 ? 7.598   2.488   -2.470  1.00 10.62  ? 67   ALA A C   1 
ATOM   491 O  O   . ALA A 1 66 ? 7.994   2.633   -3.628  1.00 12.82  ? 67   ALA A O   1 
ATOM   492 C  CB  . ALA A 1 66 ? 5.156   2.315   -1.968  1.00 11.24  ? 67   ALA A CB  1 
ATOM   493 N  N   . ARG A 1 67 ? 8.172   1.671   -1.611  1.00 11.37  ? 68   ARG A N   1 
ATOM   494 C  CA  . ARG A 1 67 ? 9.181   0.758   -2.032  1.00 12.87  ? 68   ARG A CA  1 
ATOM   495 C  C   . ARG A 1 67 ? 8.963   -0.599  -1.397  1.00 11.61  ? 68   ARG A C   1 
ATOM   496 O  O   . ARG A 1 67 ? 8.412   -0.742  -0.308  1.00 12.09  ? 68   ARG A O   1 
ATOM   497 C  CB  . ARG A 1 67 ? 10.609  1.309   -1.875  1.00 18.72  ? 68   ARG A CB  1 
ATOM   498 C  CG  . ARG A 1 67 ? 11.112  1.419   -0.487  1.00 18.38  ? 68   ARG A CG  1 
ATOM   499 C  CD  . ARG A 1 67 ? 12.515  2.013   -0.435  1.00 21.43  ? 68   ARG A CD  1 
ATOM   500 N  NE  . ARG A 1 67 ? 13.059  1.834   0.910   1.00 26.22  ? 68   ARG A NE  1 
ATOM   501 C  CZ  . ARG A 1 67 ? 13.823  0.812   1.301   1.00 27.95  ? 68   ARG A CZ  1 
ATOM   502 N  NH1 . ARG A 1 67 ? 14.189  -0.137  0.448   1.00 25.15  ? 68   ARG A NH1 1 
ATOM   503 N  NH2 . ARG A 1 67 ? 14.242  0.756   2.561   1.00 32.45  ? 68   ARG A NH2 1 
ATOM   504 N  N   . VAL A 1 68 ? 9.345   -1.587  -2.157  1.00 14.83  ? 69   VAL A N   1 
ATOM   505 C  CA  . VAL A 1 68 ? 9.080   -2.947  -1.877  1.00 18.20  ? 69   VAL A CA  1 
ATOM   506 C  C   . VAL A 1 68 ? 10.169  -3.360  -0.918  1.00 17.41  ? 69   VAL A C   1 
ATOM   507 O  O   . VAL A 1 68 ? 11.378  -3.160  -1.184  1.00 21.60  ? 69   VAL A O   1 
ATOM   508 C  CB  . VAL A 1 68 ? 9.122   -3.814  -3.154  1.00 21.75  ? 69   VAL A CB  1 
ATOM   509 C  CG1 . VAL A 1 68 ? 8.857   -5.259  -2.778  1.00 25.57  ? 69   VAL A CG1 1 
ATOM   510 C  CG2 . VAL A 1 68 ? 8.116   -3.304  -4.197  1.00 20.01  ? 69   VAL A CG2 1 
ATOM   511 N  N   . LEU A 1 69 ? 9.736   -3.925  0.210   1.00 18.25  ? 70   LEU A N   1 
ATOM   512 C  CA  . LEU A 1 69 ? 10.664  -4.457  1.212   1.00 22.92  ? 70   LEU A CA  1 
ATOM   513 C  C   . LEU A 1 69 ? 10.794  -5.976  1.108   1.00 28.18  ? 70   LEU A C   1 
ATOM   514 O  O   . LEU A 1 69 ? 9.871   -6.680  0.692   1.00 30.03  ? 70   LEU A O   1 
ATOM   515 C  CB  . LEU A 1 69 ? 10.177  -4.086  2.616   1.00 24.40  ? 70   LEU A CB  1 
ATOM   516 C  CG  . LEU A 1 69 ? 10.032  -2.594  2.945   1.00 21.70  ? 70   LEU A CG  1 
ATOM   517 C  CD1 . LEU A 1 69 ? 9.350   -2.428  4.300   1.00 22.71  ? 70   LEU A CD1 1 
ATOM   518 C  CD2 . LEU A 1 69 ? 11.388  -1.886  2.908   1.00 23.41  ? 70   LEU A CD2 1 
HETATM 519 ZN ZN  . ZN  B 2 .  ? -1.053  14.276  4.946   1.00 13.53  ? 71   ZN  A ZN  1 
HETATM 520 O  O   . HOH C 3 .  ? -6.156  -15.455 -0.480  1.00 26.80  ? 2001 HOH A O   1 
HETATM 521 O  O   . HOH C 3 .  ? 0.740   -18.247 0.689   1.00 29.09  ? 2002 HOH A O   1 
HETATM 522 O  O   . HOH C 3 .  ? 3.941   -16.389 -0.733  1.00 39.98  ? 2003 HOH A O   1 
HETATM 523 O  O   . HOH C 3 .  ? 3.349   -14.312 1.340   1.00 48.90  ? 2004 HOH A O   1 
HETATM 524 O  O   . HOH C 3 .  ? 4.271   -11.755 -1.712  1.00 33.09  ? 2005 HOH A O   1 
HETATM 525 O  O   . HOH C 3 .  ? 12.290  7.072   8.680   1.00 35.80  ? 2006 HOH A O   1 
HETATM 526 O  O   . HOH C 3 .  ? 14.592  5.437   -0.169  1.00 20.20  ? 2007 HOH A O   1 
HETATM 527 O  O   . HOH C 3 .  ? 13.228  5.972   2.245   1.00 36.10  ? 2008 HOH A O   1 
HETATM 528 O  O   . HOH C 3 .  ? 13.160  11.364  4.124   1.00 33.62  ? 2009 HOH A O   1 
HETATM 529 O  O   . HOH C 3 .  ? 11.519  12.967  -1.274  1.00 30.11  ? 2010 HOH A O   1 
HETATM 530 O  O   . HOH C 3 .  ? 9.042   12.315  2.172   1.00 35.26  ? 2011 HOH A O   1 
HETATM 531 O  O   . HOH C 3 .  ? 7.278   -8.009  2.831   1.00 34.85  ? 2012 HOH A O   1 
HETATM 532 O  O   . HOH C 3 .  ? -1.611  16.999  10.436  1.00 28.93  ? 2013 HOH A O   1 
HETATM 533 O  O   . HOH C 3 .  ? 9.889   3.113   8.024   1.00 22.80  ? 2014 HOH A O   1 
HETATM 534 O  O   . HOH C 3 .  ? 9.585   6.028   4.624   1.00 29.70  ? 2015 HOH A O   1 
HETATM 535 O  O   . HOH C 3 .  ? 10.080  5.793   7.527   1.00 26.89  ? 2016 HOH A O   1 
HETATM 536 O  O   . HOH C 3 .  ? 5.591   8.210   4.923   1.00 11.90  ? 2017 HOH A O   1 
HETATM 537 O  O   . HOH C 3 .  ? -12.038 -0.144  -0.531  1.00 24.51  ? 2018 HOH A O   1 
HETATM 538 O  O   . HOH C 3 .  ? 5.909   10.904  -1.415  1.00 34.35  ? 2019 HOH A O   1 
HETATM 539 O  O   . HOH C 3 .  ? 12.893  6.784   -2.039  1.00 18.65  ? 2020 HOH A O   1 
HETATM 540 O  O   . HOH C 3 .  ? 12.849  9.322   1.988   1.00 32.53  ? 2021 HOH A O   1 
HETATM 541 O  O   . HOH C 3 .  ? 11.206  11.019  0.621   1.00 36.15  ? 2022 HOH A O   1 
HETATM 542 O  O   . HOH C 3 .  ? -7.927  5.913   -6.006  1.00 32.40  ? 2023 HOH A O   1 
HETATM 543 O  O   . HOH C 3 .  ? -10.975 6.727   -2.435  1.00 27.22  ? 2024 HOH A O   1 
HETATM 544 O  O   . HOH C 3 .  ? -3.582  1.781   -9.077  1.00 26.18  ? 2025 HOH A O   1 
HETATM 545 O  O   . HOH C 3 .  ? 7.902   10.803  3.846   1.00 19.21  ? 2026 HOH A O   1 
HETATM 546 O  O   . HOH C 3 .  ? 2.250   13.921  1.586   1.00 34.35  ? 2027 HOH A O   1 
HETATM 547 O  O   . HOH C 3 .  ? 5.824   12.473  5.181   1.00 30.33  ? 2028 HOH A O   1 
HETATM 548 O  O   . HOH C 3 .  ? 4.573   10.118  9.223   1.00 19.91  ? 2029 HOH A O   1 
HETATM 549 O  O   . HOH C 3 .  ? -7.811  -9.314  -11.940 1.00 35.22  ? 2030 HOH A O   1 
HETATM 550 O  O   . HOH C 3 .  ? -10.491 -9.932  -8.777  1.00 33.48  ? 2031 HOH A O   1 
HETATM 551 O  O   . HOH C 3 .  ? -12.228 -10.116 0.163   1.00 26.82  ? 2032 HOH A O   1 
HETATM 552 O  O   . HOH C 3 .  ? 4.077   12.830  10.902  1.00 30.78  ? 2033 HOH A O   1 
HETATM 553 O  O   . HOH C 3 .  ? 2.991   16.576  3.765   1.00 34.93  ? 2034 HOH A O   1 
HETATM 554 O  O   . HOH C 3 .  ? 2.690   17.187  8.355   1.00 37.75  ? 2035 HOH A O   1 
HETATM 555 O  O   . HOH C 3 .  ? -1.045  17.331  7.645   1.00 19.34  ? 2036 HOH A O   1 
HETATM 556 O  O   . HOH C 3 .  ? 4.201   -3.009  9.145   1.00 35.85  ? 2037 HOH A O   1 
HETATM 557 O  O   . HOH C 3 .  ? -2.263  12.855  11.634  1.00 17.18  ? 2038 HOH A O   1 
HETATM 558 O  O   . HOH C 3 .  ? -5.812  6.555   8.750   1.00 14.62  ? 2039 HOH A O   1 
HETATM 559 O  O   . HOH C 3 .  ? -5.629  11.670  13.279  1.00 28.08  ? 2040 HOH A O   1 
HETATM 560 O  O   . HOH C 3 .  ? -7.448  10.774  9.967   1.00 28.94  ? 2041 HOH A O   1 
HETATM 561 O  O   . HOH C 3 .  ? -4.800  12.612  2.367   1.00 17.50  ? 2042 HOH A O   1 
HETATM 562 O  O   . HOH C 3 .  ? -8.359  10.136  3.595   1.00 21.54  ? 2043 HOH A O   1 
HETATM 563 O  O   . HOH C 3 .  ? 1.946   -7.317  -13.748 1.00 102.35 ? 2044 HOH A O   1 
HETATM 564 O  O   . HOH C 3 .  ? 6.033   -9.682  -9.920  1.00 36.85  ? 2045 HOH A O   1 
HETATM 565 O  O   . HOH C 3 .  ? -6.653  7.516   -2.230  1.00 17.69  ? 2046 HOH A O   1 
HETATM 566 O  O   . HOH C 3 .  ? 5.057   -10.605 -12.656 1.00 48.04  ? 2047 HOH A O   1 
HETATM 567 O  O   . HOH C 3 .  ? -4.192  -1.651  -10.089 1.00 26.76  ? 2048 HOH A O   1 
HETATM 568 O  O   . HOH C 3 .  ? -7.905  -2.768  3.360   1.00 25.78  ? 2049 HOH A O   1 
HETATM 569 O  O   . HOH C 3 .  ? -11.114 -0.865  2.004   1.00 14.61  ? 2050 HOH A O   1 
HETATM 570 O  O   . HOH C 3 .  ? -5.559  7.125   -6.575  1.00 26.02  ? 2051 HOH A O   1 
HETATM 571 O  O   . HOH C 3 .  ? -10.830 2.017   -1.557  1.00 19.03  ? 2052 HOH A O   1 
HETATM 572 O  O   . HOH C 3 .  ? -15.100 8.079   3.106   1.00 26.50  ? 2053 HOH A O   1 
HETATM 573 O  O   . HOH C 3 .  ? -8.480  5.889   -3.578  1.00 28.11  ? 2054 HOH A O   1 
HETATM 574 O  O   . HOH C 3 .  ? -5.345  2.356   -6.996  1.00 17.28  ? 2055 HOH A O   1 
HETATM 575 O  O   . HOH C 3 .  ? -9.460  -4.663  -1.579  1.00 17.78  ? 2056 HOH A O   1 
HETATM 576 O  O   . HOH C 3 .  ? -9.514  -4.659  -5.500  1.00 17.54  ? 2057 HOH A O   1 
HETATM 577 O  O   . HOH C 3 .  ? -12.753 6.556   -4.490  1.00 28.93  ? 2058 HOH A O   1 
HETATM 578 O  O   . HOH C 3 .  ? -3.595  -6.240  -10.007 1.00 23.47  ? 2059 HOH A O   1 
HETATM 579 O  O   . HOH C 3 .  ? -6.579  -9.968  -9.587  1.00 25.36  ? 2060 HOH A O   1 
HETATM 580 O  O   . HOH C 3 .  ? -8.636  -10.894 -7.605  1.00 22.85  ? 2061 HOH A O   1 
HETATM 581 O  O   . HOH C 3 .  ? -9.480  -7.730  -4.911  1.00 19.84  ? 2062 HOH A O   1 
HETATM 582 O  O   . HOH C 3 .  ? -11.406 -7.389  0.411   1.00 19.74  ? 2063 HOH A O   1 
HETATM 583 O  O   . HOH C 3 .  ? -9.186  -4.624  1.220   1.00 29.27  ? 2064 HOH A O   1 
HETATM 584 O  O   . HOH C 3 .  ? -6.353  -12.168 2.818   1.00 28.18  ? 2065 HOH A O   1 
HETATM 585 O  O   . HOH C 3 .  ? -11.184 -11.613 -1.944  1.00 32.86  ? 2066 HOH A O   1 
HETATM 586 O  O   . HOH C 3 .  ? -11.824 -11.082 2.696   1.00 27.72  ? 2067 HOH A O   1 
HETATM 587 O  O   . HOH C 3 .  ? -2.800  -7.179  5.493   1.00 29.66  ? 2068 HOH A O   1 
HETATM 588 O  O   . HOH C 3 .  ? -5.189  0.122   7.117   1.00 19.33  ? 2069 HOH A O   1 
HETATM 589 O  O   . HOH C 3 .  ? 1.752   -3.160  11.235  1.00 27.23  ? 2070 HOH A O   1 
HETATM 590 O  O   . HOH C 3 .  ? -4.310  0.414   10.205  1.00 29.49  ? 2071 HOH A O   1 
HETATM 591 O  O   . HOH C 3 .  ? 4.616   8.315   11.240  1.00 17.14  ? 2072 HOH A O   1 
HETATM 592 O  O   . HOH C 3 .  ? 9.239   9.247   5.541   1.00 28.36  ? 2073 HOH A O   1 
HETATM 593 O  O   . HOH C 3 .  ? 9.325   -4.092  9.732   1.00 27.57  ? 2074 HOH A O   1 
HETATM 594 O  O   . HOH C 3 .  ? -10.294 -10.331 -4.598  1.00 23.71  ? 2075 HOH A O   1 
HETATM 595 O  O   . HOH C 3 .  ? -3.242  -15.943 -9.387  1.00 18.50  ? 2076 HOH A O   1 
HETATM 596 O  O   . HOH C 3 .  ? -3.048  -9.300  -15.359 1.00 33.71  ? 2077 HOH A O   1 
HETATM 597 O  O   . HOH C 3 .  ? -4.637  -15.731 -15.305 1.00 47.86  ? 2078 HOH A O   1 
HETATM 598 O  O   . HOH C 3 .  ? -5.212  -14.962 -11.298 1.00 21.40  ? 2079 HOH A O   1 
HETATM 599 O  O   . HOH C 3 .  ? 3.742   -6.142  -12.274 1.00 23.74  ? 2080 HOH A O   1 
HETATM 600 O  O   . HOH C 3 .  ? 6.357   -6.980  -8.759  1.00 25.85  ? 2081 HOH A O   1 
HETATM 601 O  O   . HOH C 3 .  ? 5.739   0.014   -9.562  1.00 24.35  ? 2082 HOH A O   1 
HETATM 602 O  O   . HOH C 3 .  ? 5.993   -7.564  -11.591 1.00 40.84  ? 2083 HOH A O   1 
HETATM 603 O  O   . HOH C 3 .  ? -1.750  -0.110  -9.681  1.00 15.96  ? 2084 HOH A O   1 
HETATM 604 O  O   . HOH C 3 .  ? 5.526   4.162   -5.563  1.00 14.68  ? 2085 HOH A O   1 
HETATM 605 O  O   . HOH C 3 .  ? 8.107   -1.890  -6.673  1.00 30.71  ? 2086 HOH A O   1 
HETATM 606 O  O   . HOH C 3 .  ? 6.711   2.102   -7.540  1.00 25.26  ? 2087 HOH A O   1 
HETATM 607 O  O   . HOH C 3 .  ? -0.686  -0.096  -12.189 1.00 21.17  ? 2088 HOH A O   1 
HETATM 608 O  O   . HOH C 3 .  ? -3.984  4.856   -7.003  1.00 14.63  ? 2089 HOH A O   1 
HETATM 609 O  O   . HOH C 3 .  ? 3.689   10.378  -6.264  1.00 24.00  ? 2090 HOH A O   1 
HETATM 610 O  O   . HOH C 3 .  ? 8.986   7.824   -8.374  1.00 27.54  ? 2091 HOH A O   1 
HETATM 611 O  O   . HOH C 3 .  ? 5.919   9.132   -10.921 1.00 21.70  ? 2092 HOH A O   1 
HETATM 612 O  O   . HOH C 3 .  ? -3.998  9.055   -10.294 1.00 28.13  ? 2093 HOH A O   1 
HETATM 613 O  O   . HOH C 3 .  ? -1.496  11.500  -10.537 1.00 34.24  ? 2094 HOH A O   1 
HETATM 614 O  O   . HOH C 3 .  ? -4.342  6.608   -11.723 1.00 23.23  ? 2095 HOH A O   1 
HETATM 615 O  O   . HOH C 3 .  ? -2.830  3.717   -17.050 1.00 15.08  ? 2096 HOH A O   1 
HETATM 616 O  O   . HOH C 3 .  ? -1.723  12.861  -2.452  1.00 34.21  ? 2097 HOH A O   1 
HETATM 617 O  O   . HOH C 3 .  ? -4.726  10.434  -2.804  1.00 28.88  ? 2098 HOH A O   1 
HETATM 618 O  O   . HOH C 3 .  ? 3.550   12.733  -1.252  1.00 27.66  ? 2099 HOH A O   1 
HETATM 619 O  O   . HOH C 3 .  ? 2.225   14.189  -4.671  1.00 37.58  ? 2100 HOH A O   1 
HETATM 620 O  O   . HOH C 3 .  ? 7.846   2.894   -6.649  1.00 29.85  ? 2101 HOH A O   1 
HETATM 621 O  O   . HOH C 3 .  ? 13.301  -1.133  -2.185  1.00 32.00  ? 2102 HOH A O   1 
HETATM 622 O  O   . HOH C 3 .  ? 10.210  -0.488  -4.888  1.00 24.57  ? 2103 HOH A O   1 
HETATM 623 O  O   . HOH C 3 .  ? 12.790  -6.227  -0.537  1.00 38.18  ? 2104 HOH A O   1 
HETATM 624 O  O   . HOH C 3 .  ? 11.950  -8.291  2.417   1.00 43.12  ? 2105 HOH A O   1 
# 
loop_
_atom_site_anisotrop.id 
_atom_site_anisotrop.type_symbol 
_atom_site_anisotrop.pdbx_label_atom_id 
_atom_site_anisotrop.pdbx_label_alt_id 
_atom_site_anisotrop.pdbx_label_comp_id 
_atom_site_anisotrop.pdbx_label_asym_id 
_atom_site_anisotrop.pdbx_label_seq_id 
_atom_site_anisotrop.pdbx_PDB_ins_code 
_atom_site_anisotrop.U[1][1] 
_atom_site_anisotrop.U[2][2] 
_atom_site_anisotrop.U[3][3] 
_atom_site_anisotrop.U[1][2] 
_atom_site_anisotrop.U[1][3] 
_atom_site_anisotrop.U[2][3] 
_atom_site_anisotrop.pdbx_auth_seq_id 
_atom_site_anisotrop.pdbx_auth_comp_id 
_atom_site_anisotrop.pdbx_auth_asym_id 
_atom_site_anisotrop.pdbx_auth_atom_id 
1   N  N   . ALA A 1  ? 0.2996 0.2078 0.3665 -0.0631 -0.0446 -0.0265 2    ALA A N   
2   C  CA  . ALA A 1  ? 0.2256 0.2094 0.2753 -0.0277 -0.0150 0.0036  2    ALA A CA  
3   C  C   . ALA A 1  ? 0.2239 0.1732 0.2697 -0.0143 -0.0273 -0.0007 2    ALA A C   
4   O  O   . ALA A 1  ? 0.2617 0.2175 0.2850 -0.0481 -0.0384 0.0562  2    ALA A O   
5   C  CB  . ALA A 1  ? 0.1888 0.2490 0.3711 0.0209  -0.0474 -0.0550 2    ALA A CB  
6   N  N   . GLN A 2  ? 0.2536 0.1656 0.3001 -0.0086 -0.0327 0.0234  3    GLN A N   
7   C  CA  . GLN A 2  ? 0.2443 0.1678 0.2928 0.0112  -0.0025 -0.0331 3    GLN A CA  
8   C  C   . GLN A 2  ? 0.2071 0.1552 0.2058 -0.0187 -0.0156 -0.0053 3    GLN A C   
9   O  O   . GLN A 2  ? 0.2285 0.1632 0.2530 -0.0067 -0.0549 -0.0066 3    GLN A O   
10  C  CB  . GLN A 2  ? 0.3316 0.2103 0.2908 0.0316  0.0150  -0.0785 3    GLN A CB  
11  C  CG  . GLN A 2  ? 0.4152 0.2868 0.3116 -0.0266 0.0058  -0.1078 3    GLN A CG  
12  C  CD  . GLN A 2  ? 0.2686 0.3916 0.3760 -0.0113 0.0936  -0.1444 3    GLN A CD  
13  O  OE1 . GLN A 2  ? 0.3496 0.4321 0.4789 -0.1867 -0.0153 -0.1756 3    GLN A OE1 
14  N  NE2 . GLN A 2  ? 0.2645 0.3933 0.6606 -0.0014 0.1092  -0.1523 3    GLN A NE2 
15  N  N   . THR A 3  ? 0.2120 0.1372 0.3064 0.0004  -0.0530 -0.0018 4    THR A N   
16  C  CA  . THR A 3  ? 0.2552 0.1576 0.3075 0.0143  -0.0599 -0.0261 4    THR A CA  
17  C  C   . THR A 3  ? 0.2112 0.1608 0.3459 0.0390  -0.0656 -0.0271 4    THR A C   
18  O  O   . THR A 3  ? 0.1889 0.1683 0.5114 0.0269  -0.0859 -0.0788 4    THR A O   
19  C  CB  . THR A 3  ? 0.3646 0.2795 0.3044 0.0397  -0.0756 -0.0291 4    THR A CB  
20  O  OG1 . THR A 3  ? 0.4667 0.4318 0.3403 -0.0033 -0.0364 -0.0064 4    THR A OG1 
21  C  CG2 . THR A 3  ? 0.4046 0.2757 0.3434 -0.0174 -0.0730 -0.0272 4    THR A CG2 
22  N  N   . ILE A 4  ? 0.1647 0.1607 0.3810 0.0248  -0.0179 -0.0656 5    ILE A N   
23  C  CA  . ILE A 4  ? 0.1654 0.1944 0.3328 0.0159  -0.0202 -0.0681 5    ILE A CA  
24  C  C   . ILE A 4  ? 0.1938 0.1466 0.3935 0.0252  -0.0459 -0.0535 5    ILE A C   
25  O  O   . ILE A 4  ? 0.1881 0.1841 0.3808 0.0220  -0.0703 -0.0991 5    ILE A O   
26  C  CB  . ILE A 4  ? 0.2478 0.1880 0.3106 -0.0144 -0.0292 -0.0523 5    ILE A CB  
27  C  CG1 . ILE A 4  ? 0.2363 0.2885 0.3651 -0.0210 -0.0281 -0.0471 5    ILE A CG1 
28  C  CG2 . ILE A 4  ? 0.2735 0.2208 0.2500 -0.0321 -0.0544 0.0219  5    ILE A CG2 
29  C  CD1 . ILE A 4  ? 0.3682 0.2831 0.5164 0.0725  0.0009  0.0093  5    ILE A CD1 
30  N  N   . ASN A 5  ? 0.1945 0.1610 0.4042 -0.0038 -0.0373 -0.0305 6    ASN A N   
31  C  CA  . ASN A 5  ? 0.2280 0.1769 0.2947 0.0146  -0.0602 -0.0137 6    ASN A CA  
32  C  C   . ASN A 5  ? 0.2172 0.1990 0.2043 0.0226  -0.0820 -0.0271 6    ASN A C   
33  O  O   . ASN A 5  ? 0.2132 0.1602 0.3195 0.0146  -0.0353 -0.0433 6    ASN A O   
34  C  CB  . ASN A 5  ? 0.3039 0.2399 0.2919 -0.0807 -0.0845 0.0405  6    ASN A CB  
35  N  N   . LEU A 6  ? 0.2354 0.1719 0.1251 0.0107  0.0282  -0.0111 7    LEU A N   
36  C  CA  . LEU A 6  ? 0.1841 0.1626 0.1522 0.0116  0.0599  -0.0190 7    LEU A CA  
37  C  C   . LEU A 6  ? 0.1848 0.1789 0.1393 0.0162  0.0624  -0.0222 7    LEU A C   
38  O  O   . LEU A 6  ? 0.2226 0.2020 0.1857 -0.0612 0.1245  -0.0511 7    LEU A O   
39  C  CB  . LEU A 6  ? 0.1736 0.2218 0.1444 0.0298  0.0910  -0.0149 7    LEU A CB  
40  C  CG  . LEU A 6  ? 0.2342 0.2585 0.1918 0.0329  0.0200  -0.0241 7    LEU A CG  
41  C  CD1 . LEU A 6  ? 0.2633 0.2606 0.2069 0.0563  -0.0003 -0.0549 7    LEU A CD1 
42  C  CD2 . LEU A 6  ? 0.2869 0.3028 0.1820 0.0746  0.0180  -0.0526 7    LEU A CD2 
43  N  N   . GLN A 7  ? 0.1403 0.1731 0.1135 0.0404  0.0482  -0.0017 8    GLN A N   
44  C  CA  A GLN A 7  ? 0.1279 0.1585 0.1365 0.0143  0.0540  0.0080  8    GLN A CA  
45  C  CA  B GLN A 7  ? 0.1284 0.1591 0.1353 0.0154  0.0555  0.0083  8    GLN A CA  
46  C  C   . GLN A 7  ? 0.1290 0.1775 0.0993 0.0284  0.0415  -0.0022 8    GLN A C   
47  O  O   . GLN A 7  ? 0.1796 0.1842 0.0930 0.0507  0.0279  -0.0049 8    GLN A O   
48  C  CB  A GLN A 7  ? 0.1311 0.1870 0.1649 0.0208  0.0349  0.0167  8    GLN A CB  
49  C  CB  B GLN A 7  ? 0.1301 0.2048 0.1599 0.0260  0.0384  0.0268  8    GLN A CB  
50  C  CG  A GLN A 7  ? 0.2110 0.2215 0.2160 0.0055  0.0149  -0.0087 8    GLN A CG  
51  C  CG  B GLN A 7  ? 0.2293 0.2117 0.2498 0.0130  0.0377  0.0188  8    GLN A CG  
52  C  CD  A GLN A 7  ? 0.2151 0.2286 0.2673 0.0054  0.0161  -0.0102 8    GLN A CD  
53  C  CD  B GLN A 7  ? 0.2134 0.2931 0.2570 0.0602  0.0507  0.0150  8    GLN A CD  
54  O  OE1 A GLN A 7  ? 0.2864 0.3069 0.3059 -0.0174 0.0548  -0.0154 8    GLN A OE1 
55  O  OE1 B GLN A 7  ? 0.2701 0.4063 0.3739 0.0873  -0.0089 0.0593  8    GLN A OE1 
56  N  NE2 A GLN A 7  ? 0.1501 0.2760 0.3200 0.0095  -0.0512 0.0404  8    GLN A NE2 
57  N  NE2 B GLN A 7  ? 0.2186 0.3308 0.1993 0.0857  0.0202  0.0101  8    GLN A NE2 
58  N  N   . LEU A 8  ? 0.1201 0.1526 0.1160 0.0299  0.0350  0.0002  9    LEU A N   
59  C  CA  . LEU A 8  ? 0.1085 0.1555 0.0945 0.0193  0.0324  0.0064  9    LEU A CA  
60  C  C   . LEU A 8  ? 0.1053 0.1675 0.1056 0.0124  0.0392  -0.0090 9    LEU A C   
61  O  O   . LEU A 8  ? 0.1372 0.1688 0.1033 0.0026  0.0317  -0.0006 9    LEU A O   
62  C  CB  . LEU A 8  ? 0.1145 0.1638 0.1133 0.0221  0.0415  0.0017  9    LEU A CB  
63  C  CG  . LEU A 8  ? 0.1284 0.1691 0.1345 0.0169  0.0542  0.0046  9    LEU A CG  
64  C  CD1 . LEU A 8  ? 0.1352 0.1741 0.1208 0.0077  0.0551  -0.0271 9    LEU A CD1 
65  C  CD2 . LEU A 8  ? 0.1106 0.2245 0.1429 0.0034  0.0503  -0.0195 9    LEU A CD2 
66  N  N   . GLU A 9  ? 0.1266 0.1582 0.1095 0.0147  0.0229  -0.0108 10   GLU A N   
67  C  CA  . GLU A 9  ? 0.1285 0.1789 0.1286 -0.0160 0.0121  0.0130  10   GLU A CA  
68  C  C   . GLU A 9  ? 0.1516 0.1557 0.1406 -0.0110 0.0077  0.0126  10   GLU A C   
69  O  O   . GLU A 9  ? 0.1686 0.1631 0.1548 0.0089  -0.0145 -0.0021 10   GLU A O   
70  C  CB  . GLU A 9  ? 0.1596 0.2262 0.1481 -0.0132 0.0387  0.0029  10   GLU A CB  
71  C  CG  . GLU A 9  ? 0.1813 0.2748 0.1985 0.0322  0.0449  -0.0141 10   GLU A CG  
72  C  CD  . GLU A 9  ? 0.1801 0.3371 0.2565 0.0147  0.0735  0.0440  10   GLU A CD  
73  O  OE1 . GLU A 9  ? 0.3638 0.3343 0.3844 -0.0074 0.1882  0.0097  10   GLU A OE1 
74  O  OE2 . GLU A 9  ? 0.1903 0.4421 0.2668 -0.0384 0.0835  -0.0711 10   GLU A OE2 
75  N  N   . GLY A 10 ? 0.1369 0.1710 0.1527 -0.0093 -0.0146 -0.0047 11   GLY A N   
76  C  CA  . GLY A 10 ? 0.1698 0.1568 0.1820 0.0021  -0.0077 -0.0142 11   GLY A CA  
77  C  C   . GLY A 10 ? 0.1508 0.1673 0.1680 0.0074  -0.0220 -0.0181 11   GLY A C   
78  O  O   . GLY A 10 ? 0.2128 0.1680 0.1742 0.0490  -0.0087 -0.0245 11   GLY A O   
79  N  N   . MET A 11 ? 0.1350 0.1554 0.1489 0.0021  0.0078  -0.0167 12   MET A N   
80  C  CA  . MET A 11 ? 0.1395 0.1609 0.1270 0.0255  0.0062  -0.0193 12   MET A CA  
81  C  C   . MET A 11 ? 0.1057 0.1577 0.1457 0.0068  -0.0011 -0.0263 12   MET A C   
82  O  O   . MET A 11 ? 0.1422 0.1754 0.1578 0.0259  -0.0200 -0.0284 12   MET A O   
83  C  CB  . MET A 11 ? 0.1233 0.1613 0.1532 0.0009  0.0137  -0.0266 12   MET A CB  
84  C  CG  . MET A 11 ? 0.1167 0.1886 0.1677 0.0176  0.0224  -0.0354 12   MET A CG  
85  S  SD  . MET A 11 ? 0.1169 0.1939 0.2019 0.0151  0.0388  -0.0249 12   MET A SD  
86  C  CE  . MET A 11 ? 0.1850 0.2019 0.1263 -0.0075 -0.0074 0.0089  12   MET A CE  
87  N  N   . ASP A 12 ? 0.1294 0.1674 0.1565 0.0246  -0.0144 -0.0200 13   ASP A N   
88  C  CA  . ASP A 12 ? 0.1591 0.1682 0.1877 -0.0029 -0.0202 -0.0313 13   ASP A CA  
89  C  C   . ASP A 12 ? 0.1418 0.1522 0.1885 -0.0013 -0.0346 -0.0392 13   ASP A C   
90  O  O   . ASP A 12 ? 0.2015 0.1970 0.1895 0.0003  -0.0355 -0.0609 13   ASP A O   
91  C  CB  . ASP A 12 ? 0.1686 0.1720 0.1906 0.0015  -0.0147 -0.0274 13   ASP A CB  
92  C  CG  . ASP A 12 ? 0.1978 0.1450 0.2149 0.0127  -0.0437 -0.0243 13   ASP A CG  
93  O  OD1 . ASP A 12 ? 0.1923 0.1787 0.2077 0.0116  -0.0163 -0.0632 13   ASP A OD1 
94  O  OD2 . ASP A 12 ? 0.2308 0.1766 0.2582 0.0376  -0.0753 -0.0636 13   ASP A OD2 
95  N  N   . CYS A 13 ? 0.1121 0.1591 0.1569 0.0217  -0.0209 -0.0405 14   CYS A N   
96  C  CA  . CYS A 13 ? 0.1395 0.1555 0.1567 0.0240  -0.0090 -0.0315 14   CYS A CA  
97  C  C   . CYS A 13 ? 0.1345 0.1404 0.1390 0.0288  -0.0001 -0.0329 14   CYS A C   
98  O  O   . CYS A 13 ? 0.1119 0.1601 0.1337 0.0223  -0.0205 -0.0454 14   CYS A O   
99  C  CB  . CYS A 13 ? 0.1705 0.1530 0.1575 0.0318  -0.0167 -0.0269 14   CYS A CB  
100 S  SG  . CYS A 13 ? 0.1703 0.1621 0.1812 0.0510  -0.0434 -0.0553 14   CYS A SG  
101 N  N   . THR A 14 ? 0.1297 0.1706 0.1227 0.0320  -0.0067 -0.0478 15   THR A N   
102 C  CA  . THR A 14 ? 0.1612 0.1662 0.1311 0.0307  -0.0109 -0.0457 15   THR A CA  
103 C  C   . THR A 14 ? 0.0963 0.1780 0.1124 0.0287  0.0276  -0.0373 15   THR A C   
104 O  O   . THR A 14 ? 0.1122 0.1963 0.1419 0.0203  0.0272  -0.0599 15   THR A O   
105 C  CB  . THR A 14 ? 0.1714 0.2154 0.1570 0.0286  0.0003  -0.0427 15   THR A CB  
106 O  OG1 . THR A 14 ? 0.2028 0.2540 0.1644 0.0629  0.0141  -0.0673 15   THR A OG1 
107 C  CG2 . THR A 14 ? 0.1456 0.2190 0.1676 0.0272  -0.0051 -0.0423 15   THR A CG2 
108 N  N   . SER A 15 ? 0.1172 0.1857 0.1460 0.0420  0.0018  -0.0439 16   SER A N   
109 C  CA  . SER A 15 ? 0.1357 0.1928 0.1310 0.0371  -0.0022 -0.0589 16   SER A CA  
110 C  C   . SER A 15 ? 0.1258 0.1730 0.1326 0.0450  -0.0012 -0.0435 16   SER A C   
111 O  O   . SER A 15 ? 0.1067 0.1815 0.1346 0.0441  0.0024  -0.0498 16   SER A O   
112 C  CB  . SER A 15 ? 0.1312 0.2092 0.1488 0.0562  -0.0007 -0.0567 16   SER A CB  
113 O  OG  . SER A 15 ? 0.2674 0.2800 0.2114 0.0825  -0.0644 -0.0401 16   SER A OG  
114 N  N   . CYS A 16 ? 0.1275 0.1588 0.1220 0.0358  -0.0010 -0.0470 17   CYS A N   
115 C  CA  . CYS A 16 ? 0.1292 0.1565 0.1209 0.0406  0.0061  -0.0278 17   CYS A CA  
116 C  C   . CYS A 16 ? 0.0915 0.1503 0.1054 0.0165  0.0138  -0.0333 17   CYS A C   
117 O  O   . CYS A 16 ? 0.1123 0.1590 0.1064 0.0161  0.0052  -0.0385 17   CYS A O   
118 C  CB  . CYS A 16 ? 0.1525 0.1346 0.1482 0.0291  -0.0078 -0.0334 17   CYS A CB  
119 S  SG  . CYS A 16 ? 0.2284 0.1358 0.1691 0.0328  -0.0275 -0.0332 17   CYS A SG  
120 N  N   . ALA A 17 ? 0.1097 0.1475 0.1068 0.0278  0.0229  -0.0332 18   ALA A N   
121 C  CA  . ALA A 17 ? 0.1050 0.1422 0.1008 0.0259  0.0079  -0.0352 18   ALA A CA  
122 C  C   . ALA A 17 ? 0.0927 0.1601 0.1291 0.0194  0.0115  -0.0353 18   ALA A C   
123 O  O   . ALA A 17 ? 0.0984 0.1585 0.1190 0.0023  0.0197  -0.0342 18   ALA A O   
124 C  CB  . ALA A 17 ? 0.1435 0.1649 0.0986 0.0428  0.0039  -0.0340 18   ALA A CB  
125 N  N   . SER A 18 ? 0.0946 0.1618 0.1238 0.0149  0.0262  -0.0480 19   SER A N   
126 C  CA  . SER A 18 ? 0.0967 0.1770 0.1323 0.0142  0.0135  -0.0356 19   SER A CA  
127 C  C   . SER A 18 ? 0.0622 0.1875 0.1340 -0.0009 0.0121  -0.0352 19   SER A C   
128 O  O   . SER A 18 ? 0.1070 0.1908 0.1454 -0.0014 0.0233  -0.0484 19   SER A O   
129 C  CB  . SER A 18 ? 0.0993 0.2165 0.1356 0.0200  0.0219  -0.0368 19   SER A CB  
130 O  OG  . SER A 18 ? 0.1205 0.3200 0.1676 0.0060  0.0076  -0.0615 19   SER A OG  
131 N  N   . SER A 19 ? 0.0920 0.1674 0.1196 0.0163  0.0038  -0.0305 20   SER A N   
132 C  CA  . SER A 19 ? 0.0932 0.1619 0.1176 0.0316  -0.0135 -0.0222 20   SER A CA  
133 C  C   . SER A 19 ? 0.0868 0.1579 0.0966 0.0116  0.0080  -0.0210 20   SER A C   
134 O  O   . SER A 19 ? 0.1178 0.1676 0.0974 0.0018  0.0135  -0.0242 20   SER A O   
135 C  CB  . SER A 19 ? 0.1523 0.1623 0.1279 0.0302  -0.0269 -0.0132 20   SER A CB  
136 O  OG  . SER A 19 ? 0.1850 0.1887 0.1762 0.0529  -0.0235 -0.0374 20   SER A OG  
137 N  N   . ILE A 20 ? 0.0863 0.1400 0.1202 0.0166  0.0066  -0.0230 21   ILE A N   
138 C  CA  . ILE A 20 ? 0.1019 0.1266 0.1098 0.0021  0.0137  -0.0218 21   ILE A CA  
139 C  C   . ILE A 20 ? 0.0879 0.1419 0.1099 -0.0097 0.0248  -0.0140 21   ILE A C   
140 O  O   . ILE A 20 ? 0.0830 0.1513 0.1152 -0.0101 0.0172  -0.0201 21   ILE A O   
141 C  CB  . ILE A 20 ? 0.1059 0.1308 0.1004 -0.0021 0.0094  -0.0139 21   ILE A CB  
142 C  CG1 . ILE A 20 ? 0.0998 0.1478 0.1213 -0.0066 0.0126  -0.0083 21   ILE A CG1 
143 C  CG2 . ILE A 20 ? 0.1153 0.1420 0.1096 0.0094  0.0197  -0.0127 21   ILE A CG2 
144 C  CD1 . ILE A 20 ? 0.1214 0.1810 0.1457 -0.0223 -0.0068 -0.0089 21   ILE A CD1 
145 N  N   . GLU A 21 ? 0.0978 0.1527 0.1036 -0.0104 0.0315  -0.0216 22   GLU A N   
146 C  CA  . GLU A 21 ? 0.1218 0.1555 0.0947 -0.0124 0.0321  -0.0266 22   GLU A CA  
147 C  C   . GLU A 21 ? 0.1122 0.1467 0.1068 -0.0235 0.0351  -0.0066 22   GLU A C   
148 O  O   . GLU A 21 ? 0.1260 0.1640 0.1231 -0.0287 0.0359  -0.0291 22   GLU A O   
149 C  CB  . GLU A 21 ? 0.1260 0.2008 0.0963 -0.0046 0.0338  -0.0160 22   GLU A CB  
150 C  CG  . GLU A 21 ? 0.1404 0.2136 0.1281 -0.0152 0.0514  -0.0286 22   GLU A CG  
151 C  CD  . GLU A 21 ? 0.1478 0.2262 0.1279 -0.0160 0.0499  -0.0163 22   GLU A CD  
152 O  OE1 . GLU A 21 ? 0.1157 0.2534 0.1527 -0.0014 0.0307  -0.0021 22   GLU A OE1 
153 O  OE2 . GLU A 21 ? 0.1722 0.2708 0.1554 -0.0490 0.0619  -0.0266 22   GLU A OE2 
154 N  N   . ARG A 22 ? 0.1017 0.1649 0.1085 -0.0062 0.0303  -0.0141 23   ARG A N   
155 C  CA  . ARG A 22 ? 0.1123 0.1746 0.1187 -0.0180 0.0239  -0.0157 23   ARG A CA  
156 C  C   . ARG A 22 ? 0.0998 0.1584 0.1025 -0.0199 0.0122  -0.0001 23   ARG A C   
157 O  O   . ARG A 22 ? 0.1271 0.1829 0.1303 -0.0371 -0.0029 -0.0088 23   ARG A O   
158 C  CB  . ARG A 22 ? 0.1389 0.1767 0.1596 -0.0123 0.0075  -0.0127 23   ARG A CB  
159 C  CG  . ARG A 22 ? 0.1194 0.2105 0.1896 0.0006  0.0100  -0.0275 23   ARG A CG  
160 C  CD  . ARG A 22 ? 0.1834 0.2313 0.2160 0.0203  -0.0039 -0.0563 23   ARG A CD  
161 N  NE  . ARG A 22 ? 0.2009 0.2757 0.2330 0.0160  0.0085  -0.0751 23   ARG A NE  
162 C  CZ  . ARG A 22 ? 0.2157 0.2980 0.3177 0.0088  0.0160  -0.0561 23   ARG A CZ  
163 N  NH1 . ARG A 22 ? 0.1832 0.3087 0.4013 -0.0292 -0.0288 0.0124  23   ARG A NH1 
164 N  NH2 . ARG A 22 ? 0.3576 0.3541 0.3470 0.0046  0.0828  -0.0453 23   ARG A NH2 
165 N  N   . ALA A 23 ? 0.0996 0.1474 0.0995 -0.0182 0.0225  -0.0189 24   ALA A N   
166 C  CA  . ALA A 23 ? 0.1121 0.1520 0.0862 -0.0046 0.0112  -0.0047 24   ALA A CA  
167 C  C   . ALA A 23 ? 0.1150 0.1424 0.0947 -0.0209 0.0211  -0.0027 24   ALA A C   
168 O  O   . ALA A 23 ? 0.1370 0.1583 0.0985 -0.0174 0.0158  -0.0139 24   ALA A O   
169 C  CB  . ALA A 23 ? 0.1517 0.1558 0.0853 -0.0278 0.0516  -0.0017 24   ALA A CB  
170 N  N   . ILE A 24 ? 0.1113 0.1331 0.1015 -0.0039 0.0262  -0.0063 25   ILE A N   
171 C  CA  . ILE A 24 ? 0.1169 0.1344 0.0960 -0.0115 0.0338  -0.0153 25   ILE A CA  
172 C  C   . ILE A 24 ? 0.1113 0.1543 0.1084 -0.0162 0.0197  -0.0177 25   ILE A C   
173 O  O   . ILE A 24 ? 0.1362 0.1464 0.1172 -0.0155 0.0304  -0.0152 25   ILE A O   
174 C  CB  . ILE A 24 ? 0.0988 0.1405 0.1322 0.0008  0.0206  -0.0117 25   ILE A CB  
175 C  CG1 . ILE A 24 ? 0.1038 0.1384 0.1403 0.0037  0.0362  0.0001  25   ILE A CG1 
176 C  CG2 . ILE A 24 ? 0.1712 0.1335 0.1398 -0.0110 -0.0052 -0.0101 25   ILE A CG2 
177 C  CD1 . ILE A 24 ? 0.1274 0.1527 0.1845 -0.0016 -0.0005 0.0010  25   ILE A CD1 
178 N  N   . ALA A 25 ? 0.1296 0.1347 0.1328 -0.0211 0.0399  -0.0268 26   ALA A N   
179 C  CA  . ALA A 25 ? 0.1173 0.1604 0.1453 -0.0146 0.0295  0.0072  26   ALA A CA  
180 C  C   . ALA A 25 ? 0.1276 0.1669 0.1542 -0.0162 0.0103  -0.0103 26   ALA A C   
181 O  O   . ALA A 25 ? 0.1515 0.1620 0.1848 -0.0306 0.0134  -0.0036 26   ALA A O   
182 C  CB  . ALA A 25 ? 0.1544 0.1960 0.1888 0.0003  0.0575  -0.0065 26   ALA A CB  
183 N  N   . LYS A 26 ? 0.1227 0.1680 0.1503 -0.0129 0.0049  -0.0118 27   LYS A N   
184 C  CA  . LYS A 26 ? 0.1642 0.1772 0.1565 -0.0063 0.0015  -0.0189 27   LYS A CA  
185 C  C   . LYS A 26 ? 0.1512 0.1553 0.1391 -0.0260 -0.0152 -0.0271 27   LYS A C   
186 O  O   . LYS A 26 ? 0.2104 0.2072 0.1554 -0.0107 -0.0518 -0.0189 27   LYS A O   
187 C  CB  . LYS A 26 ? 0.1958 0.1921 0.1702 0.0113  -0.0235 -0.0056 27   LYS A CB  
188 C  CG  . LYS A 26 ? 0.1738 0.2161 0.1920 0.0056  -0.0178 -0.0022 27   LYS A CG  
189 C  CD  . LYS A 26 ? 0.2126 0.2123 0.2100 0.0077  -0.0322 0.0129  27   LYS A CD  
190 C  CE  . LYS A 26 ? 0.2250 0.2084 0.2194 0.0052  -0.0396 -0.0042 27   LYS A CE  
191 N  NZ  . LYS A 26 ? 0.2359 0.2831 0.2320 -0.0070 -0.0556 0.0054  27   LYS A NZ  
192 N  N   . VAL A 27 ? 0.1501 0.1525 0.1391 -0.0145 -0.0006 -0.0138 28   VAL A N   
193 C  CA  . VAL A 27 ? 0.1805 0.1848 0.1179 -0.0046 0.0148  -0.0025 28   VAL A CA  
194 C  C   . VAL A 27 ? 0.2208 0.1813 0.1537 0.0031  0.0079  -0.0084 28   VAL A C   
195 O  O   . VAL A 27 ? 0.2063 0.1514 0.1574 -0.0222 0.0109  -0.0094 28   VAL A O   
196 C  CB  . VAL A 27 ? 0.1772 0.1889 0.1068 0.0131  0.0075  -0.0052 28   VAL A CB  
197 C  CG1 . VAL A 27 ? 0.1949 0.2046 0.1666 0.0097  0.0171  -0.0446 28   VAL A CG1 
198 C  CG2 . VAL A 27 ? 0.1759 0.2083 0.1145 -0.0140 0.0111  -0.0084 28   VAL A CG2 
199 N  N   . PRO A 28 ? 0.2693 0.1603 0.1553 -0.0007 0.0292  -0.0188 29   PRO A N   
200 C  CA  . PRO A 28 ? 0.2760 0.1933 0.1829 -0.0273 0.0125  -0.0291 29   PRO A CA  
201 C  C   . PRO A 28 ? 0.2210 0.2011 0.1511 -0.0126 0.0590  -0.0364 29   PRO A C   
202 O  O   . PRO A 28 ? 0.2217 0.2243 0.2160 -0.0261 0.0793  -0.0154 29   PRO A O   
203 C  CB  . PRO A 28 ? 0.2681 0.2808 0.1850 -0.0183 -0.0692 -0.0416 29   PRO A CB  
204 C  CG  . PRO A 28 ? 0.2497 0.2771 0.1657 -0.0159 -0.0048 -0.0497 29   PRO A CG  
205 C  CD  . PRO A 28 ? 0.2578 0.2141 0.1287 -0.0187 0.0093  -0.0190 29   PRO A CD  
206 N  N   . GLY A 29 ? 0.1964 0.1735 0.1556 -0.0343 0.0131  -0.0192 30   GLY A N   
207 C  CA  . GLY A 29 ? 0.1854 0.1570 0.1714 -0.0172 0.0205  -0.0246 30   GLY A CA  
208 C  C   . GLY A 29 ? 0.1476 0.1269 0.1533 -0.0249 0.0255  0.0029  30   GLY A C   
209 O  O   . GLY A 29 ? 0.1882 0.1293 0.1760 -0.0122 0.0175  0.0089  30   GLY A O   
210 N  N   . VAL A 30 ? 0.1436 0.1341 0.1402 -0.0191 0.0272  -0.0024 31   VAL A N   
211 C  CA  . VAL A 30 ? 0.1196 0.1254 0.1319 -0.0026 0.0323  -0.0038 31   VAL A CA  
212 C  C   . VAL A 30 ? 0.1282 0.1693 0.1359 -0.0221 0.0351  -0.0021 31   VAL A C   
213 O  O   . VAL A 30 ? 0.1297 0.1770 0.1743 -0.0253 0.0327  -0.0117 31   VAL A O   
214 C  CB  . VAL A 30 ? 0.1190 0.1300 0.1373 -0.0221 0.0158  -0.0088 31   VAL A CB  
215 C  CG1 . VAL A 30 ? 0.1390 0.1848 0.1438 -0.0189 0.0222  -0.0226 31   VAL A CG1 
216 C  CG2 . VAL A 30 ? 0.1337 0.1501 0.1489 -0.0180 0.0370  -0.0025 31   VAL A CG2 
217 N  N   . GLN A 31 ? 0.1342 0.1800 0.1489 -0.0204 0.0132  0.0021  32   GLN A N   
218 C  CA  . GLN A 31 ? 0.1507 0.2001 0.1684 -0.0443 0.0189  0.0046  32   GLN A CA  
219 C  C   . GLN A 31 ? 0.1582 0.2433 0.1617 -0.0469 0.0317  -0.0065 32   GLN A C   
220 O  O   . GLN A 31 ? 0.1782 0.2680 0.1834 -0.0378 0.0466  -0.0029 32   GLN A O   
221 C  CB  . GLN A 31 ? 0.1794 0.2150 0.1903 -0.0357 0.0136  0.0113  32   GLN A CB  
222 C  CG  . GLN A 31 ? 0.2347 0.2355 0.1860 -0.0180 0.0006  0.0063  32   GLN A CG  
223 C  CD  . GLN A 31 ? 0.2656 0.2374 0.2200 -0.0198 -0.0045 0.0144  32   GLN A CD  
224 O  OE1 . GLN A 31 ? 0.3133 0.2736 0.3459 0.0019  -0.0764 0.0159  32   GLN A OE1 
225 N  NE2 . GLN A 31 ? 0.2861 0.2510 0.2387 -0.0571 0.0232  0.0047  32   GLN A NE2 
226 N  N   . SER A 32 ? 0.1643 0.2299 0.1487 -0.0257 0.0172  -0.0052 33   SER A N   
227 C  CA  . SER A 32 ? 0.1788 0.2292 0.1692 -0.0146 0.0088  -0.0219 33   SER A CA  
228 C  C   . SER A 32 ? 0.1941 0.2041 0.1884 -0.0157 0.0350  -0.0438 33   SER A C   
229 O  O   . SER A 32 ? 0.1964 0.1905 0.1644 -0.0217 0.0331  -0.0447 33   SER A O   
230 C  CB  . SER A 32 ? 0.2335 0.2826 0.1414 -0.0495 0.0342  -0.0329 33   SER A CB  
231 O  OG  . SER A 32 ? 0.3308 0.3362 0.3003 -0.0111 0.0130  -0.0014 33   SER A OG  
232 N  N   . CYS A 33 ? 0.1819 0.2111 0.2128 -0.0213 0.0280  -0.0648 34   CYS A N   
233 C  CA  . CYS A 33 ? 0.1859 0.1874 0.1824 -0.0227 -0.0101 -0.0515 34   CYS A CA  
234 C  C   . CYS A 33 ? 0.2699 0.1923 0.1429 -0.0272 0.0306  -0.0083 34   CYS A C   
235 O  O   . CYS A 33 ? 0.3352 0.2580 0.1550 -0.0089 0.0485  -0.0718 34   CYS A O   
236 C  CB  . CYS A 33 ? 0.2361 0.2306 0.1730 -0.0004 0.0115  -0.0392 34   CYS A CB  
237 S  SG  . CYS A 33 ? 0.2581 0.2192 0.1483 -0.0002 0.0143  -0.0281 34   CYS A SG  
238 N  N   . GLN A 34 ? 0.2598 0.1944 0.1290 -0.0448 0.0307  -0.0259 35   GLN A N   
239 C  CA  . GLN A 34 ? 0.2757 0.2104 0.1365 -0.0745 0.0170  -0.0281 35   GLN A CA  
240 C  C   . GLN A 34 ? 0.2385 0.2079 0.1241 -0.0513 0.0354  -0.0253 35   GLN A C   
241 O  O   . GLN A 34 ? 0.2468 0.1993 0.1784 -0.0318 -0.0001 -0.0206 35   GLN A O   
242 C  CB  . GLN A 34 ? 0.3688 0.2883 0.2014 -0.0650 -0.0096 0.0242  35   GLN A CB  
243 C  CG  . GLN A 34 ? 0.4364 0.3986 0.2348 -0.0382 0.0167  -0.0233 35   GLN A CG  
244 C  CD  . GLN A 34 ? 0.4113 0.4083 0.3774 -0.0372 0.0588  -0.0155 35   GLN A CD  
245 O  OE1 . GLN A 34 ? 0.4980 0.5152 0.4163 0.0336  0.1515  -0.0378 35   GLN A OE1 
246 N  NE2 . GLN A 34 ? 0.4803 0.2932 0.3936 -0.0524 0.1246  0.0608  35   GLN A NE2 
247 N  N   . VAL A 35 ? 0.1629 0.2090 0.1099 -0.0657 0.0582  -0.0247 36   VAL A N   
248 C  CA  . VAL A 35 ? 0.1303 0.1978 0.1019 -0.0480 0.0387  -0.0394 36   VAL A CA  
249 C  C   . VAL A 35 ? 0.1471 0.2391 0.1012 -0.0274 0.0329  -0.0444 36   VAL A C   
250 O  O   . VAL A 35 ? 0.1457 0.2954 0.1015 -0.0408 0.0383  -0.0565 36   VAL A O   
251 C  CB  . VAL A 35 ? 0.1216 0.2047 0.1304 -0.0115 0.0406  -0.0592 36   VAL A CB  
252 C  CG1 . VAL A 35 ? 0.1476 0.1683 0.1621 -0.0065 0.0403  -0.0346 36   VAL A CG1 
253 C  CG2 . VAL A 35 ? 0.1736 0.2137 0.1141 0.0045  0.0164  -0.0130 36   VAL A CG2 
254 N  N   . ASN A 36 ? 0.1462 0.1807 0.0794 -0.0228 0.0395  -0.0331 37   ASN A N   
255 C  CA  . ASN A 36 ? 0.1714 0.1759 0.0717 -0.0193 0.0375  -0.0189 37   ASN A CA  
256 C  C   . ASN A 36 ? 0.1198 0.1753 0.0785 -0.0144 0.0399  -0.0274 37   ASN A C   
257 O  O   . ASN A 36 ? 0.1127 0.1885 0.0879 -0.0106 0.0420  -0.0229 37   ASN A O   
258 C  CB  . ASN A 36 ? 0.1806 0.1710 0.0910 -0.0128 0.0602  -0.0234 37   ASN A CB  
259 C  CG  . ASN A 36 ? 0.1913 0.1844 0.0921 -0.0001 0.0553  -0.0208 37   ASN A CG  
260 O  OD1 . ASN A 36 ? 0.1564 0.1997 0.1046 -0.0146 0.0443  -0.0133 37   ASN A OD1 
261 N  ND2 . ASN A 36 ? 0.3467 0.2004 0.1281 0.0119  0.0615  0.0053  37   ASN A ND2 
262 N  N   . PHE A 37 ? 0.1165 0.1849 0.0879 -0.0132 0.0306  -0.0402 38   PHE A N   
263 C  CA  . PHE A 37 ? 0.1231 0.1758 0.0973 0.0011  0.0199  -0.0294 38   PHE A CA  
264 C  C   . PHE A 37 ? 0.1228 0.1643 0.1137 -0.0153 0.0163  -0.0084 38   PHE A C   
265 O  O   . PHE A 37 ? 0.1193 0.1660 0.1264 -0.0230 0.0255  -0.0077 38   PHE A O   
266 C  CB  . PHE A 37 ? 0.1322 0.1952 0.0994 -0.0093 0.0423  -0.0394 38   PHE A CB  
267 C  CG  . PHE A 37 ? 0.1013 0.1901 0.1420 0.0107  0.0025  -0.0380 38   PHE A CG  
268 C  CD1 . PHE A 37 ? 0.1238 0.1918 0.1599 0.0274  0.0070  -0.0368 38   PHE A CD1 
269 C  CD2 . PHE A 37 ? 0.1222 0.2101 0.1204 -0.0082 0.0215  -0.0228 38   PHE A CD2 
270 C  CE1 . PHE A 37 ? 0.1193 0.1821 0.1939 0.0367  -0.0138 0.0198  38   PHE A CE1 
271 C  CE2 . PHE A 37 ? 0.1429 0.2064 0.2127 0.0140  -0.0237 -0.0458 38   PHE A CE2 
272 C  CZ  . PHE A 37 ? 0.1586 0.1580 0.2430 0.0179  -0.0218 -0.0238 38   PHE A CZ  
273 N  N   . ALA A 38 ? 0.1157 0.1934 0.0923 -0.0171 0.0303  -0.0175 39   ALA A N   
274 C  CA  . ALA A 38 ? 0.1279 0.1867 0.1189 -0.0224 0.0157  -0.0193 39   ALA A CA  
275 C  C   . ALA A 38 ? 0.1101 0.1797 0.1420 -0.0098 0.0144  0.0204  39   ALA A C   
276 O  O   . ALA A 38 ? 0.1239 0.2172 0.1525 -0.0328 -0.0043 0.0177  39   ALA A O   
277 C  CB  . ALA A 38 ? 0.1354 0.2510 0.1162 -0.0263 0.0445  -0.0107 39   ALA A CB  
278 N  N   . LEU A 39 ? 0.0890 0.1945 0.1117 -0.0005 0.0342  0.0118  40   LEU A N   
279 C  CA  . LEU A 39 ? 0.1134 0.2067 0.1253 0.0286  0.0395  0.0278  40   LEU A CA  
280 C  C   . LEU A 39 ? 0.1487 0.1752 0.1214 0.0310  0.0469  0.0030  40   LEU A C   
281 O  O   . LEU A 39 ? 0.1499 0.2057 0.1661 0.0399  0.0673  0.0046  40   LEU A O   
282 C  CB  . LEU A 39 ? 0.1733 0.2229 0.2742 0.0405  0.0616  0.0544  40   LEU A CB  
283 C  CG  . LEU A 39 ? 0.2381 0.3232 0.3122 0.0247  0.0091  0.1111  40   LEU A CG  
284 C  CD1 . LEU A 39 ? 0.3693 0.3447 0.3790 0.0801  0.0182  0.1498  40   LEU A CD1 
285 C  CD2 . LEU A 39 ? 0.2403 0.3662 0.2844 0.0205  0.0088  0.1271  40   LEU A CD2 
286 N  N   . GLU A 40 ? 0.1163 0.1485 0.0877 0.0007  0.0314  -0.0046 41   GLU A N   
287 C  CA  . GLU A 40 ? 0.1379 0.1521 0.0888 -0.0056 0.0360  -0.0083 41   GLU A CA  
288 C  C   . GLU A 40 ? 0.1695 0.1496 0.0904 -0.0092 0.0540  -0.0079 41   GLU A C   
289 O  O   . GLU A 40 ? 0.1665 0.1565 0.0983 0.0018  0.0610  0.0089  41   GLU A O   
290 C  CB  . GLU A 40 ? 0.1517 0.1654 0.1044 -0.0157 0.0342  0.0053  41   GLU A CB  
291 C  CG  . GLU A 40 ? 0.1827 0.1712 0.1339 -0.0138 0.0001  -0.0207 41   GLU A CG  
292 C  CD  . GLU A 40 ? 0.2066 0.1899 0.2019 -0.0249 -0.0145 0.0066  41   GLU A CD  
293 O  OE1 . GLU A 40 ? 0.2132 0.2743 0.3367 -0.0502 -0.0811 0.0452  41   GLU A OE1 
294 O  OE2 . GLU A 40 ? 0.2211 0.2780 0.1999 -0.0458 -0.0395 0.0488  41   GLU A OE2 
295 N  N   . GLN A 41 ? 0.1708 0.1431 0.1012 -0.0104 0.0587  -0.0141 42   GLN A N   
296 C  CA  . GLN A 41 ? 0.2069 0.1507 0.1208 -0.0123 0.0680  -0.0235 42   GLN A CA  
297 C  C   . GLN A 41 ? 0.2063 0.1663 0.1244 -0.0121 0.0689  -0.0298 42   GLN A C   
298 O  O   . GLN A 41 ? 0.2353 0.1838 0.1304 -0.0377 0.1012  -0.0483 42   GLN A O   
299 C  CB  . GLN A 41 ? 0.2689 0.1728 0.1608 -0.0108 0.0132  -0.0124 42   GLN A CB  
300 C  CG  . GLN A 41 ? 0.2675 0.2211 0.2198 -0.0029 0.0251  -0.0088 42   GLN A CG  
301 C  CD  . GLN A 41 ? 0.3271 0.2447 0.2491 -0.0275 -0.0526 -0.0427 42   GLN A CD  
302 O  OE1 . GLN A 41 ? 0.2161 0.3874 0.1727 0.0145  -0.0144 -0.0809 42   GLN A OE1 
303 N  NE2 . GLN A 41 ? 0.3908 0.2319 0.2955 0.0131  -0.0903 0.0610  42   GLN A NE2 
304 N  N   . ALA A 42 ? 0.2322 0.1739 0.1657 -0.0680 0.0930  -0.0562 43   ALA A N   
305 C  CA  . ALA A 42 ? 0.2324 0.1770 0.2224 -0.0617 0.0869  -0.0614 43   ALA A CA  
306 C  C   . ALA A 42 ? 0.2558 0.1722 0.1516 -0.0520 0.0458  -0.0235 43   ALA A C   
307 O  O   . ALA A 42 ? 0.2880 0.1773 0.2074 -0.0510 0.0874  -0.0353 43   ALA A O   
308 C  CB  . ALA A 42 ? 0.1522 0.1505 0.3108 -0.0409 0.0712  -0.0300 43   ALA A CB  
309 N  N   . VAL A 43 ? 0.2736 0.1911 0.1158 -0.0724 0.0173  -0.0115 44   VAL A N   
310 C  CA  . VAL A 43 ? 0.2572 0.1934 0.1771 -0.0538 -0.0427 -0.0076 44   VAL A CA  
311 C  C   . VAL A 43 ? 0.2240 0.1385 0.1358 -0.0290 -0.0234 0.0116  44   VAL A C   
312 O  O   . VAL A 43 ? 0.2508 0.1878 0.1378 -0.0398 0.0019  -0.0061 44   VAL A O   
313 C  CB  . VAL A 43 ? 0.2943 0.2667 0.2063 -0.0727 -0.0748 0.0413  44   VAL A CB  
314 C  CG1 . VAL A 43 ? 0.3996 0.2519 0.3001 -0.0652 -0.0855 0.0934  44   VAL A CG1 
315 C  CG2 . VAL A 43 ? 0.3510 0.3372 0.2311 -0.1248 -0.0838 0.0237  44   VAL A CG2 
316 N  N   . VAL A 44 ? 0.1715 0.1586 0.1657 -0.0128 -0.0302 -0.0099 45   VAL A N   
317 C  CA  . VAL A 44 ? 0.1518 0.1373 0.1535 -0.0144 -0.0213 0.0166  45   VAL A CA  
318 C  C   . VAL A 44 ? 0.1676 0.1496 0.1459 -0.0134 0.0151  -0.0002 45   VAL A C   
319 O  O   . VAL A 44 ? 0.1819 0.1372 0.1984 0.0069  -0.0208 -0.0194 45   VAL A O   
320 C  CB  . VAL A 44 ? 0.1528 0.1304 0.1366 0.0083  0.0032  0.0016  45   VAL A CB  
321 C  CG1 . VAL A 44 ? 0.1172 0.1769 0.1614 -0.0042 0.0100  0.0145  45   VAL A CG1 
322 C  CG2 . VAL A 44 ? 0.1718 0.1363 0.1665 -0.0027 0.0158  0.0065  45   VAL A CG2 
323 N  N   . SER A 45 ? 0.1587 0.1468 0.1494 -0.0033 0.0326  -0.0063 46   SER A N   
324 C  CA  . SER A 45 ? 0.1692 0.1565 0.1727 -0.0150 0.0139  -0.0038 46   SER A CA  
325 C  C   . SER A 45 ? 0.1695 0.1341 0.1849 -0.0249 0.0021  0.0002  46   SER A C   
326 O  O   . SER A 45 ? 0.1721 0.1686 0.1898 -0.0073 -0.0166 -0.0146 46   SER A O   
327 C  CB  . SER A 45 ? 0.2251 0.2454 0.2286 -0.0550 0.0344  0.0361  46   SER A CB  
328 O  OG  . SER A 45 ? 0.3727 0.2818 0.3512 -0.0887 0.0740  0.0028  46   SER A OG  
329 N  N   . TYR A 46 ? 0.1396 0.1466 0.1705 -0.0117 -0.0147 0.0028  47   TYR A N   
330 C  CA  . TYR A 46 ? 0.1718 0.1502 0.1748 -0.0189 -0.0204 -0.0184 47   TYR A CA  
331 C  C   . TYR A 46 ? 0.1723 0.1540 0.1897 0.0000  -0.0214 -0.0245 47   TYR A C   
332 O  O   . TYR A 46 ? 0.1788 0.1585 0.2016 -0.0184 -0.0322 -0.0144 47   TYR A O   
333 C  CB  . TYR A 46 ? 0.1734 0.1799 0.1426 0.0019  0.0126  -0.0303 47   TYR A CB  
334 C  CG  . TYR A 46 ? 0.1710 0.2021 0.1921 -0.0093 0.0236  -0.0333 47   TYR A CG  
335 C  CD1 . TYR A 46 ? 0.2055 0.2771 0.1901 0.0173  -0.0138 -0.0321 47   TYR A CD1 
336 C  CD2 . TYR A 46 ? 0.2577 0.2229 0.1824 0.0711  0.0320  -0.0085 47   TYR A CD2 
337 C  CE1 . TYR A 46 ? 0.2066 0.3024 0.2730 0.0031  -0.0211 -0.0668 47   TYR A CE1 
338 C  CE2 . TYR A 46 ? 0.2936 0.2836 0.1410 0.1154  0.0376  -0.1355 47   TYR A CE2 
339 C  CZ  . TYR A 46 ? 0.2238 0.3135 0.2640 0.0683  0.0057  -0.0462 47   TYR A CZ  
340 O  OH  . TYR A 46 ? 0.2219 0.5273 0.3301 0.0846  0.0489  -0.0221 47   TYR A OH  
341 N  N   . HIS A 47 ? 0.1569 0.1155 0.1836 0.0048  -0.0170 -0.0165 48   HIS A N   
342 C  CA  . HIS A 47 ? 0.1751 0.1224 0.1846 -0.0151 -0.0388 -0.0197 48   HIS A CA  
343 C  C   . HIS A 47 ? 0.1683 0.1315 0.1656 -0.0345 -0.0137 -0.0092 48   HIS A C   
344 O  O   . HIS A 47 ? 0.1904 0.1421 0.2129 -0.0405 -0.0216 0.0237  48   HIS A O   
345 C  CB  . HIS A 47 ? 0.1864 0.1320 0.1719 -0.0224 -0.0307 -0.0179 48   HIS A CB  
346 C  CG  . HIS A 47 ? 0.1933 0.1558 0.1673 -0.0206 -0.0249 0.0231  48   HIS A CG  
347 N  ND1 . HIS A 47 ? 0.1926 0.1625 0.1635 -0.0133 -0.0542 0.0280  48   HIS A ND1 
348 C  CD2 . HIS A 47 ? 0.1646 0.1453 0.1956 -0.0376 -0.0089 -0.0052 48   HIS A CD2 
349 C  CE1 . HIS A 47 ? 0.1599 0.1533 0.2011 -0.0295 -0.0356 0.0220  48   HIS A CE1 
350 N  NE2 . HIS A 47 ? 0.1696 0.1510 0.2116 -0.0301 -0.0225 0.0116  48   HIS A NE2 
351 N  N   . GLY A 48 ? 0.1922 0.1342 0.1659 -0.0305 -0.0441 0.0033  49   GLY A N   
352 C  CA  . GLY A 48 ? 0.2130 0.1539 0.1733 -0.0304 -0.0259 0.0282  49   GLY A CA  
353 C  C   . GLY A 48 ? 0.2227 0.1650 0.1722 -0.0174 -0.0180 0.0360  49   GLY A C   
354 O  O   . GLY A 48 ? 0.2093 0.1459 0.2160 -0.0332 -0.0033 0.0400  49   GLY A O   
355 N  N   . GLU A 49 ? 0.2446 0.1589 0.2837 -0.0545 -0.0285 0.0741  50   GLU A N   
356 C  CA  . GLU A 49 ? 0.2412 0.1966 0.2218 -0.0638 -0.0528 0.0655  50   GLU A CA  
357 C  C   . GLU A 49 ? 0.2112 0.1750 0.2380 -0.0615 -0.0336 0.0629  50   GLU A C   
358 O  O   . GLU A 49 ? 0.2868 0.2853 0.2470 -0.1225 -0.0434 0.1138  50   GLU A O   
359 C  CB  . GLU A 49 ? 0.2572 0.2612 0.2460 -0.0219 -0.0717 0.0689  50   GLU A CB  
360 C  CG  . GLU A 49 ? 0.2846 0.2787 0.2748 -0.0501 -0.0617 0.0524  50   GLU A CG  
361 C  CD  . GLU A 49 ? 0.3179 0.2948 0.2577 -0.0582 -0.0522 0.0300  50   GLU A CD  
362 O  OE1 . GLU A 49 ? 0.3573 0.4985 0.4046 -0.0617 -0.0083 0.0704  50   GLU A OE1 
363 O  OE2 . GLU A 49 ? 0.4180 0.3116 0.3362 -0.0621 -0.0247 0.0717  50   GLU A OE2 
364 N  N   . THR A 50 ? 0.2299 0.1539 0.2797 -0.0399 -0.0212 0.0381  51   THR A N   
365 C  CA  . THR A 50 ? 0.2137 0.1620 0.2658 -0.0167 -0.0282 0.0288  51   THR A CA  
366 C  C   . THR A 50 ? 0.2057 0.1786 0.2002 -0.0172 0.0201  0.0304  51   THR A C   
367 O  O   . THR A 50 ? 0.2182 0.1843 0.1968 0.0129  -0.0041 0.0141  51   THR A O   
368 C  CB  . THR A 50 ? 0.2490 0.1630 0.2890 0.0231  0.0113  -0.0235 51   THR A CB  
369 O  OG1 . THR A 50 ? 0.2494 0.2376 0.3547 -0.0421 0.0560  -0.0201 51   THR A OG1 
370 C  CG2 . THR A 50 ? 0.2031 0.1983 0.2868 -0.0111 0.0431  -0.0159 51   THR A CG2 
371 N  N   . THR A 51 ? 0.1544 0.1651 0.2114 -0.0021 0.0041  0.0039  52   THR A N   
372 C  CA  . THR A 51 ? 0.1641 0.1770 0.1947 0.0081  -0.0011 -0.0139 52   THR A CA  
373 C  C   . THR A 51 ? 0.1444 0.1904 0.2255 0.0259  0.0088  -0.0531 52   THR A C   
374 O  O   . THR A 51 ? 0.1491 0.1769 0.1540 0.0189  0.0067  -0.0364 52   THR A O   
375 C  CB  . THR A 51 ? 0.1694 0.2010 0.2212 0.0086  0.0399  -0.0748 52   THR A CB  
376 O  OG1 . THR A 51 ? 0.1684 0.2066 0.1864 -0.0142 0.0451  -0.0659 52   THR A OG1 
377 C  CG2 . THR A 51 ? 0.2670 0.2419 0.2106 -0.0020 0.0103  -0.0810 52   THR A CG2 
378 N  N   . PRO A 52 ? 0.1932 0.2161 0.2533 0.0616  -0.0392 -0.0692 53   PRO A N   
379 C  CA  . PRO A 52 ? 0.2019 0.1992 0.2641 0.0117  -0.0286 -0.0355 53   PRO A CA  
380 C  C   . PRO A 52 ? 0.1557 0.1839 0.2096 -0.0084 0.0122  -0.0644 53   PRO A C   
381 O  O   . PRO A 52 ? 0.1900 0.1914 0.2060 0.0543  -0.0434 -0.0622 53   PRO A O   
382 C  CB  . PRO A 52 ? 0.2380 0.2341 0.2678 0.0202  -0.0798 -0.0436 53   PRO A CB  
383 C  CG  . PRO A 52 ? 0.2562 0.2275 0.3477 0.0469  -0.0859 -0.0438 53   PRO A CG  
384 C  CD  . PRO A 52 ? 0.2142 0.1819 0.2926 0.0399  -0.0384 -0.0525 53   PRO A CD  
385 N  N   . GLN A 53 ? 0.1416 0.1877 0.2047 0.0267  0.0157  -0.0569 54   GLN A N   
386 C  CA  . GLN A 53 ? 0.1443 0.2005 0.1907 0.0108  0.0351  -0.0517 54   GLN A CA  
387 C  C   . GLN A 53 ? 0.1286 0.1914 0.1445 0.0041  0.0501  -0.0576 54   GLN A C   
388 O  O   . GLN A 53 ? 0.1309 0.1961 0.1425 0.0203  0.0283  -0.0608 54   GLN A O   
389 C  CB  . GLN A 53 ? 0.1882 0.2526 0.1990 -0.0045 0.0630  -0.0403 54   GLN A CB  
390 C  CG  . GLN A 53 ? 0.1997 0.2736 0.2350 0.0096  0.0511  -0.0215 54   GLN A CG  
391 C  CD  . GLN A 53 ? 0.2166 0.3067 0.2352 -0.0119 0.0588  -0.0392 54   GLN A CD  
392 O  OE1 . GLN A 53 ? 0.2893 0.4150 0.1834 -0.0040 0.0796  -0.0344 54   GLN A OE1 
393 N  NE2 . GLN A 53 ? 0.2064 0.3384 0.3764 0.0414  0.0414  -0.0476 54   GLN A NE2 
394 N  N   . ILE A 54 ? 0.1247 0.1824 0.1487 0.0059  0.0494  -0.0567 55   ILE A N   
395 C  CA  . ILE A 54 ? 0.1449 0.2028 0.1241 0.0155  0.0216  -0.0667 55   ILE A CA  
396 C  C   . ILE A 54 ? 0.1155 0.1669 0.0943 0.0003  0.0160  -0.0368 55   ILE A C   
397 O  O   . ILE A 54 ? 0.1247 0.1692 0.0907 0.0079  0.0024  -0.0267 55   ILE A O   
398 C  CB  . ILE A 54 ? 0.1677 0.1976 0.1161 0.0067  0.0150  -0.0522 55   ILE A CB  
399 C  CG1 . ILE A 54 ? 0.1957 0.2045 0.1190 0.0041  0.0193  -0.0562 55   ILE A CG1 
400 C  CG2 . ILE A 54 ? 0.1458 0.2413 0.1969 -0.0185 0.0486  -0.0635 55   ILE A CG2 
401 C  CD1 . ILE A 54 ? 0.1900 0.2212 0.1767 -0.0092 0.0076  -0.0544 55   ILE A CD1 
402 N  N   . LEU A 55 ? 0.1263 0.1633 0.1075 0.0208  0.0153  -0.0266 56   LEU A N   
403 C  CA  . LEU A 55 ? 0.1283 0.1654 0.1044 0.0245  0.0200  -0.0218 56   LEU A CA  
404 C  C   . LEU A 55 ? 0.1274 0.1696 0.0982 0.0226  0.0032  -0.0196 56   LEU A C   
405 O  O   . LEU A 55 ? 0.1520 0.1805 0.1001 0.0157  0.0153  -0.0437 56   LEU A O   
406 C  CB  . LEU A 55 ? 0.1487 0.2068 0.1131 0.0277  0.0095  -0.0079 56   LEU A CB  
407 C  CG  . LEU A 55 ? 0.1576 0.2248 0.1067 0.0134  0.0394  -0.0011 56   LEU A CG  
408 C  CD1 . LEU A 55 ? 0.1962 0.2187 0.1425 0.0341  0.0387  0.0180  56   LEU A CD1 
409 C  CD2 . LEU A 55 ? 0.1581 0.2520 0.1631 0.0128  0.0558  0.0227  56   LEU A CD2 
410 N  N   . THR A 56 ? 0.1220 0.1838 0.1316 0.0174  -0.0005 -0.0457 57   THR A N   
411 C  CA  . THR A 56 ? 0.1409 0.1799 0.1526 0.0176  0.0167  -0.0511 57   THR A CA  
412 C  C   . THR A 56 ? 0.1372 0.1816 0.1107 0.0050  0.0406  -0.0558 57   THR A C   
413 O  O   . THR A 56 ? 0.0991 0.1656 0.1297 -0.0019 0.0274  -0.0347 57   THR A O   
414 C  CB  . THR A 56 ? 0.1464 0.2094 0.2205 0.0108  0.0072  -0.0579 57   THR A CB  
415 O  OG1 . THR A 56 ? 0.1571 0.2400 0.2303 0.0020  0.0624  -0.0572 57   THR A OG1 
416 C  CG2 . THR A 56 ? 0.1555 0.2498 0.2865 0.0110  -0.0372 -0.0299 57   THR A CG2 
417 N  N   . ASP A 57 ? 0.1399 0.1763 0.1145 -0.0001 0.0235  -0.0469 58   ASP A N   
418 C  CA  . ASP A 57 ? 0.1256 0.1862 0.1132 -0.0169 0.0229  -0.0379 58   ASP A CA  
419 C  C   . ASP A 57 ? 0.1179 0.1732 0.0876 -0.0145 0.0062  -0.0235 58   ASP A C   
420 O  O   . ASP A 57 ? 0.1231 0.1696 0.0774 -0.0236 0.0323  0.0002  58   ASP A O   
421 C  CB  . ASP A 57 ? 0.1343 0.2246 0.1058 -0.0172 0.0197  -0.0372 58   ASP A CB  
422 C  CG  . ASP A 57 ? 0.1050 0.2407 0.1048 -0.0148 0.0455  -0.0329 58   ASP A CG  
423 O  OD1 . ASP A 57 ? 0.1605 0.2260 0.1046 -0.0120 0.0539  -0.0313 58   ASP A OD1 
424 O  OD2 . ASP A 57 ? 0.1411 0.2712 0.1018 -0.0341 0.0301  -0.0325 58   ASP A OD2 
425 N  N   . ALA A 58 ? 0.1299 0.1441 0.1200 -0.0072 0.0179  -0.0160 59   ALA A N   
426 C  CA  . ALA A 58 ? 0.1116 0.1587 0.0973 -0.0117 0.0082  0.0006  59   ALA A CA  
427 C  C   . ALA A 58 ? 0.0841 0.1422 0.0921 -0.0092 0.0241  0.0047  59   ALA A C   
428 O  O   . ALA A 58 ? 0.1010 0.1532 0.1001 0.0049  0.0292  0.0154  59   ALA A O   
429 C  CB  . ALA A 58 ? 0.1457 0.1583 0.1409 -0.0227 0.0195  0.0035  59   ALA A CB  
430 N  N   . VAL A 59 ? 0.0926 0.1582 0.1038 0.0096  0.0194  -0.0011 60   VAL A N   
431 C  CA  . VAL A 59 ? 0.0994 0.1594 0.0860 -0.0064 0.0304  0.0044  60   VAL A CA  
432 C  C   . VAL A 59 ? 0.0962 0.1467 0.0739 0.0039  0.0240  0.0014  60   VAL A C   
433 O  O   . VAL A 59 ? 0.1043 0.1458 0.0943 0.0064  0.0358  0.0067  60   VAL A O   
434 C  CB  . VAL A 59 ? 0.1118 0.1486 0.0738 -0.0009 0.0350  0.0041  60   VAL A CB  
435 C  CG1 . VAL A 59 ? 0.1208 0.1483 0.1044 -0.0225 0.0235  0.0056  60   VAL A CG1 
436 C  CG2 . VAL A 59 ? 0.0913 0.1643 0.0681 -0.0001 0.0401  0.0137  60   VAL A CG2 
437 N  N   . GLU A 60 ? 0.1063 0.1537 0.0804 -0.0056 0.0351  0.0002  61   GLU A N   
438 C  CA  . GLU A 60 ? 0.1175 0.1781 0.1033 -0.0224 0.0285  0.0150  61   GLU A CA  
439 C  C   . GLU A 60 ? 0.1298 0.1699 0.0954 -0.0220 0.0228  0.0128  61   GLU A C   
440 O  O   . GLU A 60 ? 0.1429 0.1718 0.1090 -0.0325 0.0254  0.0202  61   GLU A O   
441 C  CB  . GLU A 60 ? 0.1171 0.2134 0.1024 -0.0149 0.0211  0.0120  61   GLU A CB  
442 C  CG  . GLU A 60 ? 0.1651 0.2206 0.1327 -0.0304 0.0195  0.0412  61   GLU A CG  
443 C  CD  . GLU A 60 ? 0.1847 0.2569 0.1542 -0.0511 -0.0059 0.0387  61   GLU A CD  
444 O  OE1 . GLU A 60 ? 0.1453 0.2430 0.1680 -0.0482 -0.0168 0.0385  61   GLU A OE1 
445 O  OE2 . GLU A 60 ? 0.1961 0.3168 0.1760 -0.0533 0.0178  0.0503  61   GLU A OE2 
446 N  N   . ARG A 61 ? 0.1234 0.1443 0.1029 -0.0075 0.0128  0.0095  62   ARG A N   
447 C  CA  . ARG A 61 ? 0.1288 0.1781 0.1194 -0.0007 0.0070  0.0132  62   ARG A CA  
448 C  C   . ARG A 61 ? 0.1425 0.1689 0.1084 -0.0010 0.0111  0.0182  62   ARG A C   
449 O  O   . ARG A 61 ? 0.2058 0.1828 0.1332 0.0223  -0.0063 0.0346  62   ARG A O   
450 C  CB  . ARG A 61 ? 0.1396 0.1953 0.0947 -0.0008 0.0058  0.0090  62   ARG A CB  
451 C  CG  . ARG A 61 ? 0.1268 0.2216 0.0786 -0.0206 0.0120  0.0138  62   ARG A CG  
452 C  CD  . ARG A 61 ? 0.1523 0.2294 0.0818 -0.0240 0.0230  -0.0054 62   ARG A CD  
453 N  NE  . ARG A 61 ? 0.1541 0.2329 0.0922 -0.0211 0.0157  -0.0193 62   ARG A NE  
454 C  CZ  . ARG A 61 ? 0.1365 0.2528 0.0868 -0.0314 0.0294  -0.0225 62   ARG A CZ  
455 N  NH1 . ARG A 61 ? 0.1583 0.2816 0.0969 -0.0044 0.0514  -0.0591 62   ARG A NH1 
456 N  NH2 . ARG A 61 ? 0.1292 0.2533 0.1101 -0.0078 0.0387  -0.0273 62   ARG A NH2 
457 N  N   . ALA A 62 ? 0.1317 0.1711 0.1056 0.0107  0.0201  0.0200  63   ALA A N   
458 C  CA  . ALA A 62 ? 0.1091 0.1687 0.1518 0.0224  0.0221  0.0069  63   ALA A CA  
459 C  C   . ALA A 62 ? 0.1567 0.1516 0.1606 0.0268  0.0016  0.0177  63   ALA A C   
460 O  O   . ALA A 62 ? 0.2249 0.1753 0.1749 0.0587  0.0131  0.0037  63   ALA A O   
461 C  CB  . ALA A 62 ? 0.1364 0.1698 0.1545 -0.0002 0.0345  0.0014  63   ALA A CB  
462 N  N   . GLY A 63 ? 0.1625 0.1347 0.1504 0.0220  0.0008  0.0196  64   GLY A N   
463 C  CA  . GLY A 63 ? 0.2016 0.1424 0.1754 0.0020  -0.0136 0.0259  64   GLY A CA  
464 C  C   . GLY A 63 ? 0.1806 0.1434 0.1876 0.0015  -0.0165 0.0068  64   GLY A C   
465 O  O   . GLY A 63 ? 0.2755 0.1495 0.2397 -0.0085 -0.0536 -0.0006 64   GLY A O   
466 N  N   . TYR A 64 ? 0.1293 0.1483 0.1416 -0.0025 0.0035  0.0036  65   TYR A N   
467 C  CA  . TYR A 64 ? 0.1447 0.1341 0.1420 0.0079  -0.0033 -0.0015 65   TYR A CA  
468 C  C   . TYR A 64 ? 0.1340 0.1488 0.1458 -0.0066 0.0020  -0.0163 65   TYR A C   
469 O  O   . TYR A 64 ? 0.1452 0.1938 0.1418 -0.0272 0.0018  0.0106  65   TYR A O   
470 C  CB  . TYR A 64 ? 0.1328 0.1375 0.1490 0.0103  -0.0010 -0.0008 65   TYR A CB  
471 C  CG  . TYR A 64 ? 0.1422 0.1505 0.1356 0.0097  0.0042  -0.0007 65   TYR A CG  
472 C  CD1 . TYR A 64 ? 0.1364 0.1732 0.1381 0.0053  -0.0047 -0.0118 65   TYR A CD1 
473 C  CD2 . TYR A 64 ? 0.1411 0.1462 0.1292 -0.0063 0.0170  -0.0103 65   TYR A CD2 
474 C  CE1 . TYR A 64 ? 0.1557 0.1784 0.1591 0.0147  -0.0008 -0.0218 65   TYR A CE1 
475 C  CE2 . TYR A 64 ? 0.1555 0.1933 0.1185 0.0101  0.0291  -0.0095 65   TYR A CE2 
476 C  CZ  . TYR A 64 ? 0.1434 0.1817 0.1371 0.0324  -0.0083 -0.0179 65   TYR A CZ  
477 O  OH  . TYR A 64 ? 0.1814 0.1782 0.1709 0.0412  0.0181  -0.0381 65   TYR A OH  
478 N  N   . HIS A 65 ? 0.1327 0.1695 0.1385 -0.0085 0.0214  0.0041  66   HIS A N   
479 C  CA  . HIS A 65 ? 0.1206 0.1677 0.1454 -0.0200 0.0238  0.0134  66   HIS A CA  
480 C  C   . HIS A 65 ? 0.1099 0.1601 0.1218 -0.0035 0.0050  -0.0005 66   HIS A C   
481 O  O   . HIS A 65 ? 0.1835 0.1708 0.1191 0.0061  0.0020  -0.0119 66   HIS A O   
482 C  CB  . HIS A 65 ? 0.1194 0.1950 0.1662 -0.0370 0.0067  0.0009  66   HIS A CB  
483 C  CG  . HIS A 65 ? 0.1335 0.2205 0.1663 -0.0273 0.0269  0.0133  66   HIS A CG  
484 N  ND1 . HIS A 65 ? 0.1446 0.2494 0.1716 -0.0299 0.0330  0.0004  66   HIS A ND1 
485 C  CD2 . HIS A 65 ? 0.1266 0.2320 0.1721 -0.0377 0.0227  0.0122  66   HIS A CD2 
486 C  CE1 . HIS A 65 ? 0.1712 0.2363 0.1686 -0.0086 -0.0116 0.0099  66   HIS A CE1 
487 N  NE2 . HIS A 65 ? 0.1430 0.2483 0.1372 -0.0268 0.0158  0.0141  66   HIS A NE2 
488 N  N   . ALA A 66 ? 0.1193 0.1725 0.1024 -0.0153 0.0075  -0.0072 67   ALA A N   
489 C  CA  . ALA A 66 ? 0.1213 0.1639 0.1022 0.0096  0.0129  -0.0168 67   ALA A CA  
490 C  C   . ALA A 66 ? 0.1301 0.1833 0.0898 0.0147  0.0245  0.0007  67   ALA A C   
491 O  O   . ALA A 66 ? 0.1429 0.2444 0.0996 0.0074  0.0367  0.0013  67   ALA A O   
492 C  CB  . ALA A 66 ? 0.1365 0.1704 0.1199 -0.0002 0.0395  -0.0001 67   ALA A CB  
493 N  N   . ARG A 67 ? 0.1329 0.1882 0.1109 0.0239  0.0363  0.0162  68   ARG A N   
494 C  CA  . ARG A 67 ? 0.1248 0.2221 0.1420 0.0292  0.0356  0.0004  68   ARG A CA  
495 C  C   . ARG A 67 ? 0.1124 0.2130 0.1157 0.0294  0.0394  -0.0128 68   ARG A C   
496 O  O   . ARG A 67 ? 0.1493 0.1969 0.1129 0.0389  0.0487  0.0047  68   ARG A O   
497 C  CB  . ARG A 67 ? 0.1683 0.2407 0.3021 -0.0073 -0.0151 -0.0158 68   ARG A CB  
498 C  CG  . ARG A 67 ? 0.2035 0.2395 0.2553 -0.0011 0.0363  0.0048  68   ARG A CG  
499 C  CD  . ARG A 67 ? 0.2124 0.2845 0.3172 -0.0233 0.0018  -0.0025 68   ARG A CD  
500 N  NE  . ARG A 67 ? 0.2819 0.3759 0.3382 -0.0376 -0.0251 0.0284  68   ARG A NE  
501 C  CZ  . ARG A 67 ? 0.3028 0.3452 0.4137 -0.0542 -0.0245 0.0444  68   ARG A CZ  
502 N  NH1 . ARG A 67 ? 0.2412 0.3168 0.3975 -0.0827 -0.0263 0.0922  68   ARG A NH1 
503 N  NH2 . ARG A 67 ? 0.4174 0.3768 0.4384 0.0185  -0.0429 0.0846  68   ARG A NH2 
504 N  N   . VAL A 68 ? 0.1200 0.2687 0.1745 0.0091  0.0858  -0.0623 69   VAL A N   
505 C  CA  . VAL A 68 ? 0.2005 0.2922 0.1984 0.0190  0.0201  -0.0169 69   VAL A CA  
506 C  C   . VAL A 68 ? 0.2261 0.2393 0.1959 0.0064  -0.0251 -0.0523 69   VAL A C   
507 O  O   . VAL A 68 ? 0.2035 0.2995 0.3175 0.0582  -0.0564 -0.0582 69   VAL A O   
508 C  CB  . VAL A 68 ? 0.2351 0.3412 0.2500 0.0258  -0.0199 -0.0671 69   VAL A CB  
509 C  CG1 . VAL A 68 ? 0.3050 0.3036 0.3629 0.1111  -0.0558 -0.0580 69   VAL A CG1 
510 C  CG2 . VAL A 68 ? 0.2247 0.2921 0.2434 0.0267  0.0139  -0.0547 69   VAL A CG2 
511 N  N   . LEU A 69 ? 0.1956 0.2696 0.2282 0.0488  -0.0078 -0.0380 70   LEU A N   
512 C  CA  . LEU A 69 ? 0.2461 0.2568 0.3677 0.0427  -0.1164 -0.0445 70   LEU A CA  
513 C  C   . LEU A 69 ? 0.3943 0.2494 0.4268 0.0062  -0.0714 -0.0507 70   LEU A C   
514 O  O   . LEU A 69 ? 0.3933 0.2572 0.4904 0.0794  -0.1258 -0.1143 70   LEU A O   
515 C  CB  . LEU A 69 ? 0.3044 0.2664 0.3560 0.0426  -0.0780 -0.0149 70   LEU A CB  
516 C  CG  . LEU A 69 ? 0.2480 0.2527 0.3239 0.0000  -0.0662 -0.0184 70   LEU A CG  
517 C  CD1 . LEU A 69 ? 0.2619 0.2937 0.3070 0.0055  -0.0610 0.0422  70   LEU A CD1 
518 C  CD2 . LEU A 69 ? 0.2271 0.3024 0.3598 0.0021  -0.0127 0.0009  70   LEU A CD2 
519 ZN ZN  . ZN  B .  ? 0.1896 0.1468 0.1775 0.0346  -0.0436 -0.0344 71   ZN  A ZN  
520 O  O   . HOH C .  ? 0.2946 0.3896 0.3340 0.0023  -0.0451 0.0303  2001 HOH A O   
521 O  O   . HOH C .  ? 0.3150 0.2640 0.5261 -0.0382 -0.1003 0.0282  2002 HOH A O   
522 O  O   . HOH C .  ? 0.4047 0.4157 0.6984 -0.0015 -0.0022 -0.1473 2003 HOH A O   
523 O  O   . HOH C .  ? 0.6290 0.1796 1.0491 -0.0262 0.0826  -0.1507 2004 HOH A O   
524 O  O   . HOH C .  ? 0.3639 0.3960 0.4972 0.1169  -0.0250 -0.0426 2005 HOH A O   
525 O  O   . HOH C .  ? 0.2115 0.5105 0.6379 -0.0133 -0.0220 0.1766  2006 HOH A O   
526 O  O   . HOH C .  ? 0.2085 0.3648 0.1941 -0.0590 0.0439  -0.0495 2007 HOH A O   
527 O  O   . HOH C .  ? 0.3115 0.7856 0.2744 0.0800  0.0282  0.0218  2008 HOH A O   
528 O  O   . HOH C .  ? 0.3160 0.6710 0.2905 0.1718  -0.0982 -0.1069 2009 HOH A O   
529 O  O   . HOH C .  ? 0.3015 0.3667 0.4759 0.0463  0.1685  0.0469  2010 HOH A O   
530 O  O   . HOH C .  ? 0.4329 0.4925 0.4141 -0.0132 0.0345  0.0792  2011 HOH A O   
531 O  O   . HOH C .  ? 0.3322 0.2833 0.7085 0.1083  -0.1707 -0.0288 2012 HOH A O   
532 O  O   . HOH C .  ? 0.4492 0.3956 0.2543 0.0416  -0.0698 -0.0102 2013 HOH A O   
533 O  O   . HOH C .  ? 0.2634 0.3441 0.2584 0.0581  0.0649  0.0376  2014 HOH A O   
534 O  O   . HOH C .  ? 0.2625 0.5747 0.2911 0.0038  -0.0392 0.1043  2015 HOH A O   
535 O  O   . HOH C .  ? 0.3246 0.2978 0.3993 -0.0766 -0.1061 0.0547  2016 HOH A O   
536 O  O   . HOH C .  ? 0.1204 0.1953 0.1365 0.0239  0.0153  -0.0007 2017 HOH A O   
537 O  O   . HOH C .  ? 0.1967 0.4914 0.2428 -0.0768 0.0116  -0.0314 2018 HOH A O   
538 O  O   . HOH C .  ? 0.5408 0.5025 0.2614 -0.2543 -0.0565 0.0704  2019 HOH A O   
539 O  O   . HOH C .  ? 0.1827 0.3278 0.1978 -0.0812 0.0593  -0.0364 2020 HOH A O   
540 O  O   . HOH C .  ? 0.1947 0.6089 0.4323 -0.0607 0.1035  -0.1272 2021 HOH A O   
541 O  O   . HOH C .  ? 0.4392 0.4363 0.4977 0.0415  0.0486  0.0657  2022 HOH A O   
542 O  O   . HOH C .  ? 0.2994 0.5224 0.4089 -0.1543 0.0426  -0.0486 2023 HOH A O   
543 O  O   . HOH C .  ? 0.3428 0.4496 0.2418 -0.0466 -0.0111 0.0592  2024 HOH A O   
544 O  O   . HOH C .  ? 0.3236 0.4067 0.2643 -0.0235 -0.0199 -0.0042 2025 HOH A O   
545 O  O   . HOH C .  ? 0.2049 0.2656 0.2593 -0.0295 -0.0528 -0.0107 2026 HOH A O   
546 O  O   . HOH C .  ? 0.4292 0.3205 0.5552 0.0317  -0.1028 0.1716  2027 HOH A O   
547 O  O   . HOH C .  ? 0.1671 0.4187 0.5663 -0.0205 -0.0177 -0.0887 2028 HOH A O   
548 O  O   . HOH C .  ? 0.2677 0.2504 0.2384 -0.0700 -0.0644 0.0384  2029 HOH A O   
549 O  O   . HOH C .  ? 0.5435 0.4400 0.3547 -0.0094 -0.0996 0.1086  2030 HOH A O   
550 O  O   . HOH C .  ? 0.4939 0.4502 0.3277 -0.1010 0.0603  -0.0859 2031 HOH A O   
551 O  O   . HOH C .  ? 0.2625 0.4299 0.3265 -0.0012 0.0862  -0.0343 2032 HOH A O   
552 O  O   . HOH C .  ? 0.2846 0.4593 0.4255 0.0138  -0.0548 -0.0811 2033 HOH A O   
553 O  O   . HOH C .  ? 0.2469 0.4850 0.5951 -0.0058 0.0655  0.1328  2034 HOH A O   
554 O  O   . HOH C .  ? 0.4274 0.4538 0.5531 0.0903  -0.1693 -0.2317 2035 HOH A O   
555 O  O   . HOH C .  ? 0.2361 0.2176 0.2808 0.0413  0.0381  0.0357  2036 HOH A O   
556 O  O   . HOH C .  ? 0.6072 0.3440 0.4107 -0.0239 -0.2466 0.0304  2037 HOH A O   
557 O  O   . HOH C .  ? 0.2753 0.2080 0.1693 0.0317  -0.0182 -0.0553 2038 HOH A O   
558 O  O   . HOH C .  ? 0.1258 0.3077 0.1217 -0.0030 0.0027  -0.0132 2039 HOH A O   
559 O  O   . HOH C .  ? 0.4783 0.3438 0.2446 0.1860  -0.0301 -0.0887 2040 HOH A O   
560 O  O   . HOH C .  ? 0.2633 0.5140 0.3222 0.0811  -0.0222 -0.1157 2041 HOH A O   
561 O  O   . HOH C .  ? 0.2518 0.2145 0.1984 0.0571  -0.0390 0.0069  2042 HOH A O   
562 O  O   . HOH C .  ? 0.1408 0.3478 0.3296 0.0418  0.0500  0.1130  2043 HOH A O   
563 O  O   . HOH C .  ? 1.6951 1.5303 0.6631 -0.6992 0.5279  -0.4019 2044 HOH A O   
564 O  O   . HOH C .  ? 0.3595 0.3874 0.6532 0.0984  0.0208  -0.1485 2045 HOH A O   
565 O  O   . HOH C .  ? 0.2718 0.2000 0.2001 0.0345  -0.0655 -0.0224 2046 HOH A O   
566 O  O   . HOH C .  ? 0.6234 0.4077 0.7940 -0.0434 0.3545  -0.0642 2047 HOH A O   
567 O  O   . HOH C .  ? 0.3534 0.3987 0.2646 -0.0922 0.0181  -0.0430 2048 HOH A O   
568 O  O   . HOH C .  ? 0.1629 0.2850 0.5315 -0.0012 0.0428  -0.0701 2049 HOH A O   
569 O  O   . HOH C .  ? 0.1758 0.2348 0.1445 -0.0287 0.0487  -0.0178 2050 HOH A O   
570 O  O   . HOH C .  ? 0.2396 0.3459 0.4030 0.0057  -0.0598 -0.0076 2051 HOH A O   
571 O  O   . HOH C .  ? 0.1229 0.3770 0.2232 -0.0463 0.0409  -0.0217 2052 HOH A O   
572 O  O   . HOH C .  ? 0.2239 0.3706 0.4124 0.0029  0.0669  0.0224  2053 HOH A O   
573 O  O   . HOH C .  ? 0.3012 0.4415 0.3252 -0.1171 -0.0747 0.0281  2054 HOH A O   
574 O  O   . HOH C .  ? 0.1898 0.2936 0.1731 -0.0177 -0.0121 0.0571  2055 HOH A O   
575 O  O   . HOH C .  ? 0.1851 0.2404 0.2500 -0.0373 0.0819  -0.0094 2056 HOH A O   
576 O  O   . HOH C .  ? 0.1935 0.2455 0.2272 -0.0035 0.0038  -0.0305 2057 HOH A O   
577 O  O   . HOH C .  ? 0.3000 0.5342 0.2647 0.0046  -0.0682 -0.0051 2058 HOH A O   
578 O  O   . HOH C .  ? 0.3118 0.2775 0.3026 -0.0313 0.1212  -0.0007 2059 HOH A O   
579 O  O   . HOH C .  ? 0.4254 0.2820 0.2559 0.0961  -0.0390 0.0680  2060 HOH A O   
580 O  O   . HOH C .  ? 0.4055 0.1939 0.2685 -0.0053 -0.0991 0.0192  2061 HOH A O   
581 O  O   . HOH C .  ? 0.2122 0.2803 0.2610 -0.0438 0.0153  0.0229  2062 HOH A O   
582 O  O   . HOH C .  ? 0.1689 0.3759 0.2048 0.0027  0.0092  -0.0262 2063 HOH A O   
583 O  O   . HOH C .  ? 0.4030 0.3865 0.3226 0.1042  -0.0310 -0.0470 2064 HOH A O   
584 O  O   . HOH C .  ? 0.4413 0.3087 0.3206 -0.0437 -0.0284 0.0212  2065 HOH A O   
585 O  O   . HOH C .  ? 0.3082 0.5902 0.3500 0.0561  0.0248  -0.1215 2066 HOH A O   
586 O  O   . HOH C .  ? 0.3767 0.3365 0.3398 -0.0230 0.0528  0.0240  2067 HOH A O   
587 O  O   . HOH C .  ? 0.5392 0.2917 0.2961 -0.1323 0.0812  0.0500  2068 HOH A O   
588 O  O   . HOH C .  ? 0.1796 0.3419 0.2128 -0.0626 0.0498  -0.0389 2069 HOH A O   
589 O  O   . HOH C .  ? 0.4827 0.2393 0.3125 -0.0927 0.0660  -0.0857 2070 HOH A O   
590 O  O   . HOH C .  ? 0.2868 0.3918 0.4417 -0.0639 0.0749  0.0900  2071 HOH A O   
591 O  O   . HOH C .  ? 0.2060 0.2170 0.2280 -0.0307 -0.0542 -0.0120 2072 HOH A O   
592 O  O   . HOH C .  ? 0.2193 0.5322 0.3259 -0.0891 -0.0001 0.0804  2073 HOH A O   
593 O  O   . HOH C .  ? 0.5145 0.3063 0.2268 -0.0562 -0.1181 0.0091  2074 HOH A O   
594 O  O   . HOH C .  ? 0.2759 0.2148 0.4101 0.0098  -0.0826 0.0024  2075 HOH A O   
595 O  O   . HOH C .  ? 0.2710 0.2122 0.2197 -0.0572 -0.0340 0.0998  2076 HOH A O   
596 O  O   . HOH C .  ? 0.3583 0.5862 0.3363 -0.1504 0.1042  -0.1246 2077 HOH A O   
597 O  O   . HOH C .  ? 0.9622 0.5035 0.3527 -0.0297 -0.0542 -0.0686 2078 HOH A O   
598 O  O   . HOH C .  ? 0.3595 0.2259 0.2275 -0.0681 -0.0519 0.0312  2079 HOH A O   
599 O  O   . HOH C .  ? 0.3894 0.2731 0.2394 -0.0317 0.1605  -0.0759 2080 HOH A O   
600 O  O   . HOH C .  ? 0.2250 0.3269 0.4302 0.0484  -0.0094 -0.1515 2081 HOH A O   
601 O  O   . HOH C .  ? 0.2767 0.4903 0.1580 -0.1328 -0.0041 0.0119  2082 HOH A O   
602 O  O   . HOH C .  ? 0.4037 0.6266 0.5213 -0.0005 0.0620  -0.2171 2083 HOH A O   
603 O  O   . HOH C .  ? 0.1756 0.2571 0.1736 -0.0061 0.0076  -0.0138 2084 HOH A O   
604 O  O   . HOH C .  ? 0.1543 0.2811 0.1222 -0.0645 -0.0085 0.0486  2085 HOH A O   
605 O  O   . HOH C .  ? 0.2436 0.4237 0.4995 0.0576  0.0920  -0.1672 2086 HOH A O   
606 O  O   . HOH C .  ? 0.3054 0.3736 0.2805 -0.0264 -0.0199 -0.0472 2087 HOH A O   
607 O  O   . HOH C .  ? 0.2384 0.3348 0.2310 -0.0915 0.0525  -0.0123 2088 HOH A O   
608 O  O   . HOH C .  ? 0.1286 0.2870 0.1401 0.0026  0.0293  0.0563  2089 HOH A O   
609 O  O   . HOH C .  ? 0.3794 0.2621 0.2703 0.0253  0.0378  0.0457  2090 HOH A O   
610 O  O   . HOH C .  ? 0.2293 0.4776 0.3393 -0.0764 0.0469  0.1227  2091 HOH A O   
611 O  O   . HOH C .  ? 0.2755 0.3087 0.2403 -0.0774 -0.0218 0.0085  2092 HOH A O   
612 O  O   . HOH C .  ? 0.3925 0.4518 0.2244 0.1948  -0.0303 -0.0585 2093 HOH A O   
613 O  O   . HOH C .  ? 0.6555 0.2717 0.3739 -0.0457 0.1079  -0.1059 2094 HOH A O   
614 O  O   . HOH C .  ? 0.2022 0.5809 0.0995 0.1217  0.0357  -0.0362 2095 HOH A O   
615 O  O   . HOH C .  ? 0.1563 0.2781 0.1387 -0.0290 0.0013  -0.0168 2096 HOH A O   
616 O  O   . HOH C .  ? 0.5773 0.3388 0.3835 0.1582  0.1874  0.0190  2097 HOH A O   
617 O  O   . HOH C .  ? 0.3352 0.4882 0.2736 0.1901  0.0080  -0.0409 2098 HOH A O   
618 O  O   . HOH C .  ? 0.3741 0.3600 0.3168 -0.0337 -0.0102 -0.0221 2099 HOH A O   
619 O  O   . HOH C .  ? 0.6631 0.2800 0.4846 -0.0303 -0.0405 0.0679  2100 HOH A O   
620 O  O   . HOH C .  ? 0.3306 0.3666 0.4370 -0.0630 -0.0473 0.0181  2101 HOH A O   
621 O  O   . HOH C .  ? 0.2087 0.3394 0.6676 -0.0299 0.1278  -0.0550 2102 HOH A O   
622 O  O   . HOH C .  ? 0.3764 0.3822 0.1748 -0.0260 0.0983  -0.0203 2103 HOH A O   
623 O  O   . HOH C .  ? 0.4703 0.2648 0.7155 0.0741  -0.0396 0.0849  2104 HOH A O   
624 O  O   . HOH C .  ? 0.6349 0.1244 0.8789 0.0055  -0.1035 -0.0272 2105 HOH A O   
# 
loop_
_pdbx_poly_seq_scheme.asym_id 
_pdbx_poly_seq_scheme.entity_id 
_pdbx_poly_seq_scheme.seq_id 
_pdbx_poly_seq_scheme.mon_id 
_pdbx_poly_seq_scheme.ndb_seq_num 
_pdbx_poly_seq_scheme.pdb_seq_num 
_pdbx_poly_seq_scheme.auth_seq_num 
_pdbx_poly_seq_scheme.pdb_mon_id 
_pdbx_poly_seq_scheme.auth_mon_id 
_pdbx_poly_seq_scheme.pdb_strand_id 
_pdbx_poly_seq_scheme.pdb_ins_code 
_pdbx_poly_seq_scheme.hetero 
A 1 1  ALA 1  2  2  ALA ALA A . n 
A 1 2  GLN 2  3  3  GLN GLN A . n 
A 1 3  THR 3  4  4  THR THR A . n 
A 1 4  ILE 4  5  5  ILE ILE A . n 
A 1 5  ASN 5  6  6  ASN ASN A . n 
A 1 6  LEU 6  7  7  LEU LEU A . n 
A 1 7  GLN 7  8  8  GLN GLN A . n 
A 1 8  LEU 8  9  9  LEU LEU A . n 
A 1 9  GLU 9  10 10 GLU GLU A . n 
A 1 10 GLY 10 11 11 GLY GLY A . n 
A 1 11 MET 11 12 12 MET MET A . n 
A 1 12 ASP 12 13 13 ASP ASP A . n 
A 1 13 CYS 13 14 14 CYS CYS A . n 
A 1 14 THR 14 15 15 THR THR A . n 
A 1 15 SER 15 16 16 SER SER A . n 
A 1 16 CYS 16 17 17 CYS CYS A . n 
A 1 17 ALA 17 18 18 ALA ALA A . n 
A 1 18 SER 18 19 19 SER SER A . n 
A 1 19 SER 19 20 20 SER SER A . n 
A 1 20 ILE 20 21 21 ILE ILE A . n 
A 1 21 GLU 21 22 22 GLU GLU A . n 
A 1 22 ARG 22 23 23 ARG ARG A . n 
A 1 23 ALA 23 24 24 ALA ALA A . n 
A 1 24 ILE 24 25 25 ILE ILE A . n 
A 1 25 ALA 25 26 26 ALA ALA A . n 
A 1 26 LYS 26 27 27 LYS LYS A . n 
A 1 27 VAL 27 28 28 VAL VAL A . n 
A 1 28 PRO 28 29 29 PRO PRO A . n 
A 1 29 GLY 29 30 30 GLY GLY A . n 
A 1 30 VAL 30 31 31 VAL VAL A . n 
A 1 31 GLN 31 32 32 GLN GLN A . n 
A 1 32 SER 32 33 33 SER SER A . n 
A 1 33 CYS 33 34 34 CYS CYS A . n 
A 1 34 GLN 34 35 35 GLN GLN A . n 
A 1 35 VAL 35 36 36 VAL VAL A . n 
A 1 36 ASN 36 37 37 ASN ASN A . n 
A 1 37 PHE 37 38 38 PHE PHE A . n 
A 1 38 ALA 38 39 39 ALA ALA A . n 
A 1 39 LEU 39 40 40 LEU LEU A . n 
A 1 40 GLU 40 41 41 GLU GLU A . n 
A 1 41 GLN 41 42 42 GLN GLN A . n 
A 1 42 ALA 42 43 43 ALA ALA A . n 
A 1 43 VAL 43 44 44 VAL VAL A . n 
A 1 44 VAL 44 45 45 VAL VAL A . n 
A 1 45 SER 45 46 46 SER SER A . n 
A 1 46 TYR 46 47 47 TYR TYR A . n 
A 1 47 HIS 47 48 48 HIS HIS A . n 
A 1 48 GLY 48 49 49 GLY GLY A . n 
A 1 49 GLU 49 50 50 GLU GLU A . n 
A 1 50 THR 50 51 51 THR THR A . n 
A 1 51 THR 51 52 52 THR THR A . n 
A 1 52 PRO 52 53 53 PRO PRO A . n 
A 1 53 GLN 53 54 54 GLN GLN A . n 
A 1 54 ILE 54 55 55 ILE ILE A . n 
A 1 55 LEU 55 56 56 LEU LEU A . n 
A 1 56 THR 56 57 57 THR THR A . n 
A 1 57 ASP 57 58 58 ASP ASP A . n 
A 1 58 ALA 58 59 59 ALA ALA A . n 
A 1 59 VAL 59 60 60 VAL VAL A . n 
A 1 60 GLU 60 61 61 GLU GLU A . n 
A 1 61 ARG 61 62 62 ARG ARG A . n 
A 1 62 ALA 62 63 63 ALA ALA A . n 
A 1 63 GLY 63 64 64 GLY GLY A . n 
A 1 64 TYR 64 65 65 TYR TYR A . n 
A 1 65 HIS 65 66 66 HIS HIS A . n 
A 1 66 ALA 66 67 67 ALA ALA A . n 
A 1 67 ARG 67 68 68 ARG ARG A . n 
A 1 68 VAL 68 69 69 VAL VAL A . n 
A 1 69 LEU 69 70 70 LEU LEU A . n 
# 
loop_
_pdbx_nonpoly_scheme.asym_id 
_pdbx_nonpoly_scheme.entity_id 
_pdbx_nonpoly_scheme.mon_id 
_pdbx_nonpoly_scheme.ndb_seq_num 
_pdbx_nonpoly_scheme.pdb_seq_num 
_pdbx_nonpoly_scheme.auth_seq_num 
_pdbx_nonpoly_scheme.pdb_mon_id 
_pdbx_nonpoly_scheme.auth_mon_id 
_pdbx_nonpoly_scheme.pdb_strand_id 
_pdbx_nonpoly_scheme.pdb_ins_code 
B 2 ZN  1   71   71   ZN  ZN  A . 
C 3 HOH 1   2001 2001 HOH HOH A . 
C 3 HOH 2   2002 2002 HOH HOH A . 
C 3 HOH 3   2003 2003 HOH HOH A . 
C 3 HOH 4   2004 2004 HOH HOH A . 
C 3 HOH 5   2005 2005 HOH HOH A . 
C 3 HOH 6   2006 2006 HOH HOH A . 
C 3 HOH 7   2007 2007 HOH HOH A . 
C 3 HOH 8   2008 2008 HOH HOH A . 
C 3 HOH 9   2009 2009 HOH HOH A . 
C 3 HOH 10  2010 2010 HOH HOH A . 
C 3 HOH 11  2011 2011 HOH HOH A . 
C 3 HOH 12  2012 2012 HOH HOH A . 
C 3 HOH 13  2013 2013 HOH HOH A . 
C 3 HOH 14  2014 2014 HOH HOH A . 
C 3 HOH 15  2015 2015 HOH HOH A . 
C 3 HOH 16  2016 2016 HOH HOH A . 
C 3 HOH 17  2017 2017 HOH HOH A . 
C 3 HOH 18  2018 2018 HOH HOH A . 
C 3 HOH 19  2019 2019 HOH HOH A . 
C 3 HOH 20  2020 2020 HOH HOH A . 
C 3 HOH 21  2021 2021 HOH HOH A . 
C 3 HOH 22  2022 2022 HOH HOH A . 
C 3 HOH 23  2023 2023 HOH HOH A . 
C 3 HOH 24  2024 2024 HOH HOH A . 
C 3 HOH 25  2025 2025 HOH HOH A . 
C 3 HOH 26  2026 2026 HOH HOH A . 
C 3 HOH 27  2027 2027 HOH HOH A . 
C 3 HOH 28  2028 2028 HOH HOH A . 
C 3 HOH 29  2029 2029 HOH HOH A . 
C 3 HOH 30  2030 2030 HOH HOH A . 
C 3 HOH 31  2031 2031 HOH HOH A . 
C 3 HOH 32  2032 2032 HOH HOH A . 
C 3 HOH 33  2033 2033 HOH HOH A . 
C 3 HOH 34  2034 2034 HOH HOH A . 
C 3 HOH 35  2035 2035 HOH HOH A . 
C 3 HOH 36  2036 2036 HOH HOH A . 
C 3 HOH 37  2037 2037 HOH HOH A . 
C 3 HOH 38  2038 2038 HOH HOH A . 
C 3 HOH 39  2039 2039 HOH HOH A . 
C 3 HOH 40  2040 2040 HOH HOH A . 
C 3 HOH 41  2041 2041 HOH HOH A . 
C 3 HOH 42  2042 2042 HOH HOH A . 
C 3 HOH 43  2043 2043 HOH HOH A . 
C 3 HOH 44  2044 2044 HOH HOH A . 
C 3 HOH 45  2045 2045 HOH HOH A . 
C 3 HOH 46  2046 2046 HOH HOH A . 
C 3 HOH 47  2047 2047 HOH HOH A . 
C 3 HOH 48  2048 2048 HOH HOH A . 
C 3 HOH 49  2049 2049 HOH HOH A . 
C 3 HOH 50  2050 2050 HOH HOH A . 
C 3 HOH 51  2051 2051 HOH HOH A . 
C 3 HOH 52  2052 2052 HOH HOH A . 
C 3 HOH 53  2053 2053 HOH HOH A . 
C 3 HOH 54  2054 2054 HOH HOH A . 
C 3 HOH 55  2055 2055 HOH HOH A . 
C 3 HOH 56  2056 2056 HOH HOH A . 
C 3 HOH 57  2057 2057 HOH HOH A . 
C 3 HOH 58  2058 2058 HOH HOH A . 
C 3 HOH 59  2059 2059 HOH HOH A . 
C 3 HOH 60  2060 2060 HOH HOH A . 
C 3 HOH 61  2061 2061 HOH HOH A . 
C 3 HOH 62  2062 2062 HOH HOH A . 
C 3 HOH 63  2063 2063 HOH HOH A . 
C 3 HOH 64  2064 2064 HOH HOH A . 
C 3 HOH 65  2065 2065 HOH HOH A . 
C 3 HOH 66  2066 2066 HOH HOH A . 
C 3 HOH 67  2067 2067 HOH HOH A . 
C 3 HOH 68  2068 2068 HOH HOH A . 
C 3 HOH 69  2069 2069 HOH HOH A . 
C 3 HOH 70  2070 2070 HOH HOH A . 
C 3 HOH 71  2071 2071 HOH HOH A . 
C 3 HOH 72  2072 2072 HOH HOH A . 
C 3 HOH 73  2073 2073 HOH HOH A . 
C 3 HOH 74  2074 2074 HOH HOH A . 
C 3 HOH 75  2075 2075 HOH HOH A . 
C 3 HOH 76  2076 2076 HOH HOH A . 
C 3 HOH 77  2077 2077 HOH HOH A . 
C 3 HOH 78  2078 2078 HOH HOH A . 
C 3 HOH 79  2079 2079 HOH HOH A . 
C 3 HOH 80  2080 2080 HOH HOH A . 
C 3 HOH 81  2081 2081 HOH HOH A . 
C 3 HOH 82  2082 2082 HOH HOH A . 
C 3 HOH 83  2083 2083 HOH HOH A . 
C 3 HOH 84  2084 2084 HOH HOH A . 
C 3 HOH 85  2085 2085 HOH HOH A . 
C 3 HOH 86  2086 2086 HOH HOH A . 
C 3 HOH 87  2087 2087 HOH HOH A . 
C 3 HOH 88  2088 2088 HOH HOH A . 
C 3 HOH 89  2089 2089 HOH HOH A . 
C 3 HOH 90  2090 2090 HOH HOH A . 
C 3 HOH 91  2091 2091 HOH HOH A . 
C 3 HOH 92  2092 2092 HOH HOH A . 
C 3 HOH 93  2093 2093 HOH HOH A . 
C 3 HOH 94  2094 2094 HOH HOH A . 
C 3 HOH 95  2095 2095 HOH HOH A . 
C 3 HOH 96  2096 2096 HOH HOH A . 
C 3 HOH 97  2097 2097 HOH HOH A . 
C 3 HOH 98  2098 2098 HOH HOH A . 
C 3 HOH 99  2099 2099 HOH HOH A . 
C 3 HOH 100 2100 2100 HOH HOH A . 
C 3 HOH 101 2101 2101 HOH HOH A . 
C 3 HOH 102 2102 2102 HOH HOH A . 
C 3 HOH 103 2103 2103 HOH HOH A . 
C 3 HOH 104 2104 2104 HOH HOH A . 
C 3 HOH 105 2105 2105 HOH HOH A . 
# 
_pdbx_struct_assembly.id                   1 
_pdbx_struct_assembly.details              author_and_software_defined_assembly 
_pdbx_struct_assembly.method_details       PISA 
_pdbx_struct_assembly.oligomeric_details   monomeric 
_pdbx_struct_assembly.oligomeric_count     1 
# 
_pdbx_struct_assembly_gen.assembly_id       1 
_pdbx_struct_assembly_gen.oper_expression   1 
_pdbx_struct_assembly_gen.asym_id_list      A,B,C 
# 
_pdbx_struct_oper_list.id                   1 
_pdbx_struct_oper_list.type                 'identity operation' 
_pdbx_struct_oper_list.name                 1_555 
_pdbx_struct_oper_list.symmetry_operation   x,y,z 
_pdbx_struct_oper_list.matrix[1][1]         1.0000000000 
_pdbx_struct_oper_list.matrix[1][2]         0.0000000000 
_pdbx_struct_oper_list.matrix[1][3]         0.0000000000 
_pdbx_struct_oper_list.vector[1]            0.0000000000 
_pdbx_struct_oper_list.matrix[2][1]         0.0000000000 
_pdbx_struct_oper_list.matrix[2][2]         1.0000000000 
_pdbx_struct_oper_list.matrix[2][3]         0.0000000000 
_pdbx_struct_oper_list.vector[2]            0.0000000000 
_pdbx_struct_oper_list.matrix[3][1]         0.0000000000 
_pdbx_struct_oper_list.matrix[3][2]         0.0000000000 
_pdbx_struct_oper_list.matrix[3][3]         1.0000000000 
_pdbx_struct_oper_list.vector[3]            0.0000000000 
# 
loop_
_pdbx_struct_conn_angle.id 
_pdbx_struct_conn_angle.ptnr1_label_atom_id 
_pdbx_struct_conn_angle.ptnr1_label_alt_id 
_pdbx_struct_conn_angle.ptnr1_label_asym_id 
_pdbx_struct_conn_angle.ptnr1_label_comp_id 
_pdbx_struct_conn_angle.ptnr1_label_seq_id 
_pdbx_struct_conn_angle.ptnr1_auth_atom_id 
_pdbx_struct_conn_angle.ptnr1_auth_asym_id 
_pdbx_struct_conn_angle.ptnr1_auth_comp_id 
_pdbx_struct_conn_angle.ptnr1_auth_seq_id 
_pdbx_struct_conn_angle.ptnr1_PDB_ins_code 
_pdbx_struct_conn_angle.ptnr1_symmetry 
_pdbx_struct_conn_angle.ptnr2_label_atom_id 
_pdbx_struct_conn_angle.ptnr2_label_alt_id 
_pdbx_struct_conn_angle.ptnr2_label_asym_id 
_pdbx_struct_conn_angle.ptnr2_label_comp_id 
_pdbx_struct_conn_angle.ptnr2_label_seq_id 
_pdbx_struct_conn_angle.ptnr2_auth_atom_id 
_pdbx_struct_conn_angle.ptnr2_auth_asym_id 
_pdbx_struct_conn_angle.ptnr2_auth_comp_id 
_pdbx_struct_conn_angle.ptnr2_auth_seq_id 
_pdbx_struct_conn_angle.ptnr2_PDB_ins_code 
_pdbx_struct_conn_angle.ptnr2_symmetry 
_pdbx_struct_conn_angle.ptnr3_label_atom_id 
_pdbx_struct_conn_angle.ptnr3_label_alt_id 
_pdbx_struct_conn_angle.ptnr3_label_asym_id 
_pdbx_struct_conn_angle.ptnr3_label_comp_id 
_pdbx_struct_conn_angle.ptnr3_label_seq_id 
_pdbx_struct_conn_angle.ptnr3_auth_atom_id 
_pdbx_struct_conn_angle.ptnr3_auth_asym_id 
_pdbx_struct_conn_angle.ptnr3_auth_comp_id 
_pdbx_struct_conn_angle.ptnr3_auth_seq_id 
_pdbx_struct_conn_angle.ptnr3_PDB_ins_code 
_pdbx_struct_conn_angle.ptnr3_symmetry 
_pdbx_struct_conn_angle.value 
_pdbx_struct_conn_angle.value_esd 
1 OD1 ? A ASP 12 ? A ASP 13 ? 1_555 ZN ? B ZN . ? A ZN 71 ? 1_555 SG ? A CYS 13 ? A CYS 14 ? 1_555 118.7 ? 
2 OD1 ? A ASP 12 ? A ASP 13 ? 1_555 ZN ? B ZN . ? A ZN 71 ? 1_555 SG ? A CYS 16 ? A CYS 17 ? 1_555 107.0 ? 
3 SG  ? A CYS 13 ? A CYS 14 ? 1_555 ZN ? B ZN . ? A ZN 71 ? 1_555 SG ? A CYS 16 ? A CYS 17 ? 1_555 104.2 ? 
# 
loop_
_pdbx_audit_revision_history.ordinal 
_pdbx_audit_revision_history.data_content_type 
_pdbx_audit_revision_history.major_revision 
_pdbx_audit_revision_history.minor_revision 
_pdbx_audit_revision_history.revision_date 
1 'Structure model' 1 0 2012-12-12 
2 'Structure model' 1 1 2013-11-20 
3 'Structure model' 1 2 2023-12-20 
# 
_pdbx_audit_revision_details.ordinal             1 
_pdbx_audit_revision_details.revision_ordinal    1 
_pdbx_audit_revision_details.data_content_type   'Structure model' 
_pdbx_audit_revision_details.provider            repository 
_pdbx_audit_revision_details.type                'Initial release' 
_pdbx_audit_revision_details.description         ? 
_pdbx_audit_revision_details.details             ? 
# 
loop_
_pdbx_audit_revision_group.ordinal 
_pdbx_audit_revision_group.revision_ordinal 
_pdbx_audit_revision_group.data_content_type 
_pdbx_audit_revision_group.group 
1 2 'Structure model' 'Database references'    
2 2 'Structure model' Other                    
3 2 'Structure model' 'Structure summary'      
4 3 'Structure model' 'Data collection'        
5 3 'Structure model' 'Database references'    
6 3 'Structure model' 'Derived calculations'   
7 3 'Structure model' Other                    
8 3 'Structure model' 'Refinement description' 
# 
loop_
_pdbx_audit_revision_category.ordinal 
_pdbx_audit_revision_category.revision_ordinal 
_pdbx_audit_revision_category.data_content_type 
_pdbx_audit_revision_category.category 
1 3 'Structure model' chem_comp_atom                
2 3 'Structure model' chem_comp_bond                
3 3 'Structure model' database_2                    
4 3 'Structure model' pdbx_database_status          
5 3 'Structure model' pdbx_initial_refinement_model 
6 3 'Structure model' struct_conn                   
7 3 'Structure model' struct_site                   
# 
loop_
_pdbx_audit_revision_item.ordinal 
_pdbx_audit_revision_item.revision_ordinal 
_pdbx_audit_revision_item.data_content_type 
_pdbx_audit_revision_item.item 
1  3 'Structure model' '_database_2.pdbx_DOI'                 
2  3 'Structure model' '_database_2.pdbx_database_accession'  
3  3 'Structure model' '_pdbx_database_status.status_code_sf' 
4  3 'Structure model' '_struct_conn.ptnr1_auth_comp_id'      
5  3 'Structure model' '_struct_conn.ptnr1_auth_seq_id'       
6  3 'Structure model' '_struct_conn.ptnr1_label_asym_id'     
7  3 'Structure model' '_struct_conn.ptnr1_label_atom_id'     
8  3 'Structure model' '_struct_conn.ptnr1_label_comp_id'     
9  3 'Structure model' '_struct_conn.ptnr1_label_seq_id'      
10 3 'Structure model' '_struct_conn.ptnr2_auth_comp_id'      
11 3 'Structure model' '_struct_conn.ptnr2_auth_seq_id'       
12 3 'Structure model' '_struct_conn.ptnr2_label_asym_id'     
13 3 'Structure model' '_struct_conn.ptnr2_label_atom_id'     
14 3 'Structure model' '_struct_conn.ptnr2_label_comp_id'     
15 3 'Structure model' '_struct_conn.ptnr2_label_seq_id'      
16 3 'Structure model' '_struct_site.pdbx_auth_asym_id'       
17 3 'Structure model' '_struct_site.pdbx_auth_comp_id'       
18 3 'Structure model' '_struct_site.pdbx_auth_seq_id'        
# 
loop_
_software.name 
_software.classification 
_software.version 
_software.citation_id 
_software.pdbx_ordinal 
REFMAC  refinement       5.6.0117 ? 1 
iMOSFLM 'data reduction' .        ? 2 
SCALA   'data scaling'   .        ? 3 
MOLREP  phasing          .        ? 4 
# 
_pdbx_validate_close_contact.id               1 
_pdbx_validate_close_contact.PDB_model_num    1 
_pdbx_validate_close_contact.auth_atom_id_1   O 
_pdbx_validate_close_contact.auth_asym_id_1   A 
_pdbx_validate_close_contact.auth_comp_id_1   HOH 
_pdbx_validate_close_contact.auth_seq_id_1    2087 
_pdbx_validate_close_contact.PDB_ins_code_1   ? 
_pdbx_validate_close_contact.label_alt_id_1   ? 
_pdbx_validate_close_contact.auth_atom_id_2   O 
_pdbx_validate_close_contact.auth_asym_id_2   A 
_pdbx_validate_close_contact.auth_comp_id_2   HOH 
_pdbx_validate_close_contact.auth_seq_id_2    2101 
_pdbx_validate_close_contact.PDB_ins_code_2   ? 
_pdbx_validate_close_contact.label_alt_id_2   ? 
_pdbx_validate_close_contact.dist             1.65 
# 
_pdbx_validate_symm_contact.id                1 
_pdbx_validate_symm_contact.PDB_model_num     1 
_pdbx_validate_symm_contact.auth_atom_id_1    O 
_pdbx_validate_symm_contact.auth_asym_id_1    A 
_pdbx_validate_symm_contact.auth_comp_id_1    HOH 
_pdbx_validate_symm_contact.auth_seq_id_1     2018 
_pdbx_validate_symm_contact.PDB_ins_code_1    ? 
_pdbx_validate_symm_contact.label_alt_id_1    ? 
_pdbx_validate_symm_contact.site_symmetry_1   1_555 
_pdbx_validate_symm_contact.auth_atom_id_2    O 
_pdbx_validate_symm_contact.auth_asym_id_2    A 
_pdbx_validate_symm_contact.auth_comp_id_2    HOH 
_pdbx_validate_symm_contact.auth_seq_id_2     2101 
_pdbx_validate_symm_contact.PDB_ins_code_2    ? 
_pdbx_validate_symm_contact.label_alt_id_2    ? 
_pdbx_validate_symm_contact.site_symmetry_2   1_655 
_pdbx_validate_symm_contact.dist              1.90 
# 
loop_
_pdbx_validate_torsion.id 
_pdbx_validate_torsion.PDB_model_num 
_pdbx_validate_torsion.auth_comp_id 
_pdbx_validate_torsion.auth_asym_id 
_pdbx_validate_torsion.auth_seq_id 
_pdbx_validate_torsion.PDB_ins_code 
_pdbx_validate_torsion.label_alt_id 
_pdbx_validate_torsion.phi 
_pdbx_validate_torsion.psi 
1 1 HIS A 48 ? ? -151.09 -158.75 
2 1 TYR A 65 ? ? -122.41 -163.80 
# 
loop_
_pdbx_unobs_or_zero_occ_atoms.id 
_pdbx_unobs_or_zero_occ_atoms.PDB_model_num 
_pdbx_unobs_or_zero_occ_atoms.polymer_flag 
_pdbx_unobs_or_zero_occ_atoms.occupancy_flag 
_pdbx_unobs_or_zero_occ_atoms.auth_asym_id 
_pdbx_unobs_or_zero_occ_atoms.auth_comp_id 
_pdbx_unobs_or_zero_occ_atoms.auth_seq_id 
_pdbx_unobs_or_zero_occ_atoms.PDB_ins_code 
_pdbx_unobs_or_zero_occ_atoms.auth_atom_id 
_pdbx_unobs_or_zero_occ_atoms.label_alt_id 
_pdbx_unobs_or_zero_occ_atoms.label_asym_id 
_pdbx_unobs_or_zero_occ_atoms.label_comp_id 
_pdbx_unobs_or_zero_occ_atoms.label_seq_id 
_pdbx_unobs_or_zero_occ_atoms.label_atom_id 
1 1 Y 1 A ASN 6 ? CG  ? A ASN 5 CG  
2 1 Y 1 A ASN 6 ? OD1 ? A ASN 5 OD1 
3 1 Y 1 A ASN 6 ? ND2 ? A ASN 5 ND2 
# 
loop_
_chem_comp_atom.comp_id 
_chem_comp_atom.atom_id 
_chem_comp_atom.type_symbol 
_chem_comp_atom.pdbx_aromatic_flag 
_chem_comp_atom.pdbx_stereo_config 
_chem_comp_atom.pdbx_ordinal 
ALA N    N  N N 1   
ALA CA   C  N S 2   
ALA C    C  N N 3   
ALA O    O  N N 4   
ALA CB   C  N N 5   
ALA OXT  O  N N 6   
ALA H    H  N N 7   
ALA H2   H  N N 8   
ALA HA   H  N N 9   
ALA HB1  H  N N 10  
ALA HB2  H  N N 11  
ALA HB3  H  N N 12  
ALA HXT  H  N N 13  
ARG N    N  N N 14  
ARG CA   C  N S 15  
ARG C    C  N N 16  
ARG O    O  N N 17  
ARG CB   C  N N 18  
ARG CG   C  N N 19  
ARG CD   C  N N 20  
ARG NE   N  N N 21  
ARG CZ   C  N N 22  
ARG NH1  N  N N 23  
ARG NH2  N  N N 24  
ARG OXT  O  N N 25  
ARG H    H  N N 26  
ARG H2   H  N N 27  
ARG HA   H  N N 28  
ARG HB2  H  N N 29  
ARG HB3  H  N N 30  
ARG HG2  H  N N 31  
ARG HG3  H  N N 32  
ARG HD2  H  N N 33  
ARG HD3  H  N N 34  
ARG HE   H  N N 35  
ARG HH11 H  N N 36  
ARG HH12 H  N N 37  
ARG HH21 H  N N 38  
ARG HH22 H  N N 39  
ARG HXT  H  N N 40  
ASN N    N  N N 41  
ASN CA   C  N S 42  
ASN C    C  N N 43  
ASN O    O  N N 44  
ASN CB   C  N N 45  
ASN CG   C  N N 46  
ASN OD1  O  N N 47  
ASN ND2  N  N N 48  
ASN OXT  O  N N 49  
ASN H    H  N N 50  
ASN H2   H  N N 51  
ASN HA   H  N N 52  
ASN HB2  H  N N 53  
ASN HB3  H  N N 54  
ASN HD21 H  N N 55  
ASN HD22 H  N N 56  
ASN HXT  H  N N 57  
ASP N    N  N N 58  
ASP CA   C  N S 59  
ASP C    C  N N 60  
ASP O    O  N N 61  
ASP CB   C  N N 62  
ASP CG   C  N N 63  
ASP OD1  O  N N 64  
ASP OD2  O  N N 65  
ASP OXT  O  N N 66  
ASP H    H  N N 67  
ASP H2   H  N N 68  
ASP HA   H  N N 69  
ASP HB2  H  N N 70  
ASP HB3  H  N N 71  
ASP HD2  H  N N 72  
ASP HXT  H  N N 73  
CYS N    N  N N 74  
CYS CA   C  N R 75  
CYS C    C  N N 76  
CYS O    O  N N 77  
CYS CB   C  N N 78  
CYS SG   S  N N 79  
CYS OXT  O  N N 80  
CYS H    H  N N 81  
CYS H2   H  N N 82  
CYS HA   H  N N 83  
CYS HB2  H  N N 84  
CYS HB3  H  N N 85  
CYS HG   H  N N 86  
CYS HXT  H  N N 87  
GLN N    N  N N 88  
GLN CA   C  N S 89  
GLN C    C  N N 90  
GLN O    O  N N 91  
GLN CB   C  N N 92  
GLN CG   C  N N 93  
GLN CD   C  N N 94  
GLN OE1  O  N N 95  
GLN NE2  N  N N 96  
GLN OXT  O  N N 97  
GLN H    H  N N 98  
GLN H2   H  N N 99  
GLN HA   H  N N 100 
GLN HB2  H  N N 101 
GLN HB3  H  N N 102 
GLN HG2  H  N N 103 
GLN HG3  H  N N 104 
GLN HE21 H  N N 105 
GLN HE22 H  N N 106 
GLN HXT  H  N N 107 
GLU N    N  N N 108 
GLU CA   C  N S 109 
GLU C    C  N N 110 
GLU O    O  N N 111 
GLU CB   C  N N 112 
GLU CG   C  N N 113 
GLU CD   C  N N 114 
GLU OE1  O  N N 115 
GLU OE2  O  N N 116 
GLU OXT  O  N N 117 
GLU H    H  N N 118 
GLU H2   H  N N 119 
GLU HA   H  N N 120 
GLU HB2  H  N N 121 
GLU HB3  H  N N 122 
GLU HG2  H  N N 123 
GLU HG3  H  N N 124 
GLU HE2  H  N N 125 
GLU HXT  H  N N 126 
GLY N    N  N N 127 
GLY CA   C  N N 128 
GLY C    C  N N 129 
GLY O    O  N N 130 
GLY OXT  O  N N 131 
GLY H    H  N N 132 
GLY H2   H  N N 133 
GLY HA2  H  N N 134 
GLY HA3  H  N N 135 
GLY HXT  H  N N 136 
HIS N    N  N N 137 
HIS CA   C  N S 138 
HIS C    C  N N 139 
HIS O    O  N N 140 
HIS CB   C  N N 141 
HIS CG   C  Y N 142 
HIS ND1  N  Y N 143 
HIS CD2  C  Y N 144 
HIS CE1  C  Y N 145 
HIS NE2  N  Y N 146 
HIS OXT  O  N N 147 
HIS H    H  N N 148 
HIS H2   H  N N 149 
HIS HA   H  N N 150 
HIS HB2  H  N N 151 
HIS HB3  H  N N 152 
HIS HD1  H  N N 153 
HIS HD2  H  N N 154 
HIS HE1  H  N N 155 
HIS HE2  H  N N 156 
HIS HXT  H  N N 157 
HOH O    O  N N 158 
HOH H1   H  N N 159 
HOH H2   H  N N 160 
ILE N    N  N N 161 
ILE CA   C  N S 162 
ILE C    C  N N 163 
ILE O    O  N N 164 
ILE CB   C  N S 165 
ILE CG1  C  N N 166 
ILE CG2  C  N N 167 
ILE CD1  C  N N 168 
ILE OXT  O  N N 169 
ILE H    H  N N 170 
ILE H2   H  N N 171 
ILE HA   H  N N 172 
ILE HB   H  N N 173 
ILE HG12 H  N N 174 
ILE HG13 H  N N 175 
ILE HG21 H  N N 176 
ILE HG22 H  N N 177 
ILE HG23 H  N N 178 
ILE HD11 H  N N 179 
ILE HD12 H  N N 180 
ILE HD13 H  N N 181 
ILE HXT  H  N N 182 
LEU N    N  N N 183 
LEU CA   C  N S 184 
LEU C    C  N N 185 
LEU O    O  N N 186 
LEU CB   C  N N 187 
LEU CG   C  N N 188 
LEU CD1  C  N N 189 
LEU CD2  C  N N 190 
LEU OXT  O  N N 191 
LEU H    H  N N 192 
LEU H2   H  N N 193 
LEU HA   H  N N 194 
LEU HB2  H  N N 195 
LEU HB3  H  N N 196 
LEU HG   H  N N 197 
LEU HD11 H  N N 198 
LEU HD12 H  N N 199 
LEU HD13 H  N N 200 
LEU HD21 H  N N 201 
LEU HD22 H  N N 202 
LEU HD23 H  N N 203 
LEU HXT  H  N N 204 
LYS N    N  N N 205 
LYS CA   C  N S 206 
LYS C    C  N N 207 
LYS O    O  N N 208 
LYS CB   C  N N 209 
LYS CG   C  N N 210 
LYS CD   C  N N 211 
LYS CE   C  N N 212 
LYS NZ   N  N N 213 
LYS OXT  O  N N 214 
LYS H    H  N N 215 
LYS H2   H  N N 216 
LYS HA   H  N N 217 
LYS HB2  H  N N 218 
LYS HB3  H  N N 219 
LYS HG2  H  N N 220 
LYS HG3  H  N N 221 
LYS HD2  H  N N 222 
LYS HD3  H  N N 223 
LYS HE2  H  N N 224 
LYS HE3  H  N N 225 
LYS HZ1  H  N N 226 
LYS HZ2  H  N N 227 
LYS HZ3  H  N N 228 
LYS HXT  H  N N 229 
MET N    N  N N 230 
MET CA   C  N S 231 
MET C    C  N N 232 
MET O    O  N N 233 
MET CB   C  N N 234 
MET CG   C  N N 235 
MET SD   S  N N 236 
MET CE   C  N N 237 
MET OXT  O  N N 238 
MET H    H  N N 239 
MET H2   H  N N 240 
MET HA   H  N N 241 
MET HB2  H  N N 242 
MET HB3  H  N N 243 
MET HG2  H  N N 244 
MET HG3  H  N N 245 
MET HE1  H  N N 246 
MET HE2  H  N N 247 
MET HE3  H  N N 248 
MET HXT  H  N N 249 
PHE N    N  N N 250 
PHE CA   C  N S 251 
PHE C    C  N N 252 
PHE O    O  N N 253 
PHE CB   C  N N 254 
PHE CG   C  Y N 255 
PHE CD1  C  Y N 256 
PHE CD2  C  Y N 257 
PHE CE1  C  Y N 258 
PHE CE2  C  Y N 259 
PHE CZ   C  Y N 260 
PHE OXT  O  N N 261 
PHE H    H  N N 262 
PHE H2   H  N N 263 
PHE HA   H  N N 264 
PHE HB2  H  N N 265 
PHE HB3  H  N N 266 
PHE HD1  H  N N 267 
PHE HD2  H  N N 268 
PHE HE1  H  N N 269 
PHE HE2  H  N N 270 
PHE HZ   H  N N 271 
PHE HXT  H  N N 272 
PRO N    N  N N 273 
PRO CA   C  N S 274 
PRO C    C  N N 275 
PRO O    O  N N 276 
PRO CB   C  N N 277 
PRO CG   C  N N 278 
PRO CD   C  N N 279 
PRO OXT  O  N N 280 
PRO H    H  N N 281 
PRO HA   H  N N 282 
PRO HB2  H  N N 283 
PRO HB3  H  N N 284 
PRO HG2  H  N N 285 
PRO HG3  H  N N 286 
PRO HD2  H  N N 287 
PRO HD3  H  N N 288 
PRO HXT  H  N N 289 
SER N    N  N N 290 
SER CA   C  N S 291 
SER C    C  N N 292 
SER O    O  N N 293 
SER CB   C  N N 294 
SER OG   O  N N 295 
SER OXT  O  N N 296 
SER H    H  N N 297 
SER H2   H  N N 298 
SER HA   H  N N 299 
SER HB2  H  N N 300 
SER HB3  H  N N 301 
SER HG   H  N N 302 
SER HXT  H  N N 303 
THR N    N  N N 304 
THR CA   C  N S 305 
THR C    C  N N 306 
THR O    O  N N 307 
THR CB   C  N R 308 
THR OG1  O  N N 309 
THR CG2  C  N N 310 
THR OXT  O  N N 311 
THR H    H  N N 312 
THR H2   H  N N 313 
THR HA   H  N N 314 
THR HB   H  N N 315 
THR HG1  H  N N 316 
THR HG21 H  N N 317 
THR HG22 H  N N 318 
THR HG23 H  N N 319 
THR HXT  H  N N 320 
TYR N    N  N N 321 
TYR CA   C  N S 322 
TYR C    C  N N 323 
TYR O    O  N N 324 
TYR CB   C  N N 325 
TYR CG   C  Y N 326 
TYR CD1  C  Y N 327 
TYR CD2  C  Y N 328 
TYR CE1  C  Y N 329 
TYR CE2  C  Y N 330 
TYR CZ   C  Y N 331 
TYR OH   O  N N 332 
TYR OXT  O  N N 333 
TYR H    H  N N 334 
TYR H2   H  N N 335 
TYR HA   H  N N 336 
TYR HB2  H  N N 337 
TYR HB3  H  N N 338 
TYR HD1  H  N N 339 
TYR HD2  H  N N 340 
TYR HE1  H  N N 341 
TYR HE2  H  N N 342 
TYR HH   H  N N 343 
TYR HXT  H  N N 344 
VAL N    N  N N 345 
VAL CA   C  N S 346 
VAL C    C  N N 347 
VAL O    O  N N 348 
VAL CB   C  N N 349 
VAL CG1  C  N N 350 
VAL CG2  C  N N 351 
VAL OXT  O  N N 352 
VAL H    H  N N 353 
VAL H2   H  N N 354 
VAL HA   H  N N 355 
VAL HB   H  N N 356 
VAL HG11 H  N N 357 
VAL HG12 H  N N 358 
VAL HG13 H  N N 359 
VAL HG21 H  N N 360 
VAL HG22 H  N N 361 
VAL HG23 H  N N 362 
VAL HXT  H  N N 363 
ZN  ZN   ZN N N 364 
# 
loop_
_chem_comp_bond.comp_id 
_chem_comp_bond.atom_id_1 
_chem_comp_bond.atom_id_2 
_chem_comp_bond.value_order 
_chem_comp_bond.pdbx_aromatic_flag 
_chem_comp_bond.pdbx_stereo_config 
_chem_comp_bond.pdbx_ordinal 
ALA N   CA   sing N N 1   
ALA N   H    sing N N 2   
ALA N   H2   sing N N 3   
ALA CA  C    sing N N 4   
ALA CA  CB   sing N N 5   
ALA CA  HA   sing N N 6   
ALA C   O    doub N N 7   
ALA C   OXT  sing N N 8   
ALA CB  HB1  sing N N 9   
ALA CB  HB2  sing N N 10  
ALA CB  HB3  sing N N 11  
ALA OXT HXT  sing N N 12  
ARG N   CA   sing N N 13  
ARG N   H    sing N N 14  
ARG N   H2   sing N N 15  
ARG CA  C    sing N N 16  
ARG CA  CB   sing N N 17  
ARG CA  HA   sing N N 18  
ARG C   O    doub N N 19  
ARG C   OXT  sing N N 20  
ARG CB  CG   sing N N 21  
ARG CB  HB2  sing N N 22  
ARG CB  HB3  sing N N 23  
ARG CG  CD   sing N N 24  
ARG CG  HG2  sing N N 25  
ARG CG  HG3  sing N N 26  
ARG CD  NE   sing N N 27  
ARG CD  HD2  sing N N 28  
ARG CD  HD3  sing N N 29  
ARG NE  CZ   sing N N 30  
ARG NE  HE   sing N N 31  
ARG CZ  NH1  sing N N 32  
ARG CZ  NH2  doub N N 33  
ARG NH1 HH11 sing N N 34  
ARG NH1 HH12 sing N N 35  
ARG NH2 HH21 sing N N 36  
ARG NH2 HH22 sing N N 37  
ARG OXT HXT  sing N N 38  
ASN N   CA   sing N N 39  
ASN N   H    sing N N 40  
ASN N   H2   sing N N 41  
ASN CA  C    sing N N 42  
ASN CA  CB   sing N N 43  
ASN CA  HA   sing N N 44  
ASN C   O    doub N N 45  
ASN C   OXT  sing N N 46  
ASN CB  CG   sing N N 47  
ASN CB  HB2  sing N N 48  
ASN CB  HB3  sing N N 49  
ASN CG  OD1  doub N N 50  
ASN CG  ND2  sing N N 51  
ASN ND2 HD21 sing N N 52  
ASN ND2 HD22 sing N N 53  
ASN OXT HXT  sing N N 54  
ASP N   CA   sing N N 55  
ASP N   H    sing N N 56  
ASP N   H2   sing N N 57  
ASP CA  C    sing N N 58  
ASP CA  CB   sing N N 59  
ASP CA  HA   sing N N 60  
ASP C   O    doub N N 61  
ASP C   OXT  sing N N 62  
ASP CB  CG   sing N N 63  
ASP CB  HB2  sing N N 64  
ASP CB  HB3  sing N N 65  
ASP CG  OD1  doub N N 66  
ASP CG  OD2  sing N N 67  
ASP OD2 HD2  sing N N 68  
ASP OXT HXT  sing N N 69  
CYS N   CA   sing N N 70  
CYS N   H    sing N N 71  
CYS N   H2   sing N N 72  
CYS CA  C    sing N N 73  
CYS CA  CB   sing N N 74  
CYS CA  HA   sing N N 75  
CYS C   O    doub N N 76  
CYS C   OXT  sing N N 77  
CYS CB  SG   sing N N 78  
CYS CB  HB2  sing N N 79  
CYS CB  HB3  sing N N 80  
CYS SG  HG   sing N N 81  
CYS OXT HXT  sing N N 82  
GLN N   CA   sing N N 83  
GLN N   H    sing N N 84  
GLN N   H2   sing N N 85  
GLN CA  C    sing N N 86  
GLN CA  CB   sing N N 87  
GLN CA  HA   sing N N 88  
GLN C   O    doub N N 89  
GLN C   OXT  sing N N 90  
GLN CB  CG   sing N N 91  
GLN CB  HB2  sing N N 92  
GLN CB  HB3  sing N N 93  
GLN CG  CD   sing N N 94  
GLN CG  HG2  sing N N 95  
GLN CG  HG3  sing N N 96  
GLN CD  OE1  doub N N 97  
GLN CD  NE2  sing N N 98  
GLN NE2 HE21 sing N N 99  
GLN NE2 HE22 sing N N 100 
GLN OXT HXT  sing N N 101 
GLU N   CA   sing N N 102 
GLU N   H    sing N N 103 
GLU N   H2   sing N N 104 
GLU CA  C    sing N N 105 
GLU CA  CB   sing N N 106 
GLU CA  HA   sing N N 107 
GLU C   O    doub N N 108 
GLU C   OXT  sing N N 109 
GLU CB  CG   sing N N 110 
GLU CB  HB2  sing N N 111 
GLU CB  HB3  sing N N 112 
GLU CG  CD   sing N N 113 
GLU CG  HG2  sing N N 114 
GLU CG  HG3  sing N N 115 
GLU CD  OE1  doub N N 116 
GLU CD  OE2  sing N N 117 
GLU OE2 HE2  sing N N 118 
GLU OXT HXT  sing N N 119 
GLY N   CA   sing N N 120 
GLY N   H    sing N N 121 
GLY N   H2   sing N N 122 
GLY CA  C    sing N N 123 
GLY CA  HA2  sing N N 124 
GLY CA  HA3  sing N N 125 
GLY C   O    doub N N 126 
GLY C   OXT  sing N N 127 
GLY OXT HXT  sing N N 128 
HIS N   CA   sing N N 129 
HIS N   H    sing N N 130 
HIS N   H2   sing N N 131 
HIS CA  C    sing N N 132 
HIS CA  CB   sing N N 133 
HIS CA  HA   sing N N 134 
HIS C   O    doub N N 135 
HIS C   OXT  sing N N 136 
HIS CB  CG   sing N N 137 
HIS CB  HB2  sing N N 138 
HIS CB  HB3  sing N N 139 
HIS CG  ND1  sing Y N 140 
HIS CG  CD2  doub Y N 141 
HIS ND1 CE1  doub Y N 142 
HIS ND1 HD1  sing N N 143 
HIS CD2 NE2  sing Y N 144 
HIS CD2 HD2  sing N N 145 
HIS CE1 NE2  sing Y N 146 
HIS CE1 HE1  sing N N 147 
HIS NE2 HE2  sing N N 148 
HIS OXT HXT  sing N N 149 
HOH O   H1   sing N N 150 
HOH O   H2   sing N N 151 
ILE N   CA   sing N N 152 
ILE N   H    sing N N 153 
ILE N   H2   sing N N 154 
ILE CA  C    sing N N 155 
ILE CA  CB   sing N N 156 
ILE CA  HA   sing N N 157 
ILE C   O    doub N N 158 
ILE C   OXT  sing N N 159 
ILE CB  CG1  sing N N 160 
ILE CB  CG2  sing N N 161 
ILE CB  HB   sing N N 162 
ILE CG1 CD1  sing N N 163 
ILE CG1 HG12 sing N N 164 
ILE CG1 HG13 sing N N 165 
ILE CG2 HG21 sing N N 166 
ILE CG2 HG22 sing N N 167 
ILE CG2 HG23 sing N N 168 
ILE CD1 HD11 sing N N 169 
ILE CD1 HD12 sing N N 170 
ILE CD1 HD13 sing N N 171 
ILE OXT HXT  sing N N 172 
LEU N   CA   sing N N 173 
LEU N   H    sing N N 174 
LEU N   H2   sing N N 175 
LEU CA  C    sing N N 176 
LEU CA  CB   sing N N 177 
LEU CA  HA   sing N N 178 
LEU C   O    doub N N 179 
LEU C   OXT  sing N N 180 
LEU CB  CG   sing N N 181 
LEU CB  HB2  sing N N 182 
LEU CB  HB3  sing N N 183 
LEU CG  CD1  sing N N 184 
LEU CG  CD2  sing N N 185 
LEU CG  HG   sing N N 186 
LEU CD1 HD11 sing N N 187 
LEU CD1 HD12 sing N N 188 
LEU CD1 HD13 sing N N 189 
LEU CD2 HD21 sing N N 190 
LEU CD2 HD22 sing N N 191 
LEU CD2 HD23 sing N N 192 
LEU OXT HXT  sing N N 193 
LYS N   CA   sing N N 194 
LYS N   H    sing N N 195 
LYS N   H2   sing N N 196 
LYS CA  C    sing N N 197 
LYS CA  CB   sing N N 198 
LYS CA  HA   sing N N 199 
LYS C   O    doub N N 200 
LYS C   OXT  sing N N 201 
LYS CB  CG   sing N N 202 
LYS CB  HB2  sing N N 203 
LYS CB  HB3  sing N N 204 
LYS CG  CD   sing N N 205 
LYS CG  HG2  sing N N 206 
LYS CG  HG3  sing N N 207 
LYS CD  CE   sing N N 208 
LYS CD  HD2  sing N N 209 
LYS CD  HD3  sing N N 210 
LYS CE  NZ   sing N N 211 
LYS CE  HE2  sing N N 212 
LYS CE  HE3  sing N N 213 
LYS NZ  HZ1  sing N N 214 
LYS NZ  HZ2  sing N N 215 
LYS NZ  HZ3  sing N N 216 
LYS OXT HXT  sing N N 217 
MET N   CA   sing N N 218 
MET N   H    sing N N 219 
MET N   H2   sing N N 220 
MET CA  C    sing N N 221 
MET CA  CB   sing N N 222 
MET CA  HA   sing N N 223 
MET C   O    doub N N 224 
MET C   OXT  sing N N 225 
MET CB  CG   sing N N 226 
MET CB  HB2  sing N N 227 
MET CB  HB3  sing N N 228 
MET CG  SD   sing N N 229 
MET CG  HG2  sing N N 230 
MET CG  HG3  sing N N 231 
MET SD  CE   sing N N 232 
MET CE  HE1  sing N N 233 
MET CE  HE2  sing N N 234 
MET CE  HE3  sing N N 235 
MET OXT HXT  sing N N 236 
PHE N   CA   sing N N 237 
PHE N   H    sing N N 238 
PHE N   H2   sing N N 239 
PHE CA  C    sing N N 240 
PHE CA  CB   sing N N 241 
PHE CA  HA   sing N N 242 
PHE C   O    doub N N 243 
PHE C   OXT  sing N N 244 
PHE CB  CG   sing N N 245 
PHE CB  HB2  sing N N 246 
PHE CB  HB3  sing N N 247 
PHE CG  CD1  doub Y N 248 
PHE CG  CD2  sing Y N 249 
PHE CD1 CE1  sing Y N 250 
PHE CD1 HD1  sing N N 251 
PHE CD2 CE2  doub Y N 252 
PHE CD2 HD2  sing N N 253 
PHE CE1 CZ   doub Y N 254 
PHE CE1 HE1  sing N N 255 
PHE CE2 CZ   sing Y N 256 
PHE CE2 HE2  sing N N 257 
PHE CZ  HZ   sing N N 258 
PHE OXT HXT  sing N N 259 
PRO N   CA   sing N N 260 
PRO N   CD   sing N N 261 
PRO N   H    sing N N 262 
PRO CA  C    sing N N 263 
PRO CA  CB   sing N N 264 
PRO CA  HA   sing N N 265 
PRO C   O    doub N N 266 
PRO C   OXT  sing N N 267 
PRO CB  CG   sing N N 268 
PRO CB  HB2  sing N N 269 
PRO CB  HB3  sing N N 270 
PRO CG  CD   sing N N 271 
PRO CG  HG2  sing N N 272 
PRO CG  HG3  sing N N 273 
PRO CD  HD2  sing N N 274 
PRO CD  HD3  sing N N 275 
PRO OXT HXT  sing N N 276 
SER N   CA   sing N N 277 
SER N   H    sing N N 278 
SER N   H2   sing N N 279 
SER CA  C    sing N N 280 
SER CA  CB   sing N N 281 
SER CA  HA   sing N N 282 
SER C   O    doub N N 283 
SER C   OXT  sing N N 284 
SER CB  OG   sing N N 285 
SER CB  HB2  sing N N 286 
SER CB  HB3  sing N N 287 
SER OG  HG   sing N N 288 
SER OXT HXT  sing N N 289 
THR N   CA   sing N N 290 
THR N   H    sing N N 291 
THR N   H2   sing N N 292 
THR CA  C    sing N N 293 
THR CA  CB   sing N N 294 
THR CA  HA   sing N N 295 
THR C   O    doub N N 296 
THR C   OXT  sing N N 297 
THR CB  OG1  sing N N 298 
THR CB  CG2  sing N N 299 
THR CB  HB   sing N N 300 
THR OG1 HG1  sing N N 301 
THR CG2 HG21 sing N N 302 
THR CG2 HG22 sing N N 303 
THR CG2 HG23 sing N N 304 
THR OXT HXT  sing N N 305 
TYR N   CA   sing N N 306 
TYR N   H    sing N N 307 
TYR N   H2   sing N N 308 
TYR CA  C    sing N N 309 
TYR CA  CB   sing N N 310 
TYR CA  HA   sing N N 311 
TYR C   O    doub N N 312 
TYR C   OXT  sing N N 313 
TYR CB  CG   sing N N 314 
TYR CB  HB2  sing N N 315 
TYR CB  HB3  sing N N 316 
TYR CG  CD1  doub Y N 317 
TYR CG  CD2  sing Y N 318 
TYR CD1 CE1  sing Y N 319 
TYR CD1 HD1  sing N N 320 
TYR CD2 CE2  doub Y N 321 
TYR CD2 HD2  sing N N 322 
TYR CE1 CZ   doub Y N 323 
TYR CE1 HE1  sing N N 324 
TYR CE2 CZ   sing Y N 325 
TYR CE2 HE2  sing N N 326 
TYR CZ  OH   sing N N 327 
TYR OH  HH   sing N N 328 
TYR OXT HXT  sing N N 329 
VAL N   CA   sing N N 330 
VAL N   H    sing N N 331 
VAL N   H2   sing N N 332 
VAL CA  C    sing N N 333 
VAL CA  CB   sing N N 334 
VAL CA  HA   sing N N 335 
VAL C   O    doub N N 336 
VAL C   OXT  sing N N 337 
VAL CB  CG1  sing N N 338 
VAL CB  CG2  sing N N 339 
VAL CB  HB   sing N N 340 
VAL CG1 HG11 sing N N 341 
VAL CG1 HG12 sing N N 342 
VAL CG1 HG13 sing N N 343 
VAL CG2 HG21 sing N N 344 
VAL CG2 HG22 sing N N 345 
VAL CG2 HG23 sing N N 346 
VAL OXT HXT  sing N N 347 
# 
loop_
_pdbx_entity_nonpoly.entity_id 
_pdbx_entity_nonpoly.name 
_pdbx_entity_nonpoly.comp_id 
2 'ZINC ION' ZN  
3 water      HOH 
# 
_pdbx_initial_refinement_model.id               1 
_pdbx_initial_refinement_model.entity_id_list   ? 
_pdbx_initial_refinement_model.type             'experimental model' 
_pdbx_initial_refinement_model.source_name      PDB 
_pdbx_initial_refinement_model.accession_code   2XMW 
_pdbx_initial_refinement_model.details          'PDB ENTRY 2XMW' 
# 
